data_1WJU
#
_entry.id   1WJU
#
_entity_poly.entity_id   1
_entity_poly.type   'polypeptide(L)'
_entity_poly.pdbx_seq_one_letter_code
;GSSGSSGDNYRTTGIATIEVFLPPRLKKDRKNLLETRLHITGRELRSKIAETFGLQENYIKIVINKKQLQLGKTLEEQGV
AHNVKAMVLELKQSSGPSSG
;
_entity_poly.pdbx_strand_id   A
#
# COMPACT_ATOMS: atom_id res chain seq x y z
N GLY A 1 -5.14 -2.73 -22.58
CA GLY A 1 -5.57 -3.70 -23.57
C GLY A 1 -6.57 -4.70 -22.97
N SER A 2 -7.84 -4.36 -23.14
CA SER A 2 -8.90 -5.21 -22.63
C SER A 2 -8.83 -5.29 -21.10
N SER A 3 -9.99 -5.27 -20.48
CA SER A 3 -10.07 -5.34 -19.03
C SER A 3 -11.33 -6.10 -18.59
N GLY A 4 -11.20 -6.84 -17.52
CA GLY A 4 -12.31 -7.61 -16.99
C GLY A 4 -11.92 -9.08 -16.77
N SER A 5 -11.79 -9.44 -15.51
CA SER A 5 -11.42 -10.80 -15.15
C SER A 5 -11.96 -11.13 -13.76
N SER A 6 -12.25 -12.41 -13.56
CA SER A 6 -12.77 -12.87 -12.29
C SER A 6 -14.16 -12.29 -12.04
N GLY A 7 -14.87 -12.91 -11.10
CA GLY A 7 -16.21 -12.45 -10.76
C GLY A 7 -16.61 -12.93 -9.36
N ASP A 8 -17.79 -12.50 -8.94
CA ASP A 8 -18.30 -12.88 -7.64
C ASP A 8 -19.77 -12.49 -7.54
N ASN A 9 -20.44 -13.06 -6.54
CA ASN A 9 -21.85 -12.79 -6.33
C ASN A 9 -22.16 -12.85 -4.83
N TYR A 10 -21.73 -13.94 -4.22
CA TYR A 10 -21.96 -14.14 -2.79
C TYR A 10 -20.81 -14.92 -2.16
N ARG A 11 -20.04 -14.21 -1.33
CA ARG A 11 -18.91 -14.83 -0.66
C ARG A 11 -18.19 -13.79 0.21
N THR A 12 -17.83 -14.22 1.41
CA THR A 12 -17.14 -13.35 2.35
C THR A 12 -16.04 -12.57 1.62
N THR A 13 -15.94 -11.30 1.97
CA THR A 13 -14.94 -10.42 1.37
C THR A 13 -13.68 -10.39 2.24
N GLY A 14 -12.58 -10.81 1.64
CA GLY A 14 -11.30 -10.84 2.35
C GLY A 14 -10.66 -9.45 2.33
N ILE A 15 -11.44 -8.45 2.73
CA ILE A 15 -10.95 -7.08 2.76
C ILE A 15 -10.29 -6.81 4.12
N ALA A 16 -9.47 -5.78 4.15
CA ALA A 16 -8.78 -5.41 5.37
C ALA A 16 -8.46 -3.91 5.34
N THR A 17 -8.87 -3.23 6.40
CA THR A 17 -8.63 -1.80 6.50
C THR A 17 -7.18 -1.53 6.89
N ILE A 18 -6.56 -0.61 6.15
CA ILE A 18 -5.18 -0.25 6.41
C ILE A 18 -5.10 1.24 6.72
N GLU A 19 -4.28 1.57 7.70
CA GLU A 19 -4.10 2.95 8.11
C GLU A 19 -2.84 3.54 7.47
N VAL A 20 -3.05 4.45 6.54
CA VAL A 20 -1.94 5.09 5.85
C VAL A 20 -1.65 6.44 6.51
N PHE A 21 -0.38 6.61 6.88
CA PHE A 21 0.04 7.85 7.52
C PHE A 21 0.97 8.65 6.59
N LEU A 22 0.37 9.59 5.89
CA LEU A 22 1.12 10.44 4.98
C LEU A 22 1.99 11.40 5.78
N PRO A 23 3.09 11.85 5.12
CA PRO A 23 4.02 12.77 5.76
C PRO A 23 3.43 14.19 5.82
N PRO A 24 4.06 15.02 6.69
CA PRO A 24 3.60 16.40 6.85
C PRO A 24 4.02 17.26 5.66
N ARG A 25 3.61 16.82 4.48
CA ARG A 25 3.95 17.53 3.26
C ARG A 25 2.71 17.66 2.37
N LEU A 26 2.01 16.55 2.21
CA LEU A 26 0.82 16.52 1.39
C LEU A 26 -0.38 16.99 2.23
N LYS A 27 -0.63 16.26 3.30
CA LYS A 27 -1.74 16.58 4.19
C LYS A 27 -3.02 16.71 3.37
N LYS A 28 -3.83 15.65 3.42
CA LYS A 28 -5.07 15.62 2.69
C LYS A 28 -6.24 15.67 3.68
N ASP A 29 -6.17 14.79 4.67
CA ASP A 29 -7.20 14.73 5.68
C ASP A 29 -6.71 13.84 6.85
N ARG A 30 -7.62 13.61 7.79
CA ARG A 30 -7.30 12.79 8.94
C ARG A 30 -6.73 11.44 8.50
N LYS A 31 -6.54 10.57 9.48
CA LYS A 31 -6.01 9.24 9.20
C LYS A 31 -6.74 8.65 7.99
N ASN A 32 -5.95 8.37 6.96
CA ASN A 32 -6.49 7.80 5.74
C ASN A 32 -6.53 6.27 5.86
N LEU A 33 -7.69 5.72 5.55
CA LEU A 33 -7.87 4.28 5.62
C LEU A 33 -7.90 3.71 4.20
N LEU A 34 -7.20 2.59 4.02
CA LEU A 34 -7.14 1.94 2.73
C LEU A 34 -7.69 0.52 2.86
N GLU A 35 -8.74 0.25 2.10
CA GLU A 35 -9.36 -1.06 2.11
C GLU A 35 -8.80 -1.93 0.98
N THR A 36 -8.14 -3.01 1.36
CA THR A 36 -7.56 -3.92 0.39
C THR A 36 -7.56 -5.35 0.94
N ARG A 37 -7.34 -6.29 0.03
CA ARG A 37 -7.31 -7.69 0.40
C ARG A 37 -5.97 -8.04 1.06
N LEU A 38 -5.81 -9.31 1.38
CA LEU A 38 -4.59 -9.79 2.01
C LEU A 38 -3.83 -10.67 1.03
N HIS A 39 -4.56 -11.20 0.07
CA HIS A 39 -3.98 -12.07 -0.94
C HIS A 39 -3.02 -11.27 -1.82
N ILE A 40 -3.33 -9.99 -1.97
CA ILE A 40 -2.52 -9.10 -2.77
C ILE A 40 -1.08 -9.10 -2.23
N THR A 41 -0.13 -9.04 -3.15
CA THR A 41 1.27 -9.03 -2.78
C THR A 41 1.67 -7.67 -2.21
N GLY A 42 2.52 -7.70 -1.20
CA GLY A 42 2.98 -6.49 -0.57
C GLY A 42 3.34 -5.42 -1.61
N ARG A 43 3.78 -5.89 -2.77
CA ARG A 43 4.16 -5.01 -3.84
C ARG A 43 2.94 -4.23 -4.34
N GLU A 44 1.82 -4.93 -4.42
CA GLU A 44 0.57 -4.33 -4.87
C GLU A 44 0.21 -3.14 -3.98
N LEU A 45 0.50 -3.29 -2.70
CA LEU A 45 0.22 -2.24 -1.74
C LEU A 45 1.02 -0.99 -2.10
N ARG A 46 2.33 -1.13 -2.01
CA ARG A 46 3.22 -0.02 -2.33
C ARG A 46 2.75 0.70 -3.59
N SER A 47 2.13 -0.06 -4.47
CA SER A 47 1.62 0.50 -5.71
C SER A 47 0.22 1.07 -5.50
N LYS A 48 -0.57 0.35 -4.70
CA LYS A 48 -1.93 0.77 -4.41
C LYS A 48 -1.90 2.19 -3.81
N ILE A 49 -1.38 2.28 -2.60
CA ILE A 49 -1.28 3.55 -1.92
C ILE A 49 -0.93 4.65 -2.93
N ALA A 50 0.14 4.39 -3.67
CA ALA A 50 0.60 5.34 -4.68
C ALA A 50 -0.59 5.77 -5.55
N GLU A 51 -1.06 4.83 -6.36
CA GLU A 51 -2.18 5.09 -7.24
C GLU A 51 -3.35 5.69 -6.46
N THR A 52 -3.59 5.10 -5.29
CA THR A 52 -4.67 5.57 -4.43
C THR A 52 -4.60 7.08 -4.25
N PHE A 53 -3.50 7.51 -3.63
CA PHE A 53 -3.30 8.93 -3.38
C PHE A 53 -2.54 9.59 -4.54
N GLY A 54 -2.57 8.91 -5.68
CA GLY A 54 -1.89 9.41 -6.86
C GLY A 54 -0.42 9.71 -6.57
N LEU A 55 0.06 9.13 -5.48
CA LEU A 55 1.44 9.32 -5.07
C LEU A 55 2.35 8.43 -5.91
N GLN A 56 3.62 8.41 -5.54
CA GLN A 56 4.60 7.58 -6.24
C GLN A 56 4.78 6.25 -5.53
N GLU A 57 4.96 5.21 -6.33
CA GLU A 57 5.15 3.87 -5.79
C GLU A 57 6.63 3.47 -5.84
N ASN A 58 7.32 4.04 -6.81
CA ASN A 58 8.73 3.76 -6.99
C ASN A 58 9.55 4.78 -6.19
N TYR A 59 8.85 5.56 -5.39
CA TYR A 59 9.49 6.58 -4.58
C TYR A 59 8.90 6.62 -3.18
N ILE A 60 8.47 5.45 -2.71
CA ILE A 60 7.88 5.33 -1.39
C ILE A 60 8.11 3.93 -0.85
N LYS A 61 7.98 3.79 0.46
CA LYS A 61 8.17 2.51 1.11
C LYS A 61 7.28 2.43 2.36
N ILE A 62 6.50 1.37 2.43
CA ILE A 62 5.60 1.17 3.56
C ILE A 62 6.41 0.63 4.74
N VAL A 63 5.90 0.93 5.93
CA VAL A 63 6.56 0.49 7.15
C VAL A 63 5.51 -0.03 8.14
N ILE A 64 5.81 -1.19 8.70
CA ILE A 64 4.89 -1.81 9.65
C ILE A 64 5.71 -2.53 10.73
N ASN A 65 5.37 -2.24 11.98
CA ASN A 65 6.06 -2.86 13.10
C ASN A 65 7.54 -2.50 13.05
N LYS A 66 7.80 -1.20 12.99
CA LYS A 66 9.17 -0.71 12.93
C LYS A 66 9.97 -1.58 11.95
N LYS A 67 9.26 -2.12 10.98
CA LYS A 67 9.89 -2.97 9.98
C LYS A 67 9.53 -2.47 8.58
N GLN A 68 10.05 -3.15 7.58
CA GLN A 68 9.79 -2.77 6.20
C GLN A 68 8.77 -3.72 5.58
N LEU A 69 7.92 -3.16 4.74
CA LEU A 69 6.90 -3.95 4.07
C LEU A 69 7.56 -4.98 3.15
N GLN A 70 7.21 -6.23 3.37
CA GLN A 70 7.76 -7.32 2.57
C GLN A 70 6.97 -7.47 1.28
N LEU A 71 7.38 -6.72 0.27
CA LEU A 71 6.71 -6.78 -1.02
C LEU A 71 6.82 -8.20 -1.60
N GLY A 72 7.86 -8.89 -1.15
CA GLY A 72 8.09 -10.25 -1.60
C GLY A 72 7.16 -11.24 -0.89
N LYS A 73 6.45 -10.73 0.10
CA LYS A 73 5.53 -11.54 0.86
C LYS A 73 4.14 -10.90 0.85
N THR A 74 3.12 -11.74 0.80
CA THR A 74 1.75 -11.27 0.78
C THR A 74 1.40 -10.61 2.11
N LEU A 75 0.46 -9.68 2.04
CA LEU A 75 0.02 -8.96 3.23
C LEU A 75 -0.16 -9.96 4.38
N GLU A 76 -0.68 -11.13 4.03
CA GLU A 76 -0.90 -12.17 5.02
C GLU A 76 0.42 -12.81 5.42
N GLU A 77 1.27 -13.02 4.43
CA GLU A 77 2.56 -13.64 4.66
C GLU A 77 3.36 -12.81 5.67
N GLN A 78 3.52 -11.53 5.35
CA GLN A 78 4.26 -10.63 6.22
C GLN A 78 3.61 -10.58 7.60
N GLY A 79 2.29 -10.51 7.61
CA GLY A 79 1.55 -10.47 8.85
C GLY A 79 0.68 -9.20 8.92
N VAL A 80 -0.15 -9.04 7.91
CA VAL A 80 -1.03 -7.88 7.84
C VAL A 80 -2.48 -8.33 8.05
N ALA A 81 -3.06 -7.88 9.15
CA ALA A 81 -4.42 -8.23 9.47
C ALA A 81 -5.33 -7.01 9.25
N HIS A 82 -6.54 -7.11 9.78
CA HIS A 82 -7.50 -6.03 9.66
C HIS A 82 -7.23 -4.97 10.73
N ASN A 83 -7.58 -3.73 10.40
CA ASN A 83 -7.37 -2.63 11.33
C ASN A 83 -5.89 -2.53 11.68
N VAL A 84 -5.07 -2.39 10.64
CA VAL A 84 -3.63 -2.28 10.84
C VAL A 84 -3.18 -0.85 10.51
N LYS A 85 -1.93 -0.57 10.84
CA LYS A 85 -1.37 0.74 10.58
C LYS A 85 -0.16 0.60 9.66
N ALA A 86 0.06 1.64 8.86
CA ALA A 86 1.18 1.64 7.93
C ALA A 86 1.70 3.07 7.77
N MET A 87 3.00 3.18 7.59
CA MET A 87 3.64 4.48 7.43
C MET A 87 4.17 4.65 6.01
N VAL A 88 4.12 5.89 5.53
CA VAL A 88 4.58 6.21 4.20
C VAL A 88 5.92 6.96 4.29
N LEU A 89 6.94 6.35 3.73
CA LEU A 89 8.27 6.94 3.75
C LEU A 89 8.69 7.27 2.31
N GLU A 90 9.60 8.22 2.20
CA GLU A 90 10.10 8.63 0.90
C GLU A 90 11.57 8.21 0.72
N LEU A 91 11.80 7.45 -0.34
CA LEU A 91 13.14 6.98 -0.63
C LEU A 91 14.12 8.16 -0.65
N LYS A 92 15.39 7.84 -0.62
CA LYS A 92 16.42 8.86 -0.63
C LYS A 92 16.90 9.09 -2.07
N GLN A 93 17.70 10.14 -2.24
CA GLN A 93 18.22 10.47 -3.55
C GLN A 93 18.80 9.23 -4.22
N SER A 94 18.22 8.89 -5.36
CA SER A 94 18.66 7.73 -6.12
C SER A 94 19.43 8.16 -7.36
N SER A 95 20.75 8.06 -7.27
CA SER A 95 21.61 8.44 -8.37
C SER A 95 21.82 7.26 -9.32
N GLY A 96 22.38 6.20 -8.77
CA GLY A 96 22.64 5.00 -9.56
C GLY A 96 23.49 5.31 -10.78
N PRO A 97 23.21 4.57 -11.89
CA PRO A 97 23.95 4.75 -13.13
C PRO A 97 23.49 6.04 -13.83
N SER A 98 24.48 6.80 -14.30
CA SER A 98 24.20 8.04 -14.99
C SER A 98 23.22 7.79 -16.14
N SER A 99 22.40 8.79 -16.40
CA SER A 99 21.42 8.70 -17.46
C SER A 99 21.97 9.33 -18.74
N GLY A 100 21.91 8.56 -19.82
CA GLY A 100 22.40 9.02 -21.10
C GLY A 100 21.35 8.78 -22.20
N GLY A 1 -8.68 -21.06 -24.92
CA GLY A 1 -10.00 -21.30 -25.47
C GLY A 1 -11.08 -20.63 -24.61
N SER A 2 -11.97 -19.92 -25.28
CA SER A 2 -13.05 -19.22 -24.60
C SER A 2 -12.49 -18.10 -23.73
N SER A 3 -13.22 -17.00 -23.70
CA SER A 3 -12.79 -15.85 -22.91
C SER A 3 -14.00 -14.96 -22.61
N GLY A 4 -14.60 -15.19 -21.44
CA GLY A 4 -15.75 -14.42 -21.02
C GLY A 4 -16.34 -14.96 -19.72
N SER A 5 -15.61 -14.72 -18.64
CA SER A 5 -16.05 -15.18 -17.32
C SER A 5 -16.56 -14.00 -16.50
N SER A 6 -17.83 -14.09 -16.13
CA SER A 6 -18.45 -13.03 -15.34
C SER A 6 -18.36 -13.39 -13.85
N GLY A 7 -18.94 -14.53 -13.51
CA GLY A 7 -18.93 -14.99 -12.14
C GLY A 7 -19.78 -14.06 -11.25
N ASP A 8 -20.48 -14.68 -10.30
CA ASP A 8 -21.32 -13.93 -9.39
C ASP A 8 -21.47 -14.72 -8.08
N ASN A 9 -21.53 -13.97 -6.98
CA ASN A 9 -21.68 -14.58 -5.68
C ASN A 9 -21.76 -13.48 -4.61
N TYR A 10 -20.75 -12.63 -4.61
CA TYR A 10 -20.69 -11.53 -3.65
C TYR A 10 -20.94 -12.03 -2.24
N ARG A 11 -19.85 -12.23 -1.51
CA ARG A 11 -19.94 -12.70 -0.14
C ARG A 11 -18.54 -12.88 0.45
N THR A 12 -18.48 -12.89 1.77
CA THR A 12 -17.22 -13.06 2.47
C THR A 12 -16.11 -12.26 1.76
N THR A 13 -15.99 -11.01 2.14
CA THR A 13 -14.99 -10.13 1.55
C THR A 13 -13.71 -10.16 2.39
N GLY A 14 -12.72 -10.88 1.89
CA GLY A 14 -11.44 -10.99 2.57
C GLY A 14 -10.64 -9.70 2.44
N ILE A 15 -11.24 -8.61 2.90
CA ILE A 15 -10.59 -7.32 2.84
C ILE A 15 -10.03 -6.97 4.22
N ALA A 16 -9.14 -5.99 4.23
CA ALA A 16 -8.52 -5.55 5.47
C ALA A 16 -8.25 -4.05 5.40
N THR A 17 -8.68 -3.35 6.44
CA THR A 17 -8.48 -1.91 6.50
C THR A 17 -7.04 -1.58 6.87
N ILE A 18 -6.43 -0.71 6.08
CA ILE A 18 -5.06 -0.30 6.31
C ILE A 18 -5.02 1.21 6.58
N GLU A 19 -4.27 1.59 7.60
CA GLU A 19 -4.13 2.98 7.96
C GLU A 19 -2.83 3.55 7.40
N VAL A 20 -2.98 4.44 6.42
CA VAL A 20 -1.83 5.06 5.80
C VAL A 20 -1.56 6.41 6.45
N PHE A 21 -0.32 6.61 6.86
CA PHE A 21 0.08 7.85 7.51
C PHE A 21 1.10 8.60 6.65
N LEU A 22 0.59 9.54 5.86
CA LEU A 22 1.45 10.34 5.00
C LEU A 22 2.23 11.34 5.85
N PRO A 23 3.43 11.72 5.33
CA PRO A 23 4.28 12.67 6.03
C PRO A 23 3.73 14.08 5.91
N PRO A 24 4.33 15.01 6.72
CA PRO A 24 3.91 16.40 6.72
C PRO A 24 4.42 17.12 5.48
N ARG A 25 5.17 16.38 4.66
CA ARG A 25 5.73 16.94 3.45
C ARG A 25 4.63 17.08 2.38
N LEU A 26 3.50 16.45 2.66
CA LEU A 26 2.38 16.49 1.74
C LEU A 26 1.17 17.09 2.45
N LYS A 27 0.56 16.28 3.30
CA LYS A 27 -0.61 16.71 4.05
C LYS A 27 -1.80 16.82 3.09
N LYS A 28 -2.45 15.69 2.87
CA LYS A 28 -3.60 15.65 1.99
C LYS A 28 -4.89 15.69 2.83
N ASP A 29 -4.95 14.80 3.81
CA ASP A 29 -6.10 14.73 4.68
C ASP A 29 -5.65 14.30 6.08
N ARG A 30 -6.62 14.21 6.98
CA ARG A 30 -6.34 13.81 8.35
C ARG A 30 -6.39 12.29 8.47
N LYS A 31 -7.44 11.72 7.91
CA LYS A 31 -7.62 10.27 7.96
C LYS A 31 -7.58 9.71 6.53
N ASN A 32 -6.95 8.56 6.40
CA ASN A 32 -6.83 7.92 5.10
C ASN A 32 -6.77 6.40 5.30
N LEU A 33 -7.88 5.75 5.00
CA LEU A 33 -7.97 4.31 5.15
C LEU A 33 -7.90 3.66 3.76
N LEU A 34 -7.24 2.51 3.71
CA LEU A 34 -7.10 1.78 2.46
C LEU A 34 -7.66 0.37 2.63
N GLU A 35 -8.66 0.07 1.81
CA GLU A 35 -9.29 -1.24 1.86
C GLU A 35 -8.73 -2.15 0.76
N THR A 36 -8.05 -3.20 1.19
CA THR A 36 -7.46 -4.14 0.26
C THR A 36 -7.45 -5.56 0.86
N ARG A 37 -7.34 -6.53 -0.03
CA ARG A 37 -7.31 -7.92 0.41
C ARG A 37 -5.96 -8.26 1.04
N LEU A 38 -5.82 -9.51 1.44
CA LEU A 38 -4.59 -9.96 2.06
C LEU A 38 -3.82 -10.86 1.08
N HIS A 39 -4.56 -11.37 0.10
CA HIS A 39 -3.97 -12.23 -0.90
C HIS A 39 -3.09 -11.41 -1.84
N ILE A 40 -3.37 -10.11 -1.87
CA ILE A 40 -2.62 -9.20 -2.72
C ILE A 40 -1.17 -9.12 -2.22
N THR A 41 -0.25 -9.24 -3.17
CA THR A 41 1.16 -9.18 -2.84
C THR A 41 1.53 -7.81 -2.26
N GLY A 42 2.41 -7.83 -1.28
CA GLY A 42 2.85 -6.60 -0.64
C GLY A 42 3.17 -5.52 -1.68
N ARG A 43 3.70 -5.98 -2.81
CA ARG A 43 4.05 -5.07 -3.88
C ARG A 43 2.82 -4.29 -4.36
N GLU A 44 1.67 -4.96 -4.27
CA GLU A 44 0.43 -4.34 -4.68
C GLU A 44 0.10 -3.15 -3.78
N LEU A 45 0.35 -3.34 -2.49
CA LEU A 45 0.08 -2.29 -1.51
C LEU A 45 0.81 -1.02 -1.94
N ARG A 46 2.14 -1.09 -1.88
CA ARG A 46 2.96 0.05 -2.26
C ARG A 46 2.40 0.74 -3.50
N SER A 47 1.95 -0.09 -4.44
CA SER A 47 1.38 0.41 -5.68
C SER A 47 0.02 1.05 -5.41
N LYS A 48 -0.79 0.34 -4.64
CA LYS A 48 -2.11 0.83 -4.31
C LYS A 48 -2.01 2.24 -3.73
N ILE A 49 -1.41 2.31 -2.55
CA ILE A 49 -1.24 3.60 -1.89
C ILE A 49 -0.86 4.65 -2.91
N ALA A 50 0.27 4.42 -3.56
CA ALA A 50 0.76 5.36 -4.58
C ALA A 50 -0.43 5.85 -5.42
N GLU A 51 -0.96 4.95 -6.22
CA GLU A 51 -2.09 5.29 -7.08
C GLU A 51 -3.20 5.94 -6.25
N THR A 52 -3.48 5.33 -5.11
CA THR A 52 -4.51 5.83 -4.23
C THR A 52 -4.27 7.32 -3.93
N PHE A 53 -3.12 7.59 -3.33
CA PHE A 53 -2.76 8.95 -2.98
C PHE A 53 -2.08 9.66 -4.15
N GLY A 54 -2.23 9.06 -5.33
CA GLY A 54 -1.64 9.62 -6.53
C GLY A 54 -0.13 9.82 -6.36
N LEU A 55 0.40 9.16 -5.35
CA LEU A 55 1.83 9.27 -5.07
C LEU A 55 2.60 8.30 -5.98
N GLN A 56 3.91 8.40 -5.93
CA GLN A 56 4.76 7.55 -6.73
C GLN A 56 5.20 6.32 -5.94
N GLU A 57 4.74 5.16 -6.41
CA GLU A 57 5.07 3.90 -5.76
C GLU A 57 6.58 3.68 -5.76
N ASN A 58 7.24 4.34 -6.71
CA ASN A 58 8.68 4.22 -6.84
C ASN A 58 9.35 5.27 -5.96
N TYR A 59 8.53 6.03 -5.26
CA TYR A 59 9.02 7.08 -4.38
C TYR A 59 8.34 7.01 -3.01
N ILE A 60 8.01 5.79 -2.61
CA ILE A 60 7.36 5.58 -1.33
C ILE A 60 7.63 4.14 -0.86
N LYS A 61 7.64 3.98 0.46
CA LYS A 61 7.90 2.68 1.04
C LYS A 61 7.05 2.53 2.31
N ILE A 62 6.34 1.41 2.38
CA ILE A 62 5.49 1.13 3.52
C ILE A 62 6.35 0.65 4.69
N VAL A 63 5.89 0.98 5.90
CA VAL A 63 6.61 0.59 7.09
C VAL A 63 5.62 0.04 8.13
N ILE A 64 5.96 -1.11 8.67
CA ILE A 64 5.11 -1.74 9.67
C ILE A 64 5.98 -2.42 10.73
N ASN A 65 5.68 -2.14 11.99
CA ASN A 65 6.42 -2.71 13.08
C ASN A 65 7.90 -2.32 12.95
N LYS A 66 8.13 -1.02 12.85
CA LYS A 66 9.49 -0.51 12.72
C LYS A 66 10.23 -1.33 11.66
N LYS A 67 9.47 -1.88 10.73
CA LYS A 67 10.05 -2.68 9.67
C LYS A 67 9.48 -2.22 8.33
N GLN A 68 9.94 -2.87 7.27
CA GLN A 68 9.49 -2.53 5.93
C GLN A 68 8.50 -3.58 5.42
N LEU A 69 7.59 -3.13 4.57
CA LEU A 69 6.58 -4.01 4.01
C LEU A 69 7.26 -5.05 3.12
N GLN A 70 6.80 -6.29 3.24
CA GLN A 70 7.35 -7.38 2.46
C GLN A 70 6.62 -7.49 1.12
N LEU A 71 7.08 -6.69 0.16
CA LEU A 71 6.48 -6.68 -1.16
C LEU A 71 6.64 -8.06 -1.80
N GLY A 72 7.61 -8.80 -1.29
CA GLY A 72 7.89 -10.13 -1.79
C GLY A 72 6.90 -11.15 -1.21
N LYS A 73 6.23 -10.73 -0.15
CA LYS A 73 5.26 -11.59 0.51
C LYS A 73 3.89 -10.91 0.51
N THR A 74 2.86 -11.72 0.67
CA THR A 74 1.50 -11.20 0.69
C THR A 74 1.18 -10.57 2.05
N LEU A 75 0.33 -9.56 2.02
CA LEU A 75 -0.06 -8.87 3.23
C LEU A 75 -0.26 -9.91 4.35
N GLU A 76 -0.72 -11.08 3.96
CA GLU A 76 -0.96 -12.15 4.91
C GLU A 76 0.37 -12.73 5.40
N GLU A 77 1.21 -13.10 4.45
CA GLU A 77 2.51 -13.67 4.77
C GLU A 77 3.18 -12.85 5.88
N GLN A 78 3.39 -11.57 5.58
CA GLN A 78 4.02 -10.68 6.54
C GLN A 78 3.25 -10.70 7.86
N GLY A 79 1.95 -10.64 7.76
CA GLY A 79 1.09 -10.64 8.93
C GLY A 79 0.22 -9.39 8.99
N VAL A 80 -0.49 -9.15 7.90
CA VAL A 80 -1.37 -8.00 7.81
C VAL A 80 -2.82 -8.42 8.08
N ALA A 81 -3.40 -7.80 9.09
CA ALA A 81 -4.77 -8.11 9.46
C ALA A 81 -5.66 -6.88 9.21
N HIS A 82 -6.89 -6.96 9.70
CA HIS A 82 -7.83 -5.88 9.54
C HIS A 82 -7.52 -4.77 10.55
N ASN A 83 -7.48 -3.55 10.06
CA ASN A 83 -7.19 -2.40 10.91
C ASN A 83 -5.73 -2.45 11.34
N VAL A 84 -4.85 -2.14 10.40
CA VAL A 84 -3.42 -2.14 10.67
C VAL A 84 -2.86 -0.74 10.43
N LYS A 85 -1.62 -0.55 10.88
CA LYS A 85 -0.96 0.73 10.72
C LYS A 85 0.19 0.58 9.73
N ALA A 86 0.30 1.56 8.83
CA ALA A 86 1.35 1.55 7.83
C ALA A 86 1.83 2.98 7.58
N MET A 87 3.13 3.17 7.76
CA MET A 87 3.72 4.48 7.56
C MET A 87 4.27 4.62 6.14
N VAL A 88 4.10 5.82 5.59
CA VAL A 88 4.57 6.11 4.25
C VAL A 88 5.79 7.02 4.32
N LEU A 89 6.91 6.50 3.82
CA LEU A 89 8.15 7.25 3.81
C LEU A 89 8.52 7.60 2.37
N GLU A 90 9.09 8.79 2.22
CA GLU A 90 9.50 9.26 0.91
C GLU A 90 10.97 8.91 0.65
N LEU A 91 11.18 8.13 -0.40
CA LEU A 91 12.53 7.72 -0.76
C LEU A 91 13.42 8.96 -0.90
N LYS A 92 14.71 8.71 -1.04
CA LYS A 92 15.67 9.79 -1.19
C LYS A 92 16.67 9.42 -2.29
N GLN A 93 16.61 10.20 -3.37
CA GLN A 93 17.50 9.98 -4.50
C GLN A 93 17.25 11.03 -5.57
N SER A 94 17.91 12.17 -5.41
CA SER A 94 17.77 13.26 -6.36
C SER A 94 18.55 12.94 -7.64
N SER A 95 18.09 13.53 -8.73
CA SER A 95 18.73 13.32 -10.02
C SER A 95 18.62 11.85 -10.43
N GLY A 96 18.89 11.59 -11.70
CA GLY A 96 18.81 10.24 -12.22
C GLY A 96 19.85 10.03 -13.33
N PRO A 97 19.91 8.76 -13.82
CA PRO A 97 20.85 8.41 -14.88
C PRO A 97 20.36 8.95 -16.23
N SER A 98 19.17 8.54 -16.60
CA SER A 98 18.58 8.97 -17.87
C SER A 98 19.40 8.41 -19.03
N SER A 99 18.74 8.29 -20.17
CA SER A 99 19.39 7.77 -21.36
C SER A 99 19.88 6.35 -21.13
N GLY A 100 19.02 5.40 -21.48
CA GLY A 100 19.35 3.99 -21.31
C GLY A 100 19.46 3.63 -19.83
N GLY A 1 -9.69 2.07 -23.30
CA GLY A 1 -10.79 1.45 -22.59
C GLY A 1 -11.41 2.43 -21.59
N SER A 2 -12.73 2.36 -21.49
CA SER A 2 -13.46 3.23 -20.57
C SER A 2 -14.96 2.99 -20.71
N SER A 3 -15.70 3.48 -19.72
CA SER A 3 -17.14 3.33 -19.72
C SER A 3 -17.52 1.94 -19.23
N GLY A 4 -17.04 0.94 -19.95
CA GLY A 4 -17.31 -0.45 -19.60
C GLY A 4 -17.14 -0.68 -18.10
N SER A 5 -18.23 -1.10 -17.47
CA SER A 5 -18.22 -1.35 -16.03
C SER A 5 -19.55 -1.97 -15.61
N SER A 6 -19.48 -3.22 -15.18
CA SER A 6 -20.66 -3.93 -14.74
C SER A 6 -20.28 -5.30 -14.18
N GLY A 7 -21.16 -5.84 -13.35
CA GLY A 7 -20.92 -7.14 -12.75
C GLY A 7 -21.25 -7.12 -11.26
N ASP A 8 -20.49 -6.33 -10.53
CA ASP A 8 -20.69 -6.21 -9.09
C ASP A 8 -20.31 -7.53 -8.42
N ASN A 9 -21.16 -8.52 -8.63
CA ASN A 9 -20.93 -9.84 -8.05
C ASN A 9 -20.94 -9.73 -6.52
N TYR A 10 -21.82 -10.49 -5.90
CA TYR A 10 -21.94 -10.49 -4.46
C TYR A 10 -21.33 -11.76 -3.85
N ARG A 11 -20.30 -11.55 -3.05
CA ARG A 11 -19.63 -12.67 -2.40
C ARG A 11 -18.63 -12.16 -1.36
N THR A 12 -18.19 -13.07 -0.51
CA THR A 12 -17.25 -12.72 0.53
C THR A 12 -16.16 -11.79 -0.02
N THR A 13 -15.74 -10.86 0.84
CA THR A 13 -14.72 -9.90 0.45
C THR A 13 -13.57 -9.92 1.46
N GLY A 14 -12.55 -10.69 1.15
CA GLY A 14 -11.39 -10.79 2.02
C GLY A 14 -10.58 -9.50 2.01
N ILE A 15 -11.23 -8.42 2.40
CA ILE A 15 -10.60 -7.11 2.44
C ILE A 15 -10.18 -6.80 3.88
N ALA A 16 -9.30 -5.81 4.01
CA ALA A 16 -8.81 -5.41 5.32
C ALA A 16 -8.50 -3.91 5.29
N THR A 17 -8.94 -3.23 6.34
CA THR A 17 -8.71 -1.80 6.45
C THR A 17 -7.26 -1.53 6.89
N ILE A 18 -6.62 -0.63 6.16
CA ILE A 18 -5.25 -0.27 6.45
C ILE A 18 -5.16 1.24 6.70
N GLU A 19 -4.36 1.59 7.71
CA GLU A 19 -4.19 2.98 8.05
C GLU A 19 -2.90 3.53 7.43
N VAL A 20 -3.08 4.42 6.47
CA VAL A 20 -1.94 5.03 5.79
C VAL A 20 -1.66 6.40 6.39
N PHE A 21 -0.43 6.57 6.86
CA PHE A 21 -0.02 7.83 7.47
C PHE A 21 0.94 8.59 6.55
N LEU A 22 0.37 9.51 5.78
CA LEU A 22 1.15 10.31 4.86
C LEU A 22 2.15 11.15 5.66
N PRO A 23 3.25 11.55 4.95
CA PRO A 23 4.29 12.35 5.58
C PRO A 23 3.82 13.80 5.76
N PRO A 24 4.58 14.55 6.62
CA PRO A 24 4.27 15.94 6.88
C PRO A 24 4.65 16.83 5.70
N ARG A 25 4.14 16.46 4.53
CA ARG A 25 4.43 17.22 3.32
C ARG A 25 3.14 17.51 2.56
N LEU A 26 2.31 16.48 2.45
CA LEU A 26 1.04 16.60 1.75
C LEU A 26 -0.05 16.99 2.74
N LYS A 27 -0.13 16.22 3.82
CA LYS A 27 -1.12 16.47 4.84
C LYS A 27 -2.50 16.64 4.20
N LYS A 28 -3.25 15.55 4.19
CA LYS A 28 -4.58 15.57 3.60
C LYS A 28 -5.58 14.99 4.60
N ASP A 29 -5.62 15.60 5.78
CA ASP A 29 -6.52 15.16 6.83
C ASP A 29 -6.03 13.82 7.39
N ARG A 30 -5.77 13.83 8.70
CA ARG A 30 -5.29 12.63 9.37
C ARG A 30 -6.41 11.60 9.47
N LYS A 31 -6.70 10.97 8.34
CA LYS A 31 -7.74 9.95 8.29
C LYS A 31 -7.83 9.38 6.87
N ASN A 32 -6.95 8.43 6.60
CA ASN A 32 -6.92 7.80 5.29
C ASN A 32 -6.89 6.29 5.46
N LEU A 33 -8.05 5.67 5.28
CA LEU A 33 -8.16 4.23 5.40
C LEU A 33 -8.09 3.59 4.01
N LEU A 34 -7.17 2.64 3.88
CA LEU A 34 -6.99 1.94 2.62
C LEU A 34 -7.56 0.52 2.75
N GLU A 35 -8.55 0.24 1.91
CA GLU A 35 -9.18 -1.07 1.92
C GLU A 35 -8.61 -1.93 0.79
N THR A 36 -7.98 -3.03 1.20
CA THR A 36 -7.38 -3.94 0.24
C THR A 36 -7.43 -5.38 0.77
N ARG A 37 -7.19 -6.31 -0.13
CA ARG A 37 -7.20 -7.73 0.24
C ARG A 37 -5.91 -8.08 0.97
N LEU A 38 -5.86 -9.33 1.45
CA LEU A 38 -4.69 -9.81 2.16
C LEU A 38 -3.91 -10.78 1.26
N HIS A 39 -4.55 -11.16 0.17
CA HIS A 39 -3.93 -12.07 -0.78
C HIS A 39 -3.04 -11.29 -1.74
N ILE A 40 -3.25 -9.98 -1.76
CA ILE A 40 -2.47 -9.11 -2.62
C ILE A 40 -1.03 -9.06 -2.13
N THR A 41 -0.11 -9.03 -3.09
CA THR A 41 1.31 -8.99 -2.77
C THR A 41 1.70 -7.60 -2.26
N GLY A 42 2.57 -7.59 -1.27
CA GLY A 42 3.03 -6.34 -0.68
C GLY A 42 3.33 -5.31 -1.76
N ARG A 43 3.86 -5.80 -2.88
CA ARG A 43 4.20 -4.94 -3.99
C ARG A 43 2.97 -4.17 -4.45
N GLU A 44 1.84 -4.86 -4.50
CA GLU A 44 0.59 -4.25 -4.93
C GLU A 44 0.25 -3.08 -4.02
N LEU A 45 0.48 -3.27 -2.73
CA LEU A 45 0.20 -2.24 -1.74
C LEU A 45 0.94 -0.96 -2.12
N ARG A 46 2.26 -1.06 -2.12
CA ARG A 46 3.10 0.08 -2.46
C ARG A 46 2.52 0.82 -3.67
N SER A 47 2.13 0.03 -4.66
CA SER A 47 1.56 0.61 -5.88
C SER A 47 0.15 1.14 -5.59
N LYS A 48 -0.56 0.42 -4.73
CA LYS A 48 -1.91 0.81 -4.37
C LYS A 48 -1.88 2.21 -3.72
N ILE A 49 -1.33 2.25 -2.52
CA ILE A 49 -1.22 3.50 -1.79
C ILE A 49 -0.87 4.63 -2.76
N ALA A 50 0.07 4.34 -3.64
CA ALA A 50 0.52 5.32 -4.62
C ALA A 50 -0.68 5.76 -5.46
N GLU A 51 -1.17 4.85 -6.29
CA GLU A 51 -2.29 5.13 -7.15
C GLU A 51 -3.46 5.69 -6.32
N THR A 52 -3.64 5.11 -5.15
CA THR A 52 -4.71 5.54 -4.26
C THR A 52 -4.66 7.06 -4.07
N PHE A 53 -3.57 7.52 -3.49
CA PHE A 53 -3.40 8.94 -3.25
C PHE A 53 -2.58 9.59 -4.35
N GLY A 54 -2.59 8.95 -5.51
CA GLY A 54 -1.86 9.44 -6.66
C GLY A 54 -0.41 9.77 -6.29
N LEU A 55 0.08 9.07 -5.28
CA LEU A 55 1.44 9.28 -4.81
C LEU A 55 2.39 8.42 -5.65
N GLN A 56 3.64 8.39 -5.23
CA GLN A 56 4.65 7.62 -5.93
C GLN A 56 4.76 6.22 -5.34
N GLU A 57 5.01 5.26 -6.21
CA GLU A 57 5.14 3.87 -5.79
C GLU A 57 6.59 3.42 -5.89
N ASN A 58 7.32 4.05 -6.79
CA ASN A 58 8.72 3.73 -6.99
C ASN A 58 9.58 4.69 -6.17
N TYR A 59 8.91 5.49 -5.35
CA TYR A 59 9.60 6.45 -4.51
C TYR A 59 9.00 6.48 -3.11
N ILE A 60 8.52 5.32 -2.67
CA ILE A 60 7.92 5.20 -1.36
C ILE A 60 8.18 3.81 -0.80
N LYS A 61 8.07 3.70 0.51
CA LYS A 61 8.29 2.43 1.18
C LYS A 61 7.40 2.34 2.43
N ILE A 62 6.62 1.27 2.48
CA ILE A 62 5.72 1.05 3.60
C ILE A 62 6.53 0.54 4.80
N VAL A 63 6.04 0.87 5.98
CA VAL A 63 6.69 0.45 7.20
C VAL A 63 5.63 -0.08 8.19
N ILE A 64 5.95 -1.22 8.78
CA ILE A 64 5.06 -1.84 9.74
C ILE A 64 5.87 -2.55 10.82
N ASN A 65 5.57 -2.21 12.06
CA ASN A 65 6.27 -2.81 13.20
C ASN A 65 7.75 -2.48 13.09
N LYS A 66 8.04 -1.19 13.04
CA LYS A 66 9.42 -0.73 12.94
C LYS A 66 10.17 -1.60 11.93
N LYS A 67 9.43 -2.06 10.94
CA LYS A 67 10.03 -2.91 9.91
C LYS A 67 9.57 -2.41 8.54
N GLN A 68 10.05 -3.08 7.51
CA GLN A 68 9.71 -2.72 6.14
C GLN A 68 8.66 -3.69 5.58
N LEU A 69 7.92 -3.19 4.60
CA LEU A 69 6.88 -4.01 3.97
C LEU A 69 7.53 -5.05 3.07
N GLN A 70 7.03 -6.27 3.18
CA GLN A 70 7.55 -7.37 2.38
C GLN A 70 6.78 -7.48 1.06
N LEU A 71 7.33 -6.82 0.05
CA LEU A 71 6.70 -6.84 -1.27
C LEU A 71 6.80 -8.25 -1.86
N GLY A 72 7.58 -9.08 -1.19
CA GLY A 72 7.77 -10.45 -1.64
C GLY A 72 6.87 -11.41 -0.86
N LYS A 73 6.13 -10.84 0.09
CA LYS A 73 5.23 -11.63 0.91
C LYS A 73 3.86 -10.94 0.95
N THR A 74 2.82 -11.77 0.90
CA THR A 74 1.46 -11.25 0.94
C THR A 74 1.18 -10.57 2.27
N LEU A 75 0.29 -9.59 2.22
CA LEU A 75 -0.07 -8.84 3.41
C LEU A 75 -0.24 -9.80 4.58
N GLU A 76 -0.83 -10.95 4.28
CA GLU A 76 -1.05 -11.97 5.30
C GLU A 76 0.26 -12.65 5.67
N GLU A 77 1.06 -12.92 4.64
CA GLU A 77 2.35 -13.56 4.84
C GLU A 77 3.21 -12.75 5.81
N GLN A 78 3.42 -11.50 5.45
CA GLN A 78 4.22 -10.60 6.28
C GLN A 78 3.65 -10.55 7.70
N GLY A 79 2.34 -10.42 7.77
CA GLY A 79 1.66 -10.36 9.06
C GLY A 79 0.68 -9.19 9.10
N VAL A 80 -0.21 -9.18 8.13
CA VAL A 80 -1.22 -8.12 8.04
C VAL A 80 -2.61 -8.74 8.14
N ALA A 81 -3.37 -8.26 9.12
CA ALA A 81 -4.72 -8.75 9.33
C ALA A 81 -5.72 -7.65 8.99
N HIS A 82 -6.21 -6.99 10.04
CA HIS A 82 -7.17 -5.92 9.86
C HIS A 82 -6.92 -4.82 10.90
N ASN A 83 -7.30 -3.61 10.54
CA ASN A 83 -7.11 -2.48 11.43
C ASN A 83 -5.63 -2.33 11.78
N VAL A 84 -4.80 -2.50 10.76
CA VAL A 84 -3.36 -2.39 10.95
C VAL A 84 -2.92 -0.97 10.62
N LYS A 85 -1.67 -0.68 10.95
CA LYS A 85 -1.11 0.63 10.69
C LYS A 85 0.07 0.50 9.73
N ALA A 86 0.23 1.52 8.90
CA ALA A 86 1.31 1.53 7.93
C ALA A 86 1.79 2.98 7.72
N MET A 87 3.10 3.11 7.66
CA MET A 87 3.71 4.43 7.47
C MET A 87 4.22 4.60 6.05
N VAL A 88 4.06 5.80 5.52
CA VAL A 88 4.49 6.11 4.18
C VAL A 88 5.79 6.92 4.24
N LEU A 89 6.84 6.34 3.67
CA LEU A 89 8.14 6.99 3.65
C LEU A 89 8.53 7.29 2.21
N GLU A 90 9.54 8.15 2.07
CA GLU A 90 10.02 8.53 0.75
C GLU A 90 11.49 8.15 0.60
N LEU A 91 11.77 7.39 -0.44
CA LEU A 91 13.13 6.96 -0.71
C LEU A 91 14.05 8.17 -0.75
N LYS A 92 15.33 7.93 -0.55
CA LYS A 92 16.32 8.98 -0.56
C LYS A 92 16.77 9.24 -2.00
N GLN A 93 17.43 8.24 -2.56
CA GLN A 93 17.93 8.33 -3.92
C GLN A 93 17.21 7.32 -4.82
N SER A 94 17.46 7.44 -6.11
CA SER A 94 16.85 6.55 -7.09
C SER A 94 17.76 5.34 -7.31
N SER A 95 18.97 5.61 -7.75
CA SER A 95 19.93 4.55 -8.02
C SER A 95 19.34 3.55 -9.00
N GLY A 96 19.76 3.68 -10.26
CA GLY A 96 19.28 2.79 -11.30
C GLY A 96 20.43 2.35 -12.21
N PRO A 97 21.26 1.41 -11.66
CA PRO A 97 22.40 0.90 -12.42
C PRO A 97 21.94 -0.08 -13.50
N SER A 98 21.93 0.40 -14.73
CA SER A 98 21.52 -0.42 -15.86
C SER A 98 20.03 -0.78 -15.73
N SER A 99 19.51 -1.36 -16.79
CA SER A 99 18.11 -1.76 -16.81
C SER A 99 17.99 -3.21 -17.28
N GLY A 100 18.49 -3.46 -18.47
CA GLY A 100 18.43 -4.79 -19.04
C GLY A 100 19.03 -4.81 -20.45
N GLY A 1 -17.19 -2.35 -20.03
CA GLY A 1 -16.26 -2.23 -18.91
C GLY A 1 -16.63 -3.21 -17.79
N SER A 2 -16.73 -2.66 -16.58
CA SER A 2 -17.07 -3.48 -15.42
C SER A 2 -17.87 -2.64 -14.42
N SER A 3 -19.09 -3.08 -14.16
CA SER A 3 -19.95 -2.39 -13.23
C SER A 3 -21.09 -3.31 -12.78
N GLY A 4 -21.19 -3.50 -11.48
CA GLY A 4 -22.22 -4.36 -10.91
C GLY A 4 -23.44 -3.54 -10.49
N SER A 5 -24.60 -3.97 -10.97
CA SER A 5 -25.84 -3.28 -10.65
C SER A 5 -27.02 -4.24 -10.79
N SER A 6 -27.27 -4.97 -9.71
CA SER A 6 -28.36 -5.93 -9.69
C SER A 6 -28.37 -6.69 -8.36
N GLY A 7 -28.96 -6.05 -7.36
CA GLY A 7 -29.04 -6.64 -6.04
C GLY A 7 -27.98 -6.06 -5.10
N ASP A 8 -28.03 -6.51 -3.86
CA ASP A 8 -27.08 -6.05 -2.86
C ASP A 8 -27.22 -6.89 -1.59
N ASN A 9 -26.13 -7.54 -1.22
CA ASN A 9 -26.12 -8.37 -0.04
C ASN A 9 -24.71 -8.42 0.55
N TYR A 10 -24.64 -8.23 1.86
CA TYR A 10 -23.36 -8.24 2.55
C TYR A 10 -22.57 -9.50 2.21
N ARG A 11 -21.26 -9.38 2.31
CA ARG A 11 -20.38 -10.51 2.02
C ARG A 11 -19.00 -10.29 2.66
N THR A 12 -18.68 -11.14 3.61
CA THR A 12 -17.41 -11.06 4.30
C THR A 12 -16.25 -11.27 3.32
N THR A 13 -15.84 -10.18 2.70
CA THR A 13 -14.75 -10.24 1.74
C THR A 13 -13.40 -10.33 2.46
N GLY A 14 -12.41 -10.81 1.74
CA GLY A 14 -11.07 -10.94 2.30
C GLY A 14 -10.32 -9.62 2.26
N ILE A 15 -11.00 -8.57 2.71
CA ILE A 15 -10.41 -7.24 2.74
C ILE A 15 -9.90 -6.94 4.14
N ALA A 16 -9.06 -5.92 4.23
CA ALA A 16 -8.50 -5.51 5.50
C ALA A 16 -8.25 -4.01 5.49
N THR A 17 -8.62 -3.37 6.59
CA THR A 17 -8.44 -1.93 6.72
C THR A 17 -6.98 -1.60 7.03
N ILE A 18 -6.42 -0.71 6.22
CA ILE A 18 -5.04 -0.30 6.41
C ILE A 18 -4.99 1.21 6.67
N GLU A 19 -4.19 1.58 7.66
CA GLU A 19 -4.05 2.97 8.02
C GLU A 19 -2.77 3.55 7.40
N VAL A 20 -2.98 4.44 6.44
CA VAL A 20 -1.86 5.07 5.76
C VAL A 20 -1.53 6.41 6.45
N PHE A 21 -0.29 6.51 6.89
CA PHE A 21 0.15 7.72 7.56
C PHE A 21 1.05 8.55 6.65
N LEU A 22 0.43 9.52 6.00
CA LEU A 22 1.17 10.41 5.10
C LEU A 22 2.11 11.28 5.90
N PRO A 23 3.18 11.77 5.21
CA PRO A 23 4.17 12.62 5.85
C PRO A 23 3.63 14.03 6.06
N PRO A 24 4.42 14.84 6.82
CA PRO A 24 4.02 16.21 7.10
C PRO A 24 4.23 17.10 5.87
N ARG A 25 3.16 17.23 5.10
CA ARG A 25 3.21 18.05 3.90
C ARG A 25 1.96 17.80 3.04
N LEU A 26 1.46 16.58 3.13
CA LEU A 26 0.27 16.21 2.36
C LEU A 26 -0.93 16.18 3.30
N LYS A 27 -0.91 15.21 4.21
CA LYS A 27 -2.00 15.06 5.17
C LYS A 27 -3.34 15.26 4.44
N LYS A 28 -3.88 14.15 3.95
CA LYS A 28 -5.15 14.19 3.26
C LYS A 28 -6.27 14.50 4.25
N ASP A 29 -7.21 15.32 3.80
CA ASP A 29 -8.34 15.70 4.64
C ASP A 29 -8.84 14.47 5.40
N ARG A 30 -9.06 14.65 6.70
CA ARG A 30 -9.53 13.57 7.54
C ARG A 30 -8.60 12.36 7.41
N LYS A 31 -8.88 11.37 8.25
CA LYS A 31 -8.08 10.14 8.24
C LYS A 31 -8.00 9.60 6.81
N ASN A 32 -7.25 8.51 6.67
CA ASN A 32 -7.09 7.89 5.37
C ASN A 32 -6.97 6.37 5.54
N LEU A 33 -8.08 5.69 5.30
CA LEU A 33 -8.11 4.25 5.43
C LEU A 33 -8.06 3.61 4.05
N LEU A 34 -7.19 2.62 3.90
CA LEU A 34 -7.03 1.93 2.65
C LEU A 34 -7.56 0.50 2.78
N GLU A 35 -8.57 0.20 2.00
CA GLU A 35 -9.17 -1.13 2.02
C GLU A 35 -8.66 -1.97 0.85
N THR A 36 -8.00 -3.06 1.18
CA THR A 36 -7.45 -3.95 0.17
C THR A 36 -7.44 -5.39 0.68
N ARG A 37 -7.36 -6.32 -0.27
CA ARG A 37 -7.34 -7.74 0.07
C ARG A 37 -6.03 -8.10 0.74
N LEU A 38 -5.95 -9.35 1.18
CA LEU A 38 -4.75 -9.84 1.84
C LEU A 38 -4.00 -10.78 0.89
N HIS A 39 -4.70 -11.20 -0.15
CA HIS A 39 -4.11 -12.08 -1.13
C HIS A 39 -3.16 -11.30 -2.04
N ILE A 40 -3.36 -9.99 -2.06
CA ILE A 40 -2.53 -9.12 -2.88
C ILE A 40 -1.11 -9.11 -2.33
N THR A 41 -0.16 -9.05 -3.26
CA THR A 41 1.25 -9.02 -2.88
C THR A 41 1.64 -7.65 -2.33
N GLY A 42 2.49 -7.68 -1.31
CA GLY A 42 2.95 -6.44 -0.69
C GLY A 42 3.27 -5.39 -1.74
N ARG A 43 3.82 -5.85 -2.86
CA ARG A 43 4.18 -4.96 -3.95
C ARG A 43 2.95 -4.18 -4.42
N GLU A 44 1.83 -4.89 -4.49
CA GLU A 44 0.59 -4.27 -4.93
C GLU A 44 0.23 -3.10 -4.01
N LEU A 45 0.53 -3.27 -2.73
CA LEU A 45 0.24 -2.23 -1.75
C LEU A 45 1.05 -0.98 -2.08
N ARG A 46 2.37 -1.13 -2.02
CA ARG A 46 3.27 -0.03 -2.31
C ARG A 46 2.78 0.73 -3.55
N SER A 47 2.14 -0.01 -4.45
CA SER A 47 1.62 0.58 -5.67
C SER A 47 0.22 1.14 -5.44
N LYS A 48 -0.55 0.39 -4.67
CA LYS A 48 -1.91 0.80 -4.35
C LYS A 48 -1.90 2.18 -3.72
N ILE A 49 -1.35 2.25 -2.50
CA ILE A 49 -1.27 3.49 -1.78
C ILE A 49 -0.94 4.62 -2.76
N ALA A 50 0.10 4.39 -3.54
CA ALA A 50 0.53 5.37 -4.53
C ALA A 50 -0.67 5.80 -5.37
N GLU A 51 -1.12 4.88 -6.21
CA GLU A 51 -2.26 5.16 -7.08
C GLU A 51 -3.42 5.74 -6.27
N THR A 52 -3.66 5.11 -5.12
CA THR A 52 -4.74 5.55 -4.25
C THR A 52 -4.68 7.06 -4.06
N PHE A 53 -3.59 7.52 -3.46
CA PHE A 53 -3.41 8.94 -3.20
C PHE A 53 -2.65 9.61 -4.35
N GLY A 54 -2.67 8.93 -5.49
CA GLY A 54 -1.98 9.44 -6.67
C GLY A 54 -0.54 9.84 -6.33
N LEU A 55 0.04 9.10 -5.39
CA LEU A 55 1.41 9.37 -4.97
C LEU A 55 2.37 8.50 -5.80
N GLN A 56 3.63 8.50 -5.38
CA GLN A 56 4.64 7.72 -6.05
C GLN A 56 4.80 6.35 -5.40
N GLU A 57 4.95 5.34 -6.23
CA GLU A 57 5.12 3.98 -5.74
C GLU A 57 6.59 3.55 -5.83
N ASN A 58 7.30 4.20 -6.74
CA ASN A 58 8.71 3.89 -6.94
C ASN A 58 9.55 4.87 -6.13
N TYR A 59 8.86 5.65 -5.30
CA TYR A 59 9.54 6.62 -4.46
C TYR A 59 8.94 6.64 -3.04
N ILE A 60 8.48 5.47 -2.62
CA ILE A 60 7.89 5.33 -1.30
C ILE A 60 8.12 3.90 -0.79
N LYS A 61 7.99 3.75 0.52
CA LYS A 61 8.17 2.45 1.15
C LYS A 61 7.29 2.36 2.39
N ILE A 62 6.51 1.29 2.46
CA ILE A 62 5.62 1.07 3.58
C ILE A 62 6.43 0.55 4.76
N VAL A 63 5.94 0.86 5.96
CA VAL A 63 6.61 0.43 7.18
C VAL A 63 5.56 -0.04 8.19
N ILE A 64 5.84 -1.19 8.79
CA ILE A 64 4.93 -1.75 9.77
C ILE A 64 5.74 -2.48 10.85
N ASN A 65 5.40 -2.18 12.10
CA ASN A 65 6.10 -2.78 13.22
C ASN A 65 7.60 -2.49 13.12
N LYS A 66 7.91 -1.21 13.03
CA LYS A 66 9.29 -0.78 12.93
C LYS A 66 10.03 -1.71 11.96
N LYS A 67 9.32 -2.11 10.92
CA LYS A 67 9.91 -2.99 9.93
C LYS A 67 9.52 -2.50 8.53
N GLN A 68 10.01 -3.21 7.53
CA GLN A 68 9.72 -2.86 6.15
C GLN A 68 8.72 -3.84 5.54
N LEU A 69 7.84 -3.29 4.70
CA LEU A 69 6.82 -4.10 4.07
C LEU A 69 7.49 -5.11 3.13
N GLN A 70 7.23 -6.38 3.40
CA GLN A 70 7.80 -7.46 2.60
C GLN A 70 7.03 -7.59 1.28
N LEU A 71 7.40 -6.74 0.33
CA LEU A 71 6.74 -6.76 -0.97
C LEU A 71 6.85 -8.17 -1.56
N GLY A 72 7.84 -8.91 -1.07
CA GLY A 72 8.06 -10.27 -1.55
C GLY A 72 7.03 -11.23 -0.93
N LYS A 73 6.40 -10.77 0.13
CA LYS A 73 5.40 -11.58 0.82
C LYS A 73 4.05 -10.86 0.77
N THR A 74 2.99 -11.65 0.82
CA THR A 74 1.65 -11.12 0.79
C THR A 74 1.33 -10.38 2.10
N LEU A 75 0.21 -9.69 2.09
CA LEU A 75 -0.22 -8.95 3.26
C LEU A 75 -0.35 -9.91 4.45
N GLU A 76 -0.88 -11.09 4.15
CA GLU A 76 -1.07 -12.10 5.18
C GLU A 76 0.27 -12.71 5.58
N GLU A 77 1.08 -13.00 4.56
CA GLU A 77 2.39 -13.58 4.79
C GLU A 77 3.18 -12.74 5.80
N GLN A 78 3.34 -11.47 5.46
CA GLN A 78 4.08 -10.56 6.32
C GLN A 78 3.43 -10.50 7.70
N GLY A 79 2.11 -10.44 7.71
CA GLY A 79 1.36 -10.39 8.96
C GLY A 79 0.43 -9.17 8.98
N VAL A 80 -0.42 -9.09 7.97
CA VAL A 80 -1.36 -7.99 7.86
C VAL A 80 -2.78 -8.52 8.07
N ALA A 81 -3.47 -7.92 9.03
CA ALA A 81 -4.82 -8.31 9.34
C ALA A 81 -5.77 -7.12 9.13
N HIS A 82 -7.01 -7.30 9.56
CA HIS A 82 -8.00 -6.24 9.43
C HIS A 82 -7.72 -5.15 10.45
N ASN A 83 -7.68 -3.91 9.96
CA ASN A 83 -7.43 -2.77 10.81
C ASN A 83 -5.95 -2.76 11.22
N VAL A 84 -5.11 -2.30 10.29
CA VAL A 84 -3.69 -2.24 10.54
C VAL A 84 -3.20 -0.81 10.27
N LYS A 85 -1.96 -0.56 10.66
CA LYS A 85 -1.36 0.75 10.47
C LYS A 85 -0.12 0.62 9.58
N ALA A 86 0.12 1.66 8.80
CA ALA A 86 1.25 1.67 7.89
C ALA A 86 1.78 3.10 7.77
N MET A 87 3.09 3.19 7.57
CA MET A 87 3.73 4.50 7.42
C MET A 87 4.23 4.71 6.00
N VAL A 88 4.03 5.92 5.51
CA VAL A 88 4.46 6.26 4.16
C VAL A 88 5.79 7.03 4.23
N LEU A 89 6.80 6.43 3.63
CA LEU A 89 8.13 7.03 3.62
C LEU A 89 8.50 7.40 2.18
N GLU A 90 9.57 8.16 2.06
CA GLU A 90 10.05 8.58 0.75
C GLU A 90 11.48 8.10 0.52
N LEU A 91 11.65 7.35 -0.55
CA LEU A 91 12.95 6.81 -0.89
C LEU A 91 13.96 7.96 -0.98
N LYS A 92 15.23 7.60 -0.87
CA LYS A 92 16.30 8.59 -0.94
C LYS A 92 17.42 8.07 -1.84
N GLN A 93 17.23 8.26 -3.13
CA GLN A 93 18.20 7.82 -4.11
C GLN A 93 18.27 6.29 -4.14
N SER A 94 17.32 5.70 -4.85
CA SER A 94 17.28 4.25 -4.97
C SER A 94 18.65 3.71 -5.37
N SER A 95 19.01 2.59 -4.75
CA SER A 95 20.29 1.96 -5.04
C SER A 95 20.46 0.71 -4.18
N GLY A 96 20.92 -0.36 -4.82
CA GLY A 96 21.13 -1.62 -4.12
C GLY A 96 22.54 -1.69 -3.53
N PRO A 97 22.89 -2.90 -3.03
CA PRO A 97 24.21 -3.12 -2.44
C PRO A 97 25.28 -3.20 -3.52
N SER A 98 25.76 -2.04 -3.93
CA SER A 98 26.80 -1.96 -4.96
C SER A 98 28.18 -1.91 -4.30
N SER A 99 28.86 -3.05 -4.36
CA SER A 99 30.19 -3.15 -3.77
C SER A 99 30.79 -4.53 -4.06
N GLY A 100 30.05 -5.55 -3.65
CA GLY A 100 30.50 -6.93 -3.86
C GLY A 100 29.50 -7.92 -3.28
N GLY A 1 -4.53 4.69 -20.01
CA GLY A 1 -4.77 4.44 -18.61
C GLY A 1 -5.06 2.96 -18.35
N SER A 2 -5.79 2.72 -17.28
CA SER A 2 -6.16 1.35 -16.92
C SER A 2 -7.09 1.36 -15.70
N SER A 3 -8.29 0.82 -15.91
CA SER A 3 -9.27 0.76 -14.85
C SER A 3 -10.47 -0.07 -15.29
N GLY A 4 -11.31 -0.41 -14.33
CA GLY A 4 -12.50 -1.20 -14.62
C GLY A 4 -12.37 -2.61 -14.04
N SER A 5 -13.13 -2.85 -12.98
CA SER A 5 -13.10 -4.15 -12.33
C SER A 5 -14.29 -4.28 -11.38
N SER A 6 -14.75 -5.51 -11.20
CA SER A 6 -15.87 -5.77 -10.32
C SER A 6 -17.13 -5.12 -10.87
N GLY A 7 -18.26 -5.48 -10.26
CA GLY A 7 -19.53 -4.92 -10.68
C GLY A 7 -20.18 -4.11 -9.55
N ASP A 8 -20.86 -4.83 -8.66
CA ASP A 8 -21.51 -4.20 -7.53
C ASP A 8 -22.26 -5.26 -6.72
N ASN A 9 -21.63 -5.66 -5.62
CA ASN A 9 -22.22 -6.66 -4.75
C ASN A 9 -21.53 -6.61 -3.38
N TYR A 10 -22.26 -7.06 -2.37
CA TYR A 10 -21.74 -7.07 -1.02
C TYR A 10 -21.82 -8.47 -0.41
N ARG A 11 -20.66 -8.99 -0.04
CA ARG A 11 -20.58 -10.31 0.55
C ARG A 11 -19.26 -10.49 1.29
N THR A 12 -19.16 -11.60 2.01
CA THR A 12 -17.95 -11.90 2.77
C THR A 12 -16.73 -11.90 1.85
N THR A 13 -15.86 -10.93 2.07
CA THR A 13 -14.66 -10.80 1.28
C THR A 13 -13.42 -10.74 2.17
N GLY A 14 -12.28 -11.07 1.59
CA GLY A 14 -11.03 -11.05 2.33
C GLY A 14 -10.42 -9.65 2.34
N ILE A 15 -11.27 -8.67 2.59
CA ILE A 15 -10.82 -7.29 2.63
C ILE A 15 -10.14 -7.02 3.97
N ALA A 16 -9.42 -5.90 4.02
CA ALA A 16 -8.71 -5.52 5.22
C ALA A 16 -8.38 -4.02 5.17
N THR A 17 -8.83 -3.32 6.19
CA THR A 17 -8.59 -1.88 6.27
C THR A 17 -7.17 -1.61 6.74
N ILE A 18 -6.51 -0.71 6.02
CA ILE A 18 -5.14 -0.34 6.34
C ILE A 18 -5.07 1.15 6.63
N GLU A 19 -4.29 1.49 7.65
CA GLU A 19 -4.14 2.88 8.04
C GLU A 19 -2.84 3.46 7.47
N VAL A 20 -3.01 4.36 6.51
CA VAL A 20 -1.86 4.99 5.87
C VAL A 20 -1.62 6.36 6.50
N PHE A 21 -0.41 6.55 6.99
CA PHE A 21 -0.03 7.80 7.62
C PHE A 21 0.96 8.59 6.74
N LEU A 22 0.41 9.49 5.95
CA LEU A 22 1.22 10.31 5.07
C LEU A 22 2.12 11.22 5.91
N PRO A 23 3.28 11.62 5.31
CA PRO A 23 4.23 12.48 5.99
C PRO A 23 3.72 13.92 6.02
N PRO A 24 4.36 14.73 6.91
CA PRO A 24 3.98 16.13 7.05
C PRO A 24 4.49 16.96 5.86
N ARG A 25 4.10 16.53 4.67
CA ARG A 25 4.50 17.21 3.46
C ARG A 25 3.30 17.41 2.54
N LEU A 26 2.53 16.34 2.40
CA LEU A 26 1.35 16.37 1.55
C LEU A 26 0.16 16.92 2.34
N LYS A 27 -0.11 16.25 3.46
CA LYS A 27 -1.22 16.66 4.32
C LYS A 27 -2.44 16.97 3.45
N LYS A 28 -3.09 15.91 2.99
CA LYS A 28 -4.27 16.06 2.16
C LYS A 28 -5.51 16.09 3.05
N ASP A 29 -5.76 14.96 3.68
CA ASP A 29 -6.92 14.84 4.57
C ASP A 29 -6.57 13.93 5.74
N ARG A 30 -6.49 14.54 6.92
CA ARG A 30 -6.17 13.79 8.13
C ARG A 30 -6.91 12.45 8.13
N LYS A 31 -6.13 11.38 8.31
CA LYS A 31 -6.69 10.05 8.34
C LYS A 31 -6.89 9.55 6.91
N ASN A 32 -6.55 8.29 6.69
CA ASN A 32 -6.69 7.68 5.38
C ASN A 32 -6.68 6.17 5.52
N LEU A 33 -7.84 5.57 5.30
CA LEU A 33 -7.97 4.12 5.40
C LEU A 33 -7.96 3.52 3.99
N LEU A 34 -7.18 2.46 3.84
CA LEU A 34 -7.08 1.79 2.55
C LEU A 34 -7.64 0.38 2.68
N GLU A 35 -8.68 0.12 1.90
CA GLU A 35 -9.33 -1.19 1.91
C GLU A 35 -8.75 -2.08 0.82
N THR A 36 -8.06 -3.12 1.25
CA THR A 36 -7.45 -4.06 0.32
C THR A 36 -7.41 -5.46 0.91
N ARG A 37 -7.23 -6.43 0.04
CA ARG A 37 -7.16 -7.82 0.47
C ARG A 37 -5.85 -8.10 1.20
N LEU A 38 -5.64 -9.36 1.53
CA LEU A 38 -4.43 -9.77 2.22
C LEU A 38 -3.56 -10.61 1.28
N HIS A 39 -4.23 -11.37 0.43
CA HIS A 39 -3.54 -12.22 -0.53
C HIS A 39 -2.66 -11.36 -1.44
N ILE A 40 -3.05 -10.10 -1.56
CA ILE A 40 -2.31 -9.17 -2.40
C ILE A 40 -0.87 -9.06 -1.89
N THR A 41 0.05 -8.96 -2.83
CA THR A 41 1.46 -8.86 -2.49
C THR A 41 1.80 -7.43 -2.04
N GLY A 42 2.66 -7.35 -1.05
CA GLY A 42 3.08 -6.05 -0.52
C GLY A 42 3.32 -5.05 -1.65
N ARG A 43 3.87 -5.56 -2.74
CA ARG A 43 4.15 -4.72 -3.88
C ARG A 43 2.86 -4.11 -4.43
N GLU A 44 1.83 -4.94 -4.47
CA GLU A 44 0.53 -4.49 -4.97
C GLU A 44 0.02 -3.32 -4.13
N LEU A 45 0.42 -3.31 -2.87
CA LEU A 45 0.01 -2.26 -1.97
C LEU A 45 0.81 -0.99 -2.27
N ARG A 46 2.12 -1.11 -2.14
CA ARG A 46 3.00 0.01 -2.39
C ARG A 46 2.53 0.80 -3.61
N SER A 47 1.87 0.09 -4.51
CA SER A 47 1.36 0.71 -5.73
C SER A 47 -0.03 1.30 -5.46
N LYS A 48 -0.85 0.51 -4.80
CA LYS A 48 -2.20 0.95 -4.48
C LYS A 48 -2.14 2.30 -3.75
N ILE A 49 -1.29 2.35 -2.74
CA ILE A 49 -1.13 3.57 -1.96
C ILE A 49 -0.79 4.73 -2.91
N ALA A 50 0.23 4.51 -3.72
CA ALA A 50 0.67 5.51 -4.67
C ALA A 50 -0.53 6.01 -5.47
N GLU A 51 -1.03 5.14 -6.34
CA GLU A 51 -2.18 5.46 -7.17
C GLU A 51 -3.31 6.02 -6.31
N THR A 52 -3.48 5.40 -5.14
CA THR A 52 -4.53 5.83 -4.22
C THR A 52 -4.40 7.32 -3.92
N PHE A 53 -3.28 7.67 -3.29
CA PHE A 53 -3.02 9.06 -2.94
C PHE A 53 -2.30 9.79 -4.08
N GLY A 54 -2.37 9.19 -5.26
CA GLY A 54 -1.73 9.77 -6.43
C GLY A 54 -0.25 10.02 -6.17
N LEU A 55 0.28 9.29 -5.20
CA LEU A 55 1.68 9.41 -4.85
C LEU A 55 2.52 8.50 -5.73
N GLN A 56 3.80 8.42 -5.43
CA GLN A 56 4.71 7.59 -6.19
C GLN A 56 4.77 6.17 -5.59
N GLU A 57 4.90 5.20 -6.47
CA GLU A 57 4.97 3.81 -6.04
C GLU A 57 6.41 3.29 -6.12
N ASN A 58 7.19 3.95 -6.98
CA ASN A 58 8.57 3.56 -7.16
C ASN A 58 9.47 4.48 -6.33
N TYR A 59 8.82 5.31 -5.52
CA TYR A 59 9.54 6.24 -4.66
C TYR A 59 8.91 6.30 -3.28
N ILE A 60 8.37 5.17 -2.85
CA ILE A 60 7.74 5.08 -1.55
C ILE A 60 7.97 3.68 -0.97
N LYS A 61 7.85 3.59 0.35
CA LYS A 61 8.05 2.33 1.04
C LYS A 61 7.19 2.30 2.30
N ILE A 62 6.43 1.22 2.44
CA ILE A 62 5.55 1.06 3.58
C ILE A 62 6.38 0.61 4.80
N VAL A 63 5.90 0.97 5.97
CA VAL A 63 6.58 0.61 7.21
C VAL A 63 5.56 0.08 8.21
N ILE A 64 5.90 -1.05 8.82
CA ILE A 64 5.04 -1.66 9.80
C ILE A 64 5.88 -2.29 10.90
N ASN A 65 5.51 -2.00 12.14
CA ASN A 65 6.23 -2.54 13.29
C ASN A 65 7.71 -2.15 13.18
N LYS A 66 7.94 -0.85 13.07
CA LYS A 66 9.29 -0.33 12.96
C LYS A 66 10.08 -1.19 11.96
N LYS A 67 9.34 -1.77 11.03
CA LYS A 67 9.95 -2.61 10.01
C LYS A 67 9.49 -2.14 8.63
N GLN A 68 9.99 -2.82 7.61
CA GLN A 68 9.64 -2.48 6.24
C GLN A 68 8.66 -3.51 5.68
N LEU A 69 7.81 -3.05 4.77
CA LEU A 69 6.82 -3.91 4.15
C LEU A 69 7.53 -4.93 3.27
N GLN A 70 7.24 -6.20 3.53
CA GLN A 70 7.84 -7.28 2.78
C GLN A 70 7.07 -7.49 1.46
N LEU A 71 7.49 -6.76 0.45
CA LEU A 71 6.85 -6.86 -0.85
C LEU A 71 6.98 -8.30 -1.37
N GLY A 72 7.94 -9.01 -0.81
CA GLY A 72 8.18 -10.39 -1.20
C GLY A 72 7.20 -11.33 -0.49
N LYS A 73 6.58 -10.81 0.55
CA LYS A 73 5.63 -11.60 1.32
C LYS A 73 4.26 -10.91 1.26
N THR A 74 3.22 -11.72 1.14
CA THR A 74 1.86 -11.22 1.07
C THR A 74 1.46 -10.60 2.42
N LEU A 75 0.58 -9.61 2.33
CA LEU A 75 0.11 -8.93 3.53
C LEU A 75 -0.15 -9.96 4.64
N GLU A 76 -0.66 -11.11 4.22
CA GLU A 76 -0.95 -12.19 5.16
C GLU A 76 0.34 -12.84 5.63
N GLU A 77 1.23 -13.08 4.67
CA GLU A 77 2.51 -13.71 4.98
C GLU A 77 3.24 -12.92 6.07
N GLN A 78 3.44 -11.64 5.80
CA GLN A 78 4.12 -10.78 6.75
C GLN A 78 3.39 -10.77 8.09
N GLY A 79 2.06 -10.75 8.00
CA GLY A 79 1.24 -10.75 9.19
C GLY A 79 0.38 -9.48 9.27
N VAL A 80 -0.40 -9.27 8.21
CA VAL A 80 -1.26 -8.10 8.14
C VAL A 80 -2.70 -8.54 8.39
N ALA A 81 -3.36 -7.80 9.26
CA ALA A 81 -4.75 -8.09 9.61
C ALA A 81 -5.62 -6.88 9.29
N HIS A 82 -6.86 -6.94 9.74
CA HIS A 82 -7.80 -5.86 9.51
C HIS A 82 -7.56 -4.75 10.54
N ASN A 83 -7.39 -3.54 10.02
CA ASN A 83 -7.16 -2.39 10.89
C ASN A 83 -5.71 -2.42 11.39
N VAL A 84 -4.80 -2.09 10.48
CA VAL A 84 -3.39 -2.07 10.83
C VAL A 84 -2.81 -0.68 10.53
N LYS A 85 -1.60 -0.46 11.02
CA LYS A 85 -0.93 0.82 10.81
C LYS A 85 0.20 0.64 9.80
N ALA A 86 0.25 1.58 8.87
CA ALA A 86 1.28 1.54 7.83
C ALA A 86 1.75 2.96 7.54
N MET A 87 3.05 3.17 7.70
CA MET A 87 3.63 4.48 7.45
C MET A 87 4.18 4.57 6.03
N VAL A 88 4.02 5.75 5.45
CA VAL A 88 4.50 5.97 4.09
C VAL A 88 5.82 6.74 4.14
N LEU A 89 6.86 6.10 3.63
CA LEU A 89 8.19 6.70 3.61
C LEU A 89 8.63 6.89 2.16
N GLU A 90 9.46 7.91 1.96
CA GLU A 90 9.97 8.20 0.63
C GLU A 90 11.42 7.76 0.51
N LEU A 91 11.69 6.99 -0.53
CA LEU A 91 13.04 6.49 -0.78
C LEU A 91 14.01 7.67 -0.84
N LYS A 92 15.28 7.34 -0.96
CA LYS A 92 16.32 8.36 -1.03
C LYS A 92 17.38 7.92 -2.04
N GLN A 93 16.97 7.83 -3.29
CA GLN A 93 17.88 7.42 -4.35
C GLN A 93 17.23 7.65 -5.72
N SER A 94 18.04 7.52 -6.75
CA SER A 94 17.57 7.71 -8.12
C SER A 94 18.60 7.17 -9.11
N SER A 95 18.09 6.49 -10.12
CA SER A 95 18.95 5.92 -11.15
C SER A 95 18.10 5.37 -12.30
N GLY A 96 18.74 5.23 -13.45
CA GLY A 96 18.07 4.73 -14.63
C GLY A 96 18.91 3.67 -15.34
N PRO A 97 18.21 2.81 -16.15
CA PRO A 97 18.89 1.76 -16.88
C PRO A 97 19.65 2.33 -18.08
N SER A 98 20.29 1.42 -18.81
CA SER A 98 21.05 1.82 -19.98
C SER A 98 21.69 0.59 -20.63
N SER A 99 20.93 -0.04 -21.51
CA SER A 99 21.40 -1.23 -22.20
C SER A 99 20.35 -1.70 -23.21
N GLY A 100 20.82 -2.03 -24.39
CA GLY A 100 19.94 -2.51 -25.44
C GLY A 100 20.04 -4.02 -25.61
N GLY A 1 -15.70 15.71 -13.18
CA GLY A 1 -16.35 14.44 -13.45
C GLY A 1 -15.84 13.35 -12.51
N SER A 2 -15.72 12.15 -13.07
CA SER A 2 -15.24 11.01 -12.28
C SER A 2 -16.20 10.73 -11.13
N SER A 3 -16.20 9.48 -10.69
CA SER A 3 -17.06 9.07 -9.60
C SER A 3 -16.80 7.60 -9.25
N GLY A 4 -17.35 7.19 -8.12
CA GLY A 4 -17.18 5.82 -7.66
C GLY A 4 -17.74 5.64 -6.25
N SER A 5 -18.87 4.97 -6.17
CA SER A 5 -19.51 4.72 -4.89
C SER A 5 -20.79 3.90 -5.10
N SER A 6 -20.78 2.70 -4.54
CA SER A 6 -21.93 1.82 -4.65
C SER A 6 -21.84 0.70 -3.60
N GLY A 7 -22.98 0.10 -3.31
CA GLY A 7 -23.04 -0.96 -2.34
C GLY A 7 -22.85 -0.42 -0.92
N ASP A 8 -23.00 -1.32 0.04
CA ASP A 8 -22.84 -0.94 1.44
C ASP A 8 -22.27 -2.12 2.22
N ASN A 9 -22.95 -3.25 2.12
CA ASN A 9 -22.52 -4.46 2.80
C ASN A 9 -23.33 -5.65 2.28
N TYR A 10 -22.63 -6.56 1.62
CA TYR A 10 -23.27 -7.74 1.07
C TYR A 10 -22.34 -8.95 1.17
N ARG A 11 -21.15 -8.80 0.60
CA ARG A 11 -20.17 -9.88 0.61
C ARG A 11 -19.06 -9.56 1.61
N THR A 12 -18.61 -10.60 2.31
CA THR A 12 -17.55 -10.45 3.29
C THR A 12 -16.23 -10.12 2.60
N THR A 13 -15.71 -11.11 1.88
CA THR A 13 -14.46 -10.94 1.18
C THR A 13 -13.30 -10.81 2.17
N GLY A 14 -12.10 -11.13 1.69
CA GLY A 14 -10.92 -11.05 2.51
C GLY A 14 -10.34 -9.64 2.52
N ILE A 15 -11.24 -8.67 2.69
CA ILE A 15 -10.84 -7.27 2.71
C ILE A 15 -10.26 -6.94 4.09
N ALA A 16 -9.47 -5.87 4.12
CA ALA A 16 -8.85 -5.45 5.36
C ALA A 16 -8.51 -3.96 5.27
N THR A 17 -8.96 -3.21 6.27
CA THR A 17 -8.71 -1.78 6.31
C THR A 17 -7.27 -1.50 6.75
N ILE A 18 -6.60 -0.67 5.97
CA ILE A 18 -5.23 -0.32 6.26
C ILE A 18 -5.13 1.19 6.49
N GLU A 19 -4.40 1.56 7.54
CA GLU A 19 -4.23 2.96 7.88
C GLU A 19 -2.88 3.47 7.35
N VAL A 20 -2.97 4.34 6.34
CA VAL A 20 -1.77 4.91 5.75
C VAL A 20 -1.45 6.24 6.42
N PHE A 21 -0.24 6.32 6.95
CA PHE A 21 0.21 7.53 7.63
C PHE A 21 1.10 8.37 6.72
N LEU A 22 0.49 9.34 6.06
CA LEU A 22 1.22 10.21 5.15
C LEU A 22 2.22 11.04 5.95
N PRO A 23 3.28 11.50 5.25
CA PRO A 23 4.31 12.31 5.88
C PRO A 23 3.82 13.74 6.13
N PRO A 24 4.67 14.52 6.84
CA PRO A 24 4.34 15.90 7.15
C PRO A 24 4.49 16.79 5.92
N ARG A 25 3.80 16.41 4.85
CA ARG A 25 3.86 17.16 3.61
C ARG A 25 2.53 17.05 2.87
N LEU A 26 2.02 15.83 2.79
CA LEU A 26 0.76 15.58 2.12
C LEU A 26 -0.39 15.68 3.13
N LYS A 27 -0.10 16.35 4.23
CA LYS A 27 -1.10 16.52 5.28
C LYS A 27 -2.46 16.78 4.64
N LYS A 28 -3.34 15.79 4.76
CA LYS A 28 -4.67 15.90 4.20
C LYS A 28 -5.70 15.65 5.31
N ASP A 29 -6.63 16.58 5.43
CA ASP A 29 -7.68 16.49 6.43
C ASP A 29 -8.29 15.09 6.37
N ARG A 30 -8.93 14.71 7.48
CA ARG A 30 -9.57 13.41 7.57
C ARG A 30 -8.51 12.30 7.53
N LYS A 31 -8.85 11.19 8.15
CA LYS A 31 -7.96 10.04 8.19
C LYS A 31 -7.78 9.48 6.78
N ASN A 32 -6.88 8.52 6.67
CA ASN A 32 -6.61 7.90 5.37
C ASN A 32 -6.56 6.38 5.55
N LEU A 33 -7.62 5.73 5.09
CA LEU A 33 -7.70 4.28 5.19
C LEU A 33 -7.67 3.67 3.79
N LEU A 34 -7.13 2.46 3.71
CA LEU A 34 -7.04 1.77 2.44
C LEU A 34 -7.65 0.37 2.58
N GLU A 35 -8.68 0.12 1.78
CA GLU A 35 -9.36 -1.16 1.82
C GLU A 35 -8.79 -2.09 0.74
N THR A 36 -8.08 -3.11 1.20
CA THR A 36 -7.48 -4.07 0.29
C THR A 36 -7.40 -5.45 0.94
N ARG A 37 -7.24 -6.46 0.10
CA ARG A 37 -7.15 -7.83 0.58
C ARG A 37 -5.81 -8.06 1.30
N LEU A 38 -5.59 -9.31 1.66
CA LEU A 38 -4.36 -9.68 2.35
C LEU A 38 -3.49 -10.54 1.42
N HIS A 39 -4.18 -11.31 0.58
CA HIS A 39 -3.50 -12.17 -0.36
C HIS A 39 -2.60 -11.33 -1.28
N ILE A 40 -3.09 -10.14 -1.59
CA ILE A 40 -2.35 -9.23 -2.46
C ILE A 40 -0.91 -9.13 -1.96
N THR A 41 0.00 -9.06 -2.93
CA THR A 41 1.42 -8.96 -2.61
C THR A 41 1.76 -7.54 -2.14
N GLY A 42 2.61 -7.47 -1.12
CA GLY A 42 3.02 -6.19 -0.58
C GLY A 42 3.29 -5.18 -1.69
N ARG A 43 3.74 -5.70 -2.82
CA ARG A 43 4.04 -4.86 -3.97
C ARG A 43 2.79 -4.13 -4.44
N GLU A 44 1.70 -4.88 -4.50
CA GLU A 44 0.43 -4.32 -4.93
C GLU A 44 0.04 -3.14 -4.03
N LEU A 45 0.40 -3.25 -2.77
CA LEU A 45 0.10 -2.20 -1.81
C LEU A 45 0.85 -0.93 -2.20
N ARG A 46 2.18 -1.02 -2.15
CA ARG A 46 3.02 0.11 -2.49
C ARG A 46 2.43 0.86 -3.69
N SER A 47 1.92 0.10 -4.65
CA SER A 47 1.33 0.68 -5.84
C SER A 47 -0.04 1.26 -5.51
N LYS A 48 -0.84 0.45 -4.83
CA LYS A 48 -2.18 0.88 -4.46
C LYS A 48 -2.11 2.26 -3.80
N ILE A 49 -1.54 2.30 -2.62
CA ILE A 49 -1.41 3.54 -1.88
C ILE A 49 -1.04 4.66 -2.85
N ALA A 50 0.00 4.39 -3.65
CA ALA A 50 0.46 5.36 -4.62
C ALA A 50 -0.73 5.86 -5.45
N GLU A 51 -1.22 4.97 -6.30
CA GLU A 51 -2.36 5.30 -7.15
C GLU A 51 -3.49 5.89 -6.32
N THR A 52 -3.75 5.26 -5.19
CA THR A 52 -4.80 5.71 -4.29
C THR A 52 -4.70 7.22 -4.07
N PHE A 53 -3.60 7.62 -3.46
CA PHE A 53 -3.37 9.03 -3.18
C PHE A 53 -2.54 9.68 -4.29
N GLY A 54 -2.56 9.05 -5.46
CA GLY A 54 -1.82 9.54 -6.60
C GLY A 54 -0.39 9.90 -6.21
N LEU A 55 0.19 9.07 -5.34
CA LEU A 55 1.54 9.29 -4.87
C LEU A 55 2.51 8.44 -5.71
N GLN A 56 3.74 8.36 -5.25
CA GLN A 56 4.76 7.59 -5.94
C GLN A 56 4.85 6.18 -5.34
N GLU A 57 5.00 5.21 -6.22
CA GLU A 57 5.09 3.83 -5.79
C GLU A 57 6.53 3.33 -5.91
N ASN A 58 7.27 3.99 -6.79
CA ASN A 58 8.67 3.63 -7.02
C ASN A 58 9.57 4.57 -6.21
N TYR A 59 8.92 5.39 -5.38
CA TYR A 59 9.65 6.33 -4.55
C TYR A 59 9.07 6.38 -3.14
N ILE A 60 8.55 5.24 -2.70
CA ILE A 60 7.96 5.15 -1.37
C ILE A 60 8.22 3.74 -0.81
N LYS A 61 8.07 3.64 0.50
CA LYS A 61 8.29 2.37 1.18
C LYS A 61 7.39 2.30 2.42
N ILE A 62 6.59 1.25 2.47
CA ILE A 62 5.69 1.06 3.59
C ILE A 62 6.47 0.52 4.79
N VAL A 63 5.96 0.82 5.98
CA VAL A 63 6.62 0.37 7.20
C VAL A 63 5.55 -0.09 8.19
N ILE A 64 5.82 -1.24 8.80
CA ILE A 64 4.89 -1.80 9.77
C ILE A 64 5.68 -2.50 10.88
N ASN A 65 5.29 -2.21 12.12
CA ASN A 65 5.94 -2.80 13.27
C ASN A 65 7.46 -2.56 13.16
N LYS A 66 7.82 -1.30 13.08
CA LYS A 66 9.23 -0.93 12.97
C LYS A 66 9.93 -1.90 12.02
N LYS A 67 9.27 -2.17 10.90
CA LYS A 67 9.82 -3.08 9.91
C LYS A 67 9.46 -2.56 8.51
N GLN A 68 9.95 -3.28 7.52
CA GLN A 68 9.70 -2.91 6.13
C GLN A 68 8.63 -3.84 5.52
N LEU A 69 7.84 -3.27 4.63
CA LEU A 69 6.79 -4.02 3.97
C LEU A 69 7.42 -5.09 3.07
N GLN A 70 7.27 -6.34 3.51
CA GLN A 70 7.81 -7.46 2.76
C GLN A 70 7.03 -7.66 1.46
N LEU A 71 7.43 -6.91 0.45
CA LEU A 71 6.78 -6.99 -0.85
C LEU A 71 6.88 -8.44 -1.37
N GLY A 72 8.00 -9.07 -1.06
CA GLY A 72 8.23 -10.44 -1.48
C GLY A 72 7.23 -11.39 -0.81
N LYS A 73 6.62 -10.90 0.25
CA LYS A 73 5.65 -11.70 0.99
C LYS A 73 4.28 -11.01 0.93
N THR A 74 3.24 -11.83 1.03
CA THR A 74 1.88 -11.32 0.99
C THR A 74 1.53 -10.62 2.30
N LEU A 75 0.66 -9.65 2.21
CA LEU A 75 0.23 -8.90 3.37
C LEU A 75 0.01 -9.87 4.54
N GLU A 76 -0.53 -11.03 4.21
CA GLU A 76 -0.81 -12.05 5.21
C GLU A 76 0.50 -12.70 5.65
N GLU A 77 1.35 -13.00 4.68
CA GLU A 77 2.63 -13.62 4.95
C GLU A 77 3.40 -12.80 5.99
N GLN A 78 3.61 -11.54 5.67
CA GLN A 78 4.34 -10.65 6.56
C GLN A 78 3.64 -10.58 7.92
N GLY A 79 2.32 -10.54 7.88
CA GLY A 79 1.53 -10.48 9.09
C GLY A 79 0.67 -9.22 9.12
N VAL A 80 -0.14 -9.06 8.08
CA VAL A 80 -1.02 -7.91 7.97
C VAL A 80 -2.46 -8.34 8.23
N ALA A 81 -3.00 -7.83 9.33
CA ALA A 81 -4.37 -8.15 9.70
C ALA A 81 -5.28 -6.95 9.42
N HIS A 82 -6.49 -7.02 9.95
CA HIS A 82 -7.45 -5.95 9.77
C HIS A 82 -7.20 -4.85 10.80
N ASN A 83 -7.56 -3.63 10.42
CA ASN A 83 -7.38 -2.49 11.30
C ASN A 83 -5.91 -2.39 11.71
N VAL A 84 -5.06 -2.20 10.71
CA VAL A 84 -3.62 -2.09 10.96
C VAL A 84 -3.16 -0.67 10.61
N LYS A 85 -1.93 -0.39 10.99
CA LYS A 85 -1.35 0.92 10.73
C LYS A 85 -0.07 0.75 9.91
N ALA A 86 0.11 1.64 8.95
CA ALA A 86 1.29 1.61 8.09
C ALA A 86 1.84 3.03 7.93
N MET A 87 3.15 3.10 7.75
CA MET A 87 3.81 4.38 7.58
C MET A 87 4.33 4.55 6.15
N VAL A 88 4.26 5.78 5.66
CA VAL A 88 4.71 6.08 4.31
C VAL A 88 6.06 6.80 4.39
N LEU A 89 7.06 6.17 3.80
CA LEU A 89 8.40 6.74 3.80
C LEU A 89 8.82 7.01 2.35
N GLU A 90 9.66 8.02 2.20
CA GLU A 90 10.15 8.39 0.89
C GLU A 90 11.59 7.92 0.69
N LEU A 91 11.82 7.18 -0.38
CA LEU A 91 13.13 6.66 -0.68
C LEU A 91 14.15 7.80 -0.63
N LYS A 92 15.42 7.43 -0.63
CA LYS A 92 16.49 8.41 -0.58
C LYS A 92 16.87 8.80 -2.01
N GLN A 93 16.67 10.07 -2.32
CA GLN A 93 16.98 10.59 -3.64
C GLN A 93 18.33 10.02 -4.11
N SER A 94 18.25 9.09 -5.05
CA SER A 94 19.43 8.46 -5.60
C SER A 94 19.93 9.25 -6.82
N SER A 95 21.23 9.23 -7.00
CA SER A 95 21.84 9.93 -8.13
C SER A 95 21.91 9.02 -9.35
N GLY A 96 22.58 7.89 -9.17
CA GLY A 96 22.72 6.92 -10.25
C GLY A 96 23.09 5.54 -9.70
N PRO A 97 23.52 4.65 -10.63
CA PRO A 97 23.90 3.31 -10.25
C PRO A 97 25.27 3.29 -9.57
N SER A 98 25.66 2.11 -9.12
CA SER A 98 26.94 1.95 -8.45
C SER A 98 27.86 1.05 -9.27
N SER A 99 29.15 1.22 -9.06
CA SER A 99 30.15 0.43 -9.77
C SER A 99 30.26 0.92 -11.22
N GLY A 100 29.15 0.88 -11.92
CA GLY A 100 29.11 1.31 -13.30
C GLY A 100 28.26 0.37 -14.16
N GLY A 1 -10.13 4.90 -29.99
CA GLY A 1 -9.95 4.27 -28.69
C GLY A 1 -10.88 3.06 -28.53
N SER A 2 -10.70 2.37 -27.41
CA SER A 2 -11.50 1.19 -27.13
C SER A 2 -11.22 0.70 -25.71
N SER A 3 -12.26 0.17 -25.08
CA SER A 3 -12.13 -0.34 -23.72
C SER A 3 -13.48 -0.88 -23.25
N GLY A 4 -13.43 -1.60 -22.12
CA GLY A 4 -14.63 -2.18 -21.55
C GLY A 4 -14.28 -3.17 -20.44
N SER A 5 -15.14 -3.19 -19.43
CA SER A 5 -14.93 -4.09 -18.30
C SER A 5 -16.28 -4.50 -17.71
N SER A 6 -16.23 -5.50 -16.84
CA SER A 6 -17.43 -5.99 -16.20
C SER A 6 -17.09 -7.09 -15.19
N GLY A 7 -17.87 -7.14 -14.12
CA GLY A 7 -17.65 -8.14 -13.08
C GLY A 7 -18.46 -7.81 -11.84
N ASP A 8 -18.58 -8.81 -10.97
CA ASP A 8 -19.33 -8.65 -9.74
C ASP A 8 -19.36 -9.98 -8.98
N ASN A 9 -19.35 -9.88 -7.67
CA ASN A 9 -19.38 -11.06 -6.82
C ASN A 9 -19.42 -10.63 -5.35
N TYR A 10 -20.04 -11.49 -4.54
CA TYR A 10 -20.16 -11.21 -3.12
C TYR A 10 -20.17 -12.50 -2.30
N ARG A 11 -19.14 -12.67 -1.49
CA ARG A 11 -19.01 -13.85 -0.65
C ARG A 11 -17.80 -13.73 0.25
N THR A 12 -18.07 -13.44 1.52
CA THR A 12 -17.01 -13.30 2.50
C THR A 12 -15.85 -12.48 1.91
N THR A 13 -16.10 -11.20 1.73
CA THR A 13 -15.09 -10.31 1.17
C THR A 13 -13.84 -10.30 2.07
N GLY A 14 -12.73 -10.71 1.48
CA GLY A 14 -11.48 -10.75 2.20
C GLY A 14 -10.79 -9.40 2.20
N ILE A 15 -11.54 -8.38 2.57
CA ILE A 15 -11.03 -7.02 2.60
C ILE A 15 -10.38 -6.76 3.97
N ALA A 16 -9.56 -5.72 4.01
CA ALA A 16 -8.88 -5.35 5.25
C ALA A 16 -8.55 -3.87 5.22
N THR A 17 -8.97 -3.17 6.26
CA THR A 17 -8.72 -1.74 6.36
C THR A 17 -7.28 -1.49 6.78
N ILE A 18 -6.63 -0.58 6.06
CA ILE A 18 -5.25 -0.23 6.35
C ILE A 18 -5.15 1.27 6.65
N GLU A 19 -4.34 1.59 7.65
CA GLU A 19 -4.15 2.97 8.05
C GLU A 19 -2.86 3.53 7.43
N VAL A 20 -3.05 4.45 6.50
CA VAL A 20 -1.92 5.06 5.83
C VAL A 20 -1.56 6.37 6.54
N PHE A 21 -0.27 6.51 6.85
CA PHE A 21 0.20 7.71 7.52
C PHE A 21 1.20 8.47 6.65
N LEU A 22 0.68 9.45 5.94
CA LEU A 22 1.52 10.27 5.06
C LEU A 22 2.45 11.13 5.91
N PRO A 23 3.58 11.55 5.28
CA PRO A 23 4.56 12.37 5.96
C PRO A 23 4.06 13.81 6.10
N PRO A 24 4.74 14.57 7.01
CA PRO A 24 4.38 15.96 7.25
C PRO A 24 4.84 16.85 6.10
N ARG A 25 4.40 16.50 4.90
CA ARG A 25 4.76 17.25 3.72
C ARG A 25 3.51 17.52 2.86
N LEU A 26 2.70 16.49 2.70
CA LEU A 26 1.49 16.60 1.92
C LEU A 26 0.34 17.00 2.84
N LYS A 27 0.26 16.33 3.98
CA LYS A 27 -0.79 16.61 4.94
C LYS A 27 -2.12 16.78 4.21
N LYS A 28 -2.83 15.67 4.07
CA LYS A 28 -4.12 15.69 3.39
C LYS A 28 -5.22 15.31 4.38
N ASP A 29 -6.44 15.33 3.89
CA ASP A 29 -7.59 14.98 4.72
C ASP A 29 -7.23 13.79 5.61
N ARG A 30 -7.01 14.09 6.88
CA ARG A 30 -6.66 13.05 7.84
C ARG A 30 -7.60 11.86 7.71
N LYS A 31 -7.30 10.83 8.48
CA LYS A 31 -8.12 9.62 8.44
C LYS A 31 -8.13 9.04 7.03
N ASN A 32 -7.00 8.45 6.66
CA ASN A 32 -6.86 7.86 5.34
C ASN A 32 -6.82 6.33 5.47
N LEU A 33 -8.00 5.73 5.36
CA LEU A 33 -8.11 4.29 5.46
C LEU A 33 -8.09 3.68 4.06
N LEU A 34 -7.25 2.67 3.91
CA LEU A 34 -7.12 1.99 2.62
C LEU A 34 -7.68 0.57 2.74
N GLU A 35 -8.69 0.30 1.95
CA GLU A 35 -9.32 -1.02 1.96
C GLU A 35 -8.76 -1.88 0.83
N THR A 36 -8.10 -2.95 1.21
CA THR A 36 -7.51 -3.86 0.25
C THR A 36 -7.50 -5.29 0.80
N ARG A 37 -7.27 -6.24 -0.09
CA ARG A 37 -7.22 -7.63 0.29
C ARG A 37 -5.90 -7.97 0.99
N LEU A 38 -5.72 -9.24 1.28
CA LEU A 38 -4.51 -9.70 1.94
C LEU A 38 -3.67 -10.53 0.97
N HIS A 39 -4.37 -11.32 0.17
CA HIS A 39 -3.72 -12.16 -0.81
C HIS A 39 -2.83 -11.32 -1.72
N ILE A 40 -3.19 -10.04 -1.81
CA ILE A 40 -2.44 -9.11 -2.64
C ILE A 40 -0.99 -9.04 -2.13
N THR A 41 -0.07 -9.04 -3.08
CA THR A 41 1.34 -8.97 -2.75
C THR A 41 1.70 -7.58 -2.25
N GLY A 42 2.57 -7.55 -1.24
CA GLY A 42 3.00 -6.29 -0.66
C GLY A 42 3.26 -5.25 -1.75
N ARG A 43 3.75 -5.73 -2.87
CA ARG A 43 4.05 -4.84 -3.99
C ARG A 43 2.78 -4.10 -4.43
N GLU A 44 1.69 -4.83 -4.50
CA GLU A 44 0.41 -4.26 -4.89
C GLU A 44 0.08 -3.06 -4.00
N LEU A 45 0.26 -3.25 -2.70
CA LEU A 45 -0.03 -2.21 -1.74
C LEU A 45 0.74 -0.94 -2.14
N ARG A 46 2.06 -1.06 -2.12
CA ARG A 46 2.92 0.06 -2.48
C ARG A 46 2.34 0.81 -3.68
N SER A 47 2.03 0.04 -4.71
CA SER A 47 1.47 0.62 -5.93
C SER A 47 0.05 1.15 -5.66
N LYS A 48 -0.65 0.45 -4.78
CA LYS A 48 -2.01 0.85 -4.43
C LYS A 48 -1.98 2.25 -3.82
N ILE A 49 -1.42 2.32 -2.61
CA ILE A 49 -1.33 3.60 -1.91
C ILE A 49 -0.97 4.69 -2.90
N ALA A 50 0.09 4.44 -3.67
CA ALA A 50 0.55 5.39 -4.66
C ALA A 50 -0.63 5.84 -5.52
N GLU A 51 -1.11 4.93 -6.34
CA GLU A 51 -2.22 5.22 -7.22
C GLU A 51 -3.39 5.81 -6.42
N THR A 52 -3.62 5.22 -5.25
CA THR A 52 -4.69 5.68 -4.39
C THR A 52 -4.60 7.19 -4.17
N PHE A 53 -3.51 7.60 -3.55
CA PHE A 53 -3.28 9.01 -3.28
C PHE A 53 -2.48 9.66 -4.41
N GLY A 54 -2.51 9.01 -5.56
CA GLY A 54 -1.79 9.53 -6.72
C GLY A 54 -0.35 9.88 -6.36
N LEU A 55 0.20 9.10 -5.44
CA LEU A 55 1.58 9.33 -5.00
C LEU A 55 2.51 8.45 -5.81
N GLN A 56 3.76 8.39 -5.37
CA GLN A 56 4.76 7.59 -6.05
C GLN A 56 4.88 6.21 -5.39
N GLU A 57 5.03 5.20 -6.24
CA GLU A 57 5.15 3.83 -5.76
C GLU A 57 6.61 3.37 -5.85
N ASN A 58 7.33 3.96 -6.78
CA ASN A 58 8.73 3.62 -6.98
C ASN A 58 9.61 4.57 -6.15
N TYR A 59 8.94 5.38 -5.33
CA TYR A 59 9.64 6.33 -4.49
C TYR A 59 9.04 6.37 -3.08
N ILE A 60 8.55 5.22 -2.65
CA ILE A 60 7.96 5.11 -1.34
C ILE A 60 8.18 3.69 -0.79
N LYS A 61 8.06 3.57 0.52
CA LYS A 61 8.24 2.29 1.17
C LYS A 61 7.37 2.23 2.42
N ILE A 62 6.55 1.19 2.48
CA ILE A 62 5.65 1.01 3.61
C ILE A 62 6.45 0.44 4.80
N VAL A 63 5.96 0.72 5.99
CA VAL A 63 6.61 0.24 7.20
C VAL A 63 5.55 -0.26 8.18
N ILE A 64 5.83 -1.44 8.73
CA ILE A 64 4.91 -2.05 9.68
C ILE A 64 5.72 -2.83 10.73
N ASN A 65 5.39 -2.56 11.99
CA ASN A 65 6.07 -3.22 13.09
C ASN A 65 7.57 -2.94 13.00
N LYS A 66 7.91 -1.67 12.98
CA LYS A 66 9.31 -1.26 12.88
C LYS A 66 10.02 -2.14 11.86
N LYS A 67 9.30 -2.48 10.81
CA LYS A 67 9.85 -3.32 9.74
C LYS A 67 9.48 -2.71 8.39
N GLN A 68 9.95 -3.38 7.34
CA GLN A 68 9.69 -2.93 5.99
C GLN A 68 8.64 -3.83 5.32
N LEU A 69 7.80 -3.20 4.51
CA LEU A 69 6.75 -3.92 3.81
C LEU A 69 7.38 -5.00 2.93
N GLN A 70 6.95 -6.23 3.14
CA GLN A 70 7.47 -7.35 2.37
C GLN A 70 6.71 -7.47 1.04
N LEU A 71 7.26 -6.82 0.02
CA LEU A 71 6.64 -6.85 -1.30
C LEU A 71 6.82 -8.25 -1.90
N GLY A 72 7.79 -8.97 -1.36
CA GLY A 72 8.07 -10.32 -1.84
C GLY A 72 7.12 -11.34 -1.20
N LYS A 73 6.45 -10.89 -0.15
CA LYS A 73 5.51 -11.75 0.57
C LYS A 73 4.13 -11.10 0.54
N THR A 74 3.13 -11.90 0.89
CA THR A 74 1.75 -11.43 0.92
C THR A 74 1.45 -10.74 2.25
N LEU A 75 0.55 -9.79 2.20
CA LEU A 75 0.16 -9.05 3.39
C LEU A 75 0.08 -10.00 4.57
N GLU A 76 -0.47 -11.18 4.30
CA GLU A 76 -0.61 -12.20 5.34
C GLU A 76 0.78 -12.65 5.82
N GLU A 77 1.61 -13.00 4.86
CA GLU A 77 2.96 -13.46 5.17
C GLU A 77 3.65 -12.46 6.10
N GLN A 78 3.74 -11.22 5.63
CA GLN A 78 4.38 -10.17 6.41
C GLN A 78 3.65 -9.98 7.73
N GLY A 79 2.45 -10.53 7.80
CA GLY A 79 1.64 -10.43 9.01
C GLY A 79 0.81 -9.14 9.00
N VAL A 80 -0.04 -9.03 7.99
CA VAL A 80 -0.90 -7.86 7.85
C VAL A 80 -2.35 -8.32 7.75
N ALA A 81 -3.11 -8.00 8.78
CA ALA A 81 -4.51 -8.37 8.82
C ALA A 81 -5.37 -7.10 8.78
N HIS A 82 -6.65 -7.28 9.11
CA HIS A 82 -7.57 -6.16 9.11
C HIS A 82 -7.31 -5.27 10.33
N ASN A 83 -7.53 -3.97 10.14
CA ASN A 83 -7.31 -3.02 11.20
C ASN A 83 -5.83 -2.98 11.55
N VAL A 84 -5.04 -2.49 10.60
CA VAL A 84 -3.61 -2.40 10.79
C VAL A 84 -3.15 -0.97 10.46
N LYS A 85 -1.90 -0.70 10.79
CA LYS A 85 -1.33 0.62 10.54
C LYS A 85 -0.11 0.48 9.63
N ALA A 86 0.10 1.50 8.81
CA ALA A 86 1.23 1.50 7.89
C ALA A 86 1.79 2.92 7.78
N MET A 87 3.10 3.00 7.63
CA MET A 87 3.77 4.27 7.51
C MET A 87 4.35 4.47 6.11
N VAL A 88 4.13 5.66 5.57
CA VAL A 88 4.63 5.97 4.24
C VAL A 88 5.97 6.69 4.36
N LEU A 89 7.00 6.05 3.81
CA LEU A 89 8.33 6.62 3.84
C LEU A 89 8.80 6.90 2.41
N GLU A 90 9.67 7.89 2.29
CA GLU A 90 10.21 8.27 1.00
C GLU A 90 11.64 7.78 0.86
N LEU A 91 11.89 7.05 -0.23
CA LEU A 91 13.21 6.53 -0.49
C LEU A 91 14.23 7.66 -0.39
N LYS A 92 15.15 7.51 0.56
CA LYS A 92 16.19 8.49 0.77
C LYS A 92 15.54 9.87 0.96
N GLN A 93 16.38 10.86 1.20
CA GLN A 93 15.91 12.22 1.39
C GLN A 93 16.68 13.19 0.49
N SER A 94 16.58 12.92 -0.81
CA SER A 94 17.25 13.77 -1.79
C SER A 94 16.26 14.19 -2.88
N SER A 95 16.71 15.13 -3.70
CA SER A 95 15.89 15.64 -4.78
C SER A 95 16.04 14.75 -6.02
N GLY A 96 17.27 14.67 -6.49
CA GLY A 96 17.57 13.87 -7.67
C GLY A 96 17.05 14.55 -8.94
N PRO A 97 17.97 15.26 -9.64
CA PRO A 97 17.61 15.95 -10.87
C PRO A 97 17.45 14.96 -12.02
N SER A 98 18.37 14.01 -12.07
CA SER A 98 18.35 13.00 -13.11
C SER A 98 17.13 12.10 -12.95
N SER A 99 16.31 12.07 -13.99
CA SER A 99 15.11 11.25 -13.97
C SER A 99 14.40 11.39 -12.61
N GLY A 100 13.55 12.39 -12.53
CA GLY A 100 12.81 12.65 -11.30
C GLY A 100 11.47 13.34 -11.60
N GLY A 1 -10.42 -22.47 -1.50
CA GLY A 1 -10.69 -21.30 -2.32
C GLY A 1 -9.43 -20.84 -3.05
N SER A 2 -9.00 -19.63 -2.72
CA SER A 2 -7.81 -19.07 -3.34
C SER A 2 -8.13 -18.61 -4.77
N SER A 3 -8.57 -19.57 -5.57
CA SER A 3 -8.91 -19.29 -6.96
C SER A 3 -10.40 -18.99 -7.08
N GLY A 4 -10.75 -18.37 -8.18
CA GLY A 4 -12.14 -18.02 -8.44
C GLY A 4 -12.24 -16.85 -9.43
N SER A 5 -13.48 -16.51 -9.76
CA SER A 5 -13.73 -15.43 -10.69
C SER A 5 -15.24 -15.19 -10.82
N SER A 6 -15.73 -14.28 -10.00
CA SER A 6 -17.15 -13.94 -10.02
C SER A 6 -17.38 -12.62 -9.29
N GLY A 7 -18.45 -11.94 -9.69
CA GLY A 7 -18.80 -10.67 -9.09
C GLY A 7 -20.22 -10.69 -8.52
N ASP A 8 -20.29 -10.84 -7.20
CA ASP A 8 -21.57 -10.88 -6.51
C ASP A 8 -21.39 -10.40 -5.07
N ASN A 9 -21.61 -9.11 -4.88
CA ASN A 9 -21.48 -8.52 -3.56
C ASN A 9 -22.52 -9.13 -2.63
N TYR A 10 -22.04 -9.91 -1.68
CA TYR A 10 -22.91 -10.56 -0.72
C TYR A 10 -22.12 -11.25 0.38
N ARG A 11 -21.18 -12.09 -0.05
CA ARG A 11 -20.35 -12.83 0.88
C ARG A 11 -19.26 -11.91 1.46
N THR A 12 -18.75 -12.30 2.61
CA THR A 12 -17.72 -11.53 3.27
C THR A 12 -16.38 -11.69 2.54
N THR A 13 -16.02 -10.65 1.81
CA THR A 13 -14.77 -10.66 1.06
C THR A 13 -13.58 -10.62 2.01
N GLY A 14 -12.41 -10.92 1.46
CA GLY A 14 -11.18 -10.92 2.25
C GLY A 14 -10.57 -9.53 2.31
N ILE A 15 -11.43 -8.53 2.48
CA ILE A 15 -10.98 -7.15 2.54
C ILE A 15 -10.35 -6.89 3.92
N ALA A 16 -9.58 -5.82 3.99
CA ALA A 16 -8.92 -5.46 5.22
C ALA A 16 -8.55 -3.97 5.17
N THR A 17 -8.98 -3.24 6.19
CA THR A 17 -8.70 -1.82 6.28
C THR A 17 -7.26 -1.59 6.74
N ILE A 18 -6.57 -0.71 6.03
CA ILE A 18 -5.19 -0.39 6.35
C ILE A 18 -5.07 1.12 6.62
N GLU A 19 -4.25 1.44 7.60
CA GLU A 19 -4.03 2.83 7.97
C GLU A 19 -2.74 3.35 7.34
N VAL A 20 -2.92 4.26 6.38
CA VAL A 20 -1.79 4.84 5.69
C VAL A 20 -1.48 6.21 6.29
N PHE A 21 -0.29 6.33 6.85
CA PHE A 21 0.13 7.57 7.47
C PHE A 21 1.11 8.33 6.55
N LEU A 22 0.55 9.26 5.79
CA LEU A 22 1.35 10.05 4.88
C LEU A 22 2.28 10.96 5.68
N PRO A 23 3.40 11.36 5.01
CA PRO A 23 4.37 12.22 5.66
C PRO A 23 3.86 13.66 5.74
N PRO A 24 4.56 14.47 6.58
CA PRO A 24 4.19 15.87 6.76
C PRO A 24 4.61 16.70 5.54
N ARG A 25 4.09 16.32 4.39
CA ARG A 25 4.40 17.02 3.16
C ARG A 25 3.14 17.16 2.29
N LEU A 26 2.43 16.06 2.18
CA LEU A 26 1.20 16.06 1.39
C LEU A 26 0.02 16.49 2.26
N LYS A 27 -0.09 15.84 3.42
CA LYS A 27 -1.16 16.14 4.35
C LYS A 27 -2.49 16.23 3.59
N LYS A 28 -3.14 15.09 3.48
CA LYS A 28 -4.42 15.03 2.77
C LYS A 28 -5.49 15.69 3.63
N ASP A 29 -5.65 15.20 4.84
CA ASP A 29 -6.63 15.74 5.75
C ASP A 29 -6.19 15.46 7.20
N ARG A 30 -6.02 14.18 7.50
CA ARG A 30 -5.60 13.78 8.83
C ARG A 30 -5.49 12.26 8.90
N LYS A 31 -6.47 11.58 8.32
CA LYS A 31 -6.49 10.14 8.32
C LYS A 31 -6.73 9.64 6.89
N ASN A 32 -6.36 8.39 6.67
CA ASN A 32 -6.53 7.78 5.35
C ASN A 32 -6.45 6.26 5.49
N LEU A 33 -7.61 5.62 5.32
CA LEU A 33 -7.69 4.18 5.40
C LEU A 33 -7.72 3.58 4.00
N LEU A 34 -6.98 2.48 3.85
CA LEU A 34 -6.91 1.81 2.56
C LEU A 34 -7.53 0.42 2.69
N GLU A 35 -8.59 0.20 1.92
CA GLU A 35 -9.28 -1.07 1.94
C GLU A 35 -8.76 -1.98 0.82
N THR A 36 -8.08 -3.05 1.24
CA THR A 36 -7.53 -4.00 0.28
C THR A 36 -7.51 -5.40 0.89
N ARG A 37 -7.36 -6.38 0.01
CA ARG A 37 -7.33 -7.77 0.44
C ARG A 37 -5.98 -8.08 1.10
N LEU A 38 -5.81 -9.35 1.45
CA LEU A 38 -4.58 -9.79 2.09
C LEU A 38 -3.78 -10.65 1.11
N HIS A 39 -4.51 -11.42 0.31
CA HIS A 39 -3.88 -12.27 -0.66
C HIS A 39 -2.97 -11.45 -1.58
N ILE A 40 -3.31 -10.17 -1.68
CA ILE A 40 -2.54 -9.26 -2.52
C ILE A 40 -1.09 -9.23 -2.04
N THR A 41 -0.18 -9.12 -2.99
CA THR A 41 1.24 -9.08 -2.68
C THR A 41 1.63 -7.70 -2.17
N GLY A 42 2.53 -7.69 -1.19
CA GLY A 42 3.00 -6.45 -0.61
C GLY A 42 3.25 -5.40 -1.70
N ARG A 43 3.64 -5.89 -2.86
CA ARG A 43 3.92 -5.01 -3.98
C ARG A 43 2.66 -4.22 -4.37
N GLU A 44 1.55 -4.95 -4.40
CA GLU A 44 0.28 -4.34 -4.76
C GLU A 44 0.02 -3.10 -3.88
N LEU A 45 0.24 -3.29 -2.59
CA LEU A 45 0.02 -2.20 -1.64
C LEU A 45 0.90 -1.01 -2.03
N ARG A 46 2.20 -1.26 -2.07
CA ARG A 46 3.16 -0.22 -2.42
C ARG A 46 2.61 0.63 -3.56
N SER A 47 2.03 -0.05 -4.54
CA SER A 47 1.46 0.62 -5.69
C SER A 47 0.11 1.26 -5.33
N LYS A 48 -0.74 0.42 -4.74
CA LYS A 48 -2.07 0.88 -4.34
C LYS A 48 -1.95 2.28 -3.73
N ILE A 49 -1.28 2.34 -2.59
CA ILE A 49 -1.09 3.60 -1.90
C ILE A 49 -0.83 4.71 -2.92
N ALA A 50 0.30 4.57 -3.62
CA ALA A 50 0.68 5.54 -4.62
C ALA A 50 -0.56 5.97 -5.40
N GLU A 51 -1.05 5.05 -6.22
CA GLU A 51 -2.24 5.32 -7.03
C GLU A 51 -3.34 5.96 -6.17
N THR A 52 -3.60 5.31 -5.05
CA THR A 52 -4.62 5.79 -4.13
C THR A 52 -4.47 7.29 -3.90
N PHE A 53 -3.34 7.65 -3.32
CA PHE A 53 -3.04 9.05 -3.05
C PHE A 53 -2.41 9.74 -4.26
N GLY A 54 -2.53 9.08 -5.40
CA GLY A 54 -1.98 9.61 -6.63
C GLY A 54 -0.51 9.97 -6.47
N LEU A 55 0.15 9.25 -5.58
CA LEU A 55 1.56 9.48 -5.31
C LEU A 55 2.41 8.54 -6.17
N GLN A 56 3.71 8.65 -6.00
CA GLN A 56 4.63 7.81 -6.75
C GLN A 56 5.00 6.56 -5.95
N GLU A 57 4.74 5.41 -6.56
CA GLU A 57 5.03 4.14 -5.91
C GLU A 57 6.54 3.87 -5.94
N ASN A 58 7.21 4.52 -6.88
CA ASN A 58 8.65 4.36 -7.02
C ASN A 58 9.36 5.42 -6.17
N TYR A 59 8.57 6.11 -5.37
CA TYR A 59 9.11 7.15 -4.50
C TYR A 59 8.48 7.10 -3.11
N ILE A 60 8.14 5.89 -2.70
CA ILE A 60 7.52 5.69 -1.39
C ILE A 60 7.97 4.33 -0.83
N LYS A 61 7.82 4.20 0.47
CA LYS A 61 8.19 2.97 1.15
C LYS A 61 7.29 2.76 2.36
N ILE A 62 6.57 1.65 2.36
CA ILE A 62 5.68 1.32 3.46
C ILE A 62 6.50 0.79 4.63
N VAL A 63 5.99 1.07 5.83
CA VAL A 63 6.67 0.63 7.04
C VAL A 63 5.64 0.03 8.00
N ILE A 64 5.98 -1.13 8.54
CA ILE A 64 5.10 -1.81 9.47
C ILE A 64 5.93 -2.53 10.53
N ASN A 65 5.60 -2.26 11.78
CA ASN A 65 6.31 -2.86 12.90
C ASN A 65 7.79 -2.45 12.83
N LYS A 66 8.00 -1.15 12.81
CA LYS A 66 9.35 -0.61 12.76
C LYS A 66 10.16 -1.39 11.72
N LYS A 67 9.46 -1.87 10.71
CA LYS A 67 10.11 -2.62 9.64
C LYS A 67 9.57 -2.15 8.29
N GLN A 68 10.11 -2.76 7.24
CA GLN A 68 9.69 -2.41 5.89
C GLN A 68 8.66 -3.41 5.37
N LEU A 69 7.86 -2.96 4.43
CA LEU A 69 6.83 -3.80 3.84
C LEU A 69 7.48 -4.84 2.94
N GLN A 70 7.27 -6.10 3.29
CA GLN A 70 7.83 -7.20 2.52
C GLN A 70 7.02 -7.42 1.24
N LEU A 71 7.44 -6.75 0.18
CA LEU A 71 6.77 -6.87 -1.10
C LEU A 71 6.90 -8.30 -1.61
N GLY A 72 7.81 -9.04 -0.99
CA GLY A 72 8.05 -10.42 -1.38
C GLY A 72 7.11 -11.37 -0.63
N LYS A 73 6.46 -10.82 0.39
CA LYS A 73 5.54 -11.59 1.20
C LYS A 73 4.16 -10.93 1.18
N THR A 74 3.14 -11.77 1.08
CA THR A 74 1.78 -11.28 1.04
C THR A 74 1.40 -10.62 2.37
N LEU A 75 0.52 -9.65 2.29
CA LEU A 75 0.07 -8.94 3.48
C LEU A 75 -0.15 -9.94 4.61
N GLU A 76 -0.66 -11.10 4.24
CA GLU A 76 -0.93 -12.15 5.21
C GLU A 76 0.38 -12.79 5.67
N GLU A 77 1.25 -13.05 4.70
CA GLU A 77 2.54 -13.65 5.00
C GLU A 77 3.28 -12.85 6.07
N GLN A 78 3.46 -11.57 5.78
CA GLN A 78 4.15 -10.68 6.71
C GLN A 78 3.42 -10.66 8.05
N GLY A 79 2.09 -10.60 7.98
CA GLY A 79 1.27 -10.57 9.18
C GLY A 79 0.37 -9.33 9.20
N VAL A 80 -0.41 -9.19 8.14
CA VAL A 80 -1.32 -8.06 8.03
C VAL A 80 -2.76 -8.54 8.25
N ALA A 81 -3.41 -7.90 9.22
CA ALA A 81 -4.79 -8.24 9.54
C ALA A 81 -5.69 -7.05 9.26
N HIS A 82 -6.94 -7.18 9.69
CA HIS A 82 -7.91 -6.11 9.50
C HIS A 82 -7.66 -5.01 10.53
N ASN A 83 -7.54 -3.79 10.01
CA ASN A 83 -7.30 -2.64 10.86
C ASN A 83 -5.84 -2.63 11.30
N VAL A 84 -4.96 -2.34 10.35
CA VAL A 84 -3.54 -2.29 10.63
C VAL A 84 -3.02 -0.88 10.40
N LYS A 85 -1.79 -0.66 10.82
CA LYS A 85 -1.16 0.65 10.66
C LYS A 85 0.05 0.53 9.73
N ALA A 86 0.16 1.51 8.84
CA ALA A 86 1.26 1.51 7.88
C ALA A 86 1.74 2.96 7.69
N MET A 87 3.05 3.10 7.60
CA MET A 87 3.65 4.41 7.41
C MET A 87 4.27 4.54 6.02
N VAL A 88 4.01 5.68 5.38
CA VAL A 88 4.53 5.93 4.06
C VAL A 88 5.73 6.88 4.16
N LEU A 89 6.88 6.38 3.74
CA LEU A 89 8.10 7.16 3.78
C LEU A 89 8.56 7.45 2.35
N GLU A 90 9.19 8.60 2.18
CA GLU A 90 9.69 9.01 0.88
C GLU A 90 11.11 8.48 0.66
N LEU A 91 11.30 7.82 -0.47
CA LEU A 91 12.60 7.27 -0.80
C LEU A 91 13.64 8.39 -0.80
N LYS A 92 14.91 7.99 -0.78
CA LYS A 92 16.00 8.94 -0.77
C LYS A 92 17.10 8.45 -1.72
N GLN A 93 16.78 8.48 -3.01
CA GLN A 93 17.73 8.05 -4.02
C GLN A 93 18.95 8.97 -4.03
N SER A 94 19.95 8.56 -4.79
CA SER A 94 21.19 9.33 -4.90
C SER A 94 22.00 8.85 -6.10
N SER A 95 21.76 9.50 -7.24
CA SER A 95 22.48 9.14 -8.45
C SER A 95 22.32 7.65 -8.74
N GLY A 96 21.32 7.34 -9.54
CA GLY A 96 21.05 5.95 -9.90
C GLY A 96 21.83 5.55 -11.16
N PRO A 97 22.68 4.50 -11.01
CA PRO A 97 23.48 4.01 -12.11
C PRO A 97 22.62 3.22 -13.10
N SER A 98 22.43 3.80 -14.27
CA SER A 98 21.63 3.15 -15.30
C SER A 98 22.43 3.08 -16.61
N SER A 99 22.06 2.12 -17.45
CA SER A 99 22.71 1.93 -18.72
C SER A 99 21.68 1.84 -19.84
N GLY A 100 20.80 0.85 -19.70
CA GLY A 100 19.76 0.64 -20.69
C GLY A 100 18.70 -0.33 -20.17
N GLY A 1 -17.78 -17.12 -24.51
CA GLY A 1 -18.57 -16.04 -23.95
C GLY A 1 -19.99 -16.51 -23.63
N SER A 2 -20.07 -17.42 -22.66
CA SER A 2 -21.36 -17.94 -22.26
C SER A 2 -21.70 -17.49 -20.84
N SER A 3 -20.80 -17.84 -19.92
CA SER A 3 -20.99 -17.47 -18.52
C SER A 3 -21.34 -15.99 -18.41
N GLY A 4 -21.96 -15.65 -17.29
CA GLY A 4 -22.36 -14.27 -17.05
C GLY A 4 -23.43 -14.19 -15.97
N SER A 5 -24.59 -13.70 -16.38
CA SER A 5 -25.72 -13.57 -15.45
C SER A 5 -25.40 -12.51 -14.39
N SER A 6 -26.45 -12.02 -13.76
CA SER A 6 -26.30 -11.00 -12.74
C SER A 6 -26.80 -11.54 -11.39
N GLY A 7 -25.85 -11.88 -10.53
CA GLY A 7 -26.17 -12.40 -9.22
C GLY A 7 -25.19 -13.50 -8.80
N ASP A 8 -24.00 -13.06 -8.39
CA ASP A 8 -22.96 -13.97 -7.96
C ASP A 8 -21.73 -13.18 -7.54
N ASN A 9 -21.64 -12.93 -6.24
CA ASN A 9 -20.52 -12.18 -5.69
C ASN A 9 -19.78 -13.06 -4.68
N TYR A 10 -18.48 -12.81 -4.56
CA TYR A 10 -17.65 -13.55 -3.64
C TYR A 10 -17.99 -13.21 -2.18
N ARG A 11 -18.64 -14.15 -1.52
CA ARG A 11 -19.03 -13.96 -0.13
C ARG A 11 -17.79 -13.74 0.74
N THR A 12 -18.03 -13.25 1.95
CA THR A 12 -16.95 -12.99 2.88
C THR A 12 -15.84 -12.19 2.20
N THR A 13 -16.05 -10.89 2.13
CA THR A 13 -15.07 -10.00 1.51
C THR A 13 -13.75 -10.04 2.28
N GLY A 14 -12.77 -10.70 1.68
CA GLY A 14 -11.47 -10.82 2.30
C GLY A 14 -10.70 -9.50 2.22
N ILE A 15 -11.31 -8.46 2.79
CA ILE A 15 -10.71 -7.14 2.79
C ILE A 15 -10.18 -6.84 4.19
N ALA A 16 -9.32 -5.83 4.26
CA ALA A 16 -8.73 -5.42 5.53
C ALA A 16 -8.46 -3.92 5.50
N THR A 17 -8.86 -3.25 6.57
CA THR A 17 -8.66 -1.82 6.68
C THR A 17 -7.21 -1.51 7.04
N ILE A 18 -6.61 -0.62 6.25
CA ILE A 18 -5.23 -0.23 6.49
C ILE A 18 -5.16 1.28 6.69
N GLU A 19 -4.37 1.67 7.69
CA GLU A 19 -4.21 3.08 8.00
C GLU A 19 -2.92 3.62 7.37
N VAL A 20 -3.10 4.48 6.38
CA VAL A 20 -1.96 5.07 5.68
C VAL A 20 -1.61 6.40 6.35
N PHE A 21 -0.41 6.45 6.91
CA PHE A 21 0.06 7.66 7.57
C PHE A 21 1.01 8.45 6.66
N LEU A 22 0.44 9.42 5.98
CA LEU A 22 1.22 10.26 5.08
C LEU A 22 2.19 11.11 5.90
N PRO A 23 3.27 11.58 5.20
CA PRO A 23 4.28 12.39 5.86
C PRO A 23 3.76 13.82 6.07
N PRO A 24 4.51 14.58 6.92
CA PRO A 24 4.14 15.95 7.22
C PRO A 24 4.46 16.87 6.05
N ARG A 25 3.44 17.13 5.24
CA ARG A 25 3.60 18.00 4.08
C ARG A 25 2.38 17.86 3.15
N LEU A 26 1.80 16.67 3.16
CA LEU A 26 0.65 16.40 2.33
C LEU A 26 -0.61 16.35 3.20
N LYS A 27 -0.59 15.43 4.16
CA LYS A 27 -1.72 15.28 5.07
C LYS A 27 -3.03 15.43 4.28
N LYS A 28 -3.51 14.30 3.77
CA LYS A 28 -4.74 14.30 3.01
C LYS A 28 -5.92 14.46 3.96
N ASP A 29 -6.15 15.69 4.36
CA ASP A 29 -7.25 15.99 5.28
C ASP A 29 -6.81 15.67 6.71
N ARG A 30 -6.53 14.40 6.94
CA ARG A 30 -6.12 13.96 8.26
C ARG A 30 -6.05 12.43 8.31
N LYS A 31 -7.21 11.81 8.33
CA LYS A 31 -7.29 10.35 8.37
C LYS A 31 -7.41 9.82 6.95
N ASN A 32 -6.94 8.59 6.78
CA ASN A 32 -6.98 7.95 5.48
C ASN A 32 -6.90 6.42 5.66
N LEU A 33 -8.02 5.77 5.39
CA LEU A 33 -8.08 4.32 5.51
C LEU A 33 -8.05 3.69 4.12
N LEU A 34 -7.20 2.69 3.99
CA LEU A 34 -7.06 1.99 2.71
C LEU A 34 -7.63 0.58 2.85
N GLU A 35 -8.65 0.30 2.04
CA GLU A 35 -9.29 -1.00 2.06
C GLU A 35 -8.74 -1.88 0.94
N THR A 36 -8.12 -2.98 1.34
CA THR A 36 -7.55 -3.91 0.38
C THR A 36 -7.60 -5.34 0.92
N ARG A 37 -7.39 -6.29 0.03
CA ARG A 37 -7.42 -7.69 0.40
C ARG A 37 -6.10 -8.08 1.06
N LEU A 38 -5.99 -9.36 1.37
CA LEU A 38 -4.78 -9.88 2.01
C LEU A 38 -4.02 -10.77 1.01
N HIS A 39 -4.71 -11.14 -0.05
CA HIS A 39 -4.12 -11.98 -1.07
C HIS A 39 -3.20 -11.14 -1.95
N ILE A 40 -3.37 -9.83 -1.86
CA ILE A 40 -2.56 -8.91 -2.63
C ILE A 40 -1.12 -8.93 -2.09
N THR A 41 -0.18 -8.96 -3.02
CA THR A 41 1.23 -8.98 -2.65
C THR A 41 1.66 -7.61 -2.13
N GLY A 42 2.52 -7.64 -1.13
CA GLY A 42 3.02 -6.41 -0.53
C GLY A 42 3.39 -5.40 -1.61
N ARG A 43 3.91 -5.92 -2.72
CA ARG A 43 4.32 -5.07 -3.83
C ARG A 43 3.12 -4.29 -4.36
N GLU A 44 1.98 -4.96 -4.40
CA GLU A 44 0.76 -4.34 -4.88
C GLU A 44 0.36 -3.17 -3.98
N LEU A 45 0.61 -3.35 -2.69
CA LEU A 45 0.29 -2.31 -1.71
C LEU A 45 1.05 -1.03 -2.05
N ARG A 46 2.37 -1.14 -2.04
CA ARG A 46 3.22 -0.02 -2.36
C ARG A 46 2.68 0.74 -3.58
N SER A 47 2.21 -0.04 -4.55
CA SER A 47 1.66 0.54 -5.76
C SER A 47 0.24 1.06 -5.51
N LYS A 48 -0.47 0.34 -4.65
CA LYS A 48 -1.84 0.72 -4.32
C LYS A 48 -1.83 2.10 -3.69
N ILE A 49 -1.31 2.17 -2.46
CA ILE A 49 -1.23 3.42 -1.75
C ILE A 49 -0.87 4.55 -2.72
N ALA A 50 0.24 4.35 -3.41
CA ALA A 50 0.72 5.34 -4.37
C ALA A 50 -0.45 5.80 -5.23
N GLU A 51 -0.92 4.90 -6.09
CA GLU A 51 -2.02 5.21 -6.97
C GLU A 51 -3.19 5.78 -6.18
N THR A 52 -3.45 5.15 -5.04
CA THR A 52 -4.55 5.58 -4.18
C THR A 52 -4.42 7.08 -3.87
N PHE A 53 -3.33 7.43 -3.22
CA PHE A 53 -3.08 8.81 -2.86
C PHE A 53 -2.41 9.56 -4.02
N GLY A 54 -2.44 8.93 -5.19
CA GLY A 54 -1.84 9.53 -6.37
C GLY A 54 -0.39 9.95 -6.10
N LEU A 55 0.33 9.07 -5.43
CA LEU A 55 1.73 9.34 -5.11
C LEU A 55 2.63 8.51 -6.04
N GLN A 56 3.93 8.65 -5.81
CA GLN A 56 4.90 7.93 -6.62
C GLN A 56 5.40 6.69 -5.88
N GLU A 57 4.90 5.55 -6.32
CA GLU A 57 5.29 4.29 -5.71
C GLU A 57 6.80 4.07 -5.83
N ASN A 58 7.38 4.72 -6.82
CA ASN A 58 8.81 4.62 -7.06
C ASN A 58 9.54 5.63 -6.18
N TYR A 59 8.76 6.34 -5.36
CA TYR A 59 9.32 7.33 -4.48
C TYR A 59 8.67 7.27 -3.09
N ILE A 60 8.27 6.06 -2.72
CA ILE A 60 7.64 5.85 -1.44
C ILE A 60 7.84 4.40 -1.00
N LYS A 61 7.77 4.18 0.30
CA LYS A 61 7.94 2.85 0.86
C LYS A 61 7.10 2.71 2.12
N ILE A 62 6.45 1.56 2.24
CA ILE A 62 5.60 1.30 3.39
C ILE A 62 6.47 0.82 4.56
N VAL A 63 6.01 1.09 5.76
CA VAL A 63 6.73 0.69 6.96
C VAL A 63 5.74 0.17 7.99
N ILE A 64 6.12 -0.93 8.63
CA ILE A 64 5.27 -1.54 9.65
C ILE A 64 6.15 -2.24 10.69
N ASN A 65 5.91 -1.90 11.95
CA ASN A 65 6.68 -2.48 13.03
C ASN A 65 8.16 -2.13 12.86
N LYS A 66 8.42 -0.83 12.78
CA LYS A 66 9.77 -0.34 12.61
C LYS A 66 10.50 -1.23 11.61
N LYS A 67 9.74 -1.79 10.69
CA LYS A 67 10.30 -2.66 9.67
C LYS A 67 9.81 -2.21 8.29
N GLN A 68 10.27 -2.92 7.28
CA GLN A 68 9.88 -2.61 5.90
C GLN A 68 8.81 -3.58 5.41
N LEU A 69 7.96 -3.08 4.53
CA LEU A 69 6.88 -3.89 3.98
C LEU A 69 7.48 -4.98 3.09
N GLN A 70 7.01 -6.21 3.30
CA GLN A 70 7.49 -7.33 2.52
C GLN A 70 6.74 -7.41 1.20
N LEU A 71 7.28 -6.74 0.20
CA LEU A 71 6.68 -6.73 -1.13
C LEU A 71 6.77 -8.13 -1.73
N GLY A 72 7.60 -8.96 -1.10
CA GLY A 72 7.79 -10.32 -1.57
C GLY A 72 6.81 -11.28 -0.89
N LYS A 73 6.22 -10.80 0.20
CA LYS A 73 5.28 -11.60 0.96
C LYS A 73 3.91 -10.90 0.96
N THR A 74 2.87 -11.71 0.92
CA THR A 74 1.51 -11.18 0.91
C THR A 74 1.18 -10.56 2.28
N LEU A 75 0.28 -9.58 2.24
CA LEU A 75 -0.13 -8.90 3.44
C LEU A 75 -0.36 -9.93 4.56
N GLU A 76 -0.91 -11.07 4.16
CA GLU A 76 -1.18 -12.14 5.11
C GLU A 76 0.12 -12.83 5.51
N GLU A 77 0.99 -13.02 4.51
CA GLU A 77 2.26 -13.67 4.76
C GLU A 77 3.06 -12.91 5.82
N GLN A 78 3.27 -11.63 5.55
CA GLN A 78 4.01 -10.78 6.47
C GLN A 78 3.35 -10.80 7.84
N GLY A 79 2.03 -10.68 7.84
CA GLY A 79 1.28 -10.68 9.08
C GLY A 79 0.34 -9.47 9.16
N VAL A 80 -0.49 -9.34 8.14
CA VAL A 80 -1.43 -8.23 8.08
C VAL A 80 -2.85 -8.77 8.20
N ALA A 81 -3.56 -8.27 9.20
CA ALA A 81 -4.93 -8.70 9.44
C ALA A 81 -5.88 -7.60 8.96
N HIS A 82 -6.86 -7.30 9.81
CA HIS A 82 -7.84 -6.28 9.49
C HIS A 82 -7.41 -4.94 10.10
N ASN A 83 -7.04 -5.00 11.37
CA ASN A 83 -6.61 -3.81 12.08
C ASN A 83 -5.09 -3.68 11.96
N VAL A 84 -4.66 -2.96 10.93
CA VAL A 84 -3.25 -2.75 10.70
C VAL A 84 -3.02 -1.31 10.26
N LYS A 85 -1.76 -0.91 10.27
CA LYS A 85 -1.38 0.44 9.87
C LYS A 85 -0.09 0.39 9.06
N ALA A 86 0.16 1.48 8.35
CA ALA A 86 1.35 1.57 7.51
C ALA A 86 1.85 3.02 7.50
N MET A 87 3.16 3.17 7.41
CA MET A 87 3.77 4.48 7.38
C MET A 87 4.40 4.76 6.02
N VAL A 88 3.89 5.79 5.36
CA VAL A 88 4.39 6.17 4.05
C VAL A 88 5.63 7.04 4.22
N LEU A 89 6.74 6.54 3.71
CA LEU A 89 8.01 7.28 3.81
C LEU A 89 8.45 7.69 2.41
N GLU A 90 9.29 8.72 2.37
CA GLU A 90 9.79 9.23 1.11
C GLU A 90 11.25 8.79 0.90
N LEU A 91 11.48 8.10 -0.21
CA LEU A 91 12.82 7.63 -0.52
C LEU A 91 13.74 8.83 -0.76
N LYS A 92 15.00 8.64 -0.41
CA LYS A 92 15.99 9.70 -0.58
C LYS A 92 17.24 9.12 -1.25
N GLN A 93 17.53 9.64 -2.43
CA GLN A 93 18.69 9.18 -3.18
C GLN A 93 19.10 10.23 -4.20
N SER A 94 20.33 10.09 -4.69
CA SER A 94 20.85 11.01 -5.69
C SER A 94 21.73 10.27 -6.69
N SER A 95 21.09 9.83 -7.77
CA SER A 95 21.80 9.10 -8.80
C SER A 95 20.96 9.06 -10.08
N GLY A 96 21.56 9.53 -11.16
CA GLY A 96 20.88 9.55 -12.44
C GLY A 96 20.52 8.14 -12.90
N PRO A 97 19.50 8.06 -13.79
CA PRO A 97 19.05 6.78 -14.31
C PRO A 97 20.04 6.23 -15.34
N SER A 98 20.21 6.99 -16.42
CA SER A 98 21.11 6.60 -17.48
C SER A 98 20.74 5.21 -18.00
N SER A 99 19.66 5.17 -18.75
CA SER A 99 19.18 3.91 -19.32
C SER A 99 18.72 2.98 -18.19
N GLY A 100 17.52 2.45 -18.37
CA GLY A 100 16.95 1.55 -17.39
C GLY A 100 15.43 1.42 -17.57
N GLY A 1 -20.67 7.41 -23.79
CA GLY A 1 -21.64 7.13 -22.73
C GLY A 1 -21.79 5.63 -22.51
N SER A 2 -21.59 5.21 -21.28
CA SER A 2 -21.70 3.80 -20.94
C SER A 2 -23.17 3.44 -20.69
N SER A 3 -23.46 2.15 -20.79
CA SER A 3 -24.80 1.66 -20.59
C SER A 3 -24.77 0.17 -20.25
N GLY A 4 -25.42 -0.16 -19.14
CA GLY A 4 -25.48 -1.54 -18.70
C GLY A 4 -25.25 -1.64 -17.19
N SER A 5 -26.04 -2.50 -16.56
CA SER A 5 -25.95 -2.69 -15.12
C SER A 5 -25.98 -4.19 -14.79
N SER A 6 -27.07 -4.82 -15.22
CA SER A 6 -27.24 -6.25 -14.97
C SER A 6 -27.30 -6.52 -13.47
N GLY A 7 -27.90 -7.66 -13.12
CA GLY A 7 -28.02 -8.05 -11.73
C GLY A 7 -27.21 -9.30 -11.44
N ASP A 8 -27.64 -10.01 -10.41
CA ASP A 8 -26.96 -11.24 -10.00
C ASP A 8 -25.51 -10.92 -9.66
N ASN A 9 -25.23 -10.94 -8.36
CA ASN A 9 -23.89 -10.66 -7.88
C ASN A 9 -23.84 -10.88 -6.37
N TYR A 10 -23.02 -11.85 -5.97
CA TYR A 10 -22.88 -12.17 -4.56
C TYR A 10 -21.43 -12.51 -4.22
N ARG A 11 -20.99 -12.01 -3.08
CA ARG A 11 -19.63 -12.25 -2.63
C ARG A 11 -19.42 -11.68 -1.22
N THR A 12 -18.21 -11.84 -0.73
CA THR A 12 -17.87 -11.35 0.60
C THR A 12 -16.52 -10.61 0.57
N THR A 13 -15.50 -11.34 0.15
CA THR A 13 -14.17 -10.77 0.07
C THR A 13 -13.60 -10.54 1.47
N GLY A 14 -14.15 -9.54 2.14
CA GLY A 14 -13.71 -9.21 3.49
C GLY A 14 -12.81 -7.98 3.48
N ILE A 15 -11.70 -8.10 2.76
CA ILE A 15 -10.75 -7.01 2.66
C ILE A 15 -10.27 -6.63 4.06
N ALA A 16 -9.13 -5.97 4.11
CA ALA A 16 -8.55 -5.54 5.38
C ALA A 16 -8.28 -4.04 5.33
N THR A 17 -8.71 -3.36 6.37
CA THR A 17 -8.52 -1.92 6.47
C THR A 17 -7.08 -1.58 6.87
N ILE A 18 -6.48 -0.68 6.12
CA ILE A 18 -5.11 -0.28 6.39
C ILE A 18 -5.08 1.23 6.65
N GLU A 19 -4.30 1.60 7.66
CA GLU A 19 -4.17 3.00 8.03
C GLU A 19 -2.88 3.59 7.43
N VAL A 20 -3.07 4.48 6.46
CA VAL A 20 -1.94 5.12 5.82
C VAL A 20 -1.66 6.46 6.49
N PHE A 21 -0.42 6.62 6.93
CA PHE A 21 -0.01 7.84 7.59
C PHE A 21 0.97 8.63 6.72
N LEU A 22 0.42 9.59 5.98
CA LEU A 22 1.24 10.42 5.10
C LEU A 22 2.14 11.30 5.95
N PRO A 23 3.28 11.71 5.33
CA PRO A 23 4.25 12.55 6.01
C PRO A 23 3.74 13.99 6.11
N PRO A 24 4.41 14.78 7.01
CA PRO A 24 4.03 16.17 7.20
C PRO A 24 4.52 17.04 6.04
N ARG A 25 4.10 16.66 4.84
CA ARG A 25 4.48 17.38 3.65
C ARG A 25 3.26 17.59 2.74
N LEU A 26 2.50 16.53 2.57
CA LEU A 26 1.32 16.58 1.73
C LEU A 26 0.14 17.11 2.56
N LYS A 27 -0.11 16.44 3.67
CA LYS A 27 -1.20 16.83 4.54
C LYS A 27 -2.46 17.08 3.72
N LYS A 28 -3.23 16.00 3.54
CA LYS A 28 -4.45 16.09 2.77
C LYS A 28 -5.65 16.02 3.72
N ASP A 29 -5.73 14.92 4.46
CA ASP A 29 -6.81 14.72 5.40
C ASP A 29 -6.24 14.22 6.73
N ARG A 30 -7.07 14.27 7.76
CA ARG A 30 -6.66 13.84 9.08
C ARG A 30 -6.31 12.35 9.06
N LYS A 31 -7.27 11.54 8.63
CA LYS A 31 -7.08 10.11 8.56
C LYS A 31 -7.20 9.65 7.10
N ASN A 32 -6.73 8.45 6.84
CA ASN A 32 -6.78 7.88 5.50
C ASN A 32 -6.65 6.37 5.58
N LEU A 33 -7.79 5.70 5.49
CA LEU A 33 -7.82 4.26 5.56
C LEU A 33 -7.83 3.68 4.13
N LEU A 34 -7.10 2.59 3.96
CA LEU A 34 -7.01 1.95 2.66
C LEU A 34 -7.58 0.52 2.76
N GLU A 35 -8.61 0.27 1.97
CA GLU A 35 -9.25 -1.04 1.95
C GLU A 35 -8.65 -1.91 0.85
N THR A 36 -7.98 -2.97 1.27
CA THR A 36 -7.36 -3.88 0.32
C THR A 36 -7.35 -5.30 0.89
N ARG A 37 -7.25 -6.27 -0.01
CA ARG A 37 -7.22 -7.66 0.38
C ARG A 37 -5.88 -8.00 1.03
N LEU A 38 -5.72 -9.28 1.35
CA LEU A 38 -4.49 -9.75 1.98
C LEU A 38 -3.70 -10.58 0.97
N HIS A 39 -4.43 -11.33 0.16
CA HIS A 39 -3.81 -12.18 -0.85
C HIS A 39 -2.90 -11.33 -1.74
N ILE A 40 -3.26 -10.06 -1.86
CA ILE A 40 -2.50 -9.14 -2.68
C ILE A 40 -1.05 -9.10 -2.18
N THR A 41 -0.13 -9.02 -3.13
CA THR A 41 1.29 -8.97 -2.80
C THR A 41 1.66 -7.60 -2.23
N GLY A 42 2.53 -7.62 -1.23
CA GLY A 42 2.97 -6.39 -0.60
C GLY A 42 3.26 -5.31 -1.64
N ARG A 43 3.79 -5.75 -2.77
CA ARG A 43 4.12 -4.84 -3.84
C ARG A 43 2.85 -4.13 -4.35
N GLU A 44 1.81 -4.92 -4.53
CA GLU A 44 0.54 -4.39 -5.01
C GLU A 44 0.11 -3.21 -4.14
N LEU A 45 0.46 -3.30 -2.86
CA LEU A 45 0.12 -2.25 -1.92
C LEU A 45 0.91 -0.99 -2.25
N ARG A 46 2.22 -1.12 -2.21
CA ARG A 46 3.11 -0.01 -2.50
C ARG A 46 2.62 0.74 -3.74
N SER A 47 2.02 -0.01 -4.66
CA SER A 47 1.51 0.57 -5.88
C SER A 47 0.10 1.12 -5.66
N LYS A 48 -0.64 0.42 -4.81
CA LYS A 48 -2.00 0.83 -4.50
C LYS A 48 -1.99 2.23 -3.88
N ILE A 49 -1.47 2.31 -2.67
CA ILE A 49 -1.38 3.56 -1.96
C ILE A 49 -1.00 4.68 -2.95
N ALA A 50 0.07 4.43 -3.68
CA ALA A 50 0.55 5.40 -4.66
C ALA A 50 -0.64 5.86 -5.51
N GLU A 51 -1.12 4.96 -6.36
CA GLU A 51 -2.23 5.26 -7.23
C GLU A 51 -3.39 5.84 -6.42
N THR A 52 -3.65 5.21 -5.28
CA THR A 52 -4.74 5.65 -4.42
C THR A 52 -4.64 7.16 -4.17
N PHE A 53 -3.53 7.57 -3.60
CA PHE A 53 -3.30 8.98 -3.32
C PHE A 53 -2.52 9.65 -4.45
N GLY A 54 -2.55 9.01 -5.60
CA GLY A 54 -1.85 9.54 -6.77
C GLY A 54 -0.39 9.83 -6.44
N LEU A 55 0.08 9.21 -5.38
CA LEU A 55 1.46 9.40 -4.95
C LEU A 55 2.39 8.54 -5.80
N GLN A 56 3.63 8.44 -5.36
CA GLN A 56 4.61 7.64 -6.08
C GLN A 56 4.75 6.26 -5.44
N GLU A 57 4.93 5.27 -6.30
CA GLU A 57 5.09 3.90 -5.83
C GLU A 57 6.55 3.47 -5.91
N ASN A 58 7.28 4.11 -6.81
CA ASN A 58 8.69 3.82 -7.00
C ASN A 58 9.53 4.79 -6.18
N TYR A 59 8.85 5.57 -5.37
CA TYR A 59 9.52 6.55 -4.53
C TYR A 59 8.90 6.58 -3.12
N ILE A 60 8.43 5.42 -2.69
CA ILE A 60 7.82 5.30 -1.38
C ILE A 60 8.07 3.89 -0.83
N LYS A 61 7.92 3.76 0.47
CA LYS A 61 8.12 2.49 1.13
C LYS A 61 7.22 2.41 2.37
N ILE A 62 6.48 1.31 2.46
CA ILE A 62 5.58 1.10 3.57
C ILE A 62 6.38 0.60 4.77
N VAL A 63 5.87 0.91 5.96
CA VAL A 63 6.52 0.49 7.19
C VAL A 63 5.47 -0.04 8.17
N ILE A 64 5.77 -1.20 8.74
CA ILE A 64 4.86 -1.82 9.69
C ILE A 64 5.68 -2.52 10.77
N ASN A 65 5.34 -2.20 12.01
CA ASN A 65 6.04 -2.79 13.15
C ASN A 65 7.51 -2.42 13.08
N LYS A 66 7.77 -1.13 13.00
CA LYS A 66 9.14 -0.64 12.93
C LYS A 66 9.93 -1.49 11.92
N LYS A 67 9.20 -2.03 10.97
CA LYS A 67 9.81 -2.86 9.94
C LYS A 67 9.38 -2.35 8.56
N GLN A 68 9.89 -3.02 7.54
CA GLN A 68 9.57 -2.66 6.17
C GLN A 68 8.56 -3.63 5.58
N LEU A 69 7.74 -3.12 4.68
CA LEU A 69 6.72 -3.93 4.04
C LEU A 69 7.39 -4.98 3.15
N GLN A 70 6.99 -6.23 3.35
CA GLN A 70 7.54 -7.33 2.57
C GLN A 70 6.84 -7.43 1.22
N LEU A 71 7.27 -6.58 0.29
CA LEU A 71 6.69 -6.58 -1.04
C LEU A 71 6.84 -7.96 -1.68
N GLY A 72 7.76 -8.74 -1.10
CA GLY A 72 8.01 -10.08 -1.60
C GLY A 72 7.03 -11.08 -0.98
N LYS A 73 6.38 -10.65 0.08
CA LYS A 73 5.42 -11.50 0.77
C LYS A 73 4.05 -10.82 0.77
N THR A 74 3.02 -11.64 0.78
CA THR A 74 1.65 -11.13 0.79
C THR A 74 1.31 -10.54 2.16
N LEU A 75 0.45 -9.54 2.12
CA LEU A 75 0.03 -8.87 3.34
C LEU A 75 -0.18 -9.91 4.44
N GLU A 76 -0.62 -11.09 4.03
CA GLU A 76 -0.86 -12.17 4.97
C GLU A 76 0.47 -12.72 5.49
N GLU A 77 1.32 -13.13 4.56
CA GLU A 77 2.62 -13.67 4.91
C GLU A 77 3.25 -12.86 6.04
N GLN A 78 3.45 -11.58 5.76
CA GLN A 78 4.04 -10.69 6.76
C GLN A 78 3.23 -10.74 8.05
N GLY A 79 1.92 -10.69 7.89
CA GLY A 79 1.02 -10.72 9.04
C GLY A 79 0.15 -9.47 9.09
N VAL A 80 -0.53 -9.21 7.97
CA VAL A 80 -1.40 -8.06 7.88
C VAL A 80 -2.85 -8.49 8.12
N ALA A 81 -3.46 -7.88 9.11
CA ALA A 81 -4.84 -8.18 9.45
C ALA A 81 -5.71 -6.96 9.20
N HIS A 82 -6.95 -7.05 9.67
CA HIS A 82 -7.89 -5.95 9.49
C HIS A 82 -7.60 -4.86 10.54
N ASN A 83 -7.57 -3.63 10.05
CA ASN A 83 -7.30 -2.49 10.91
C ASN A 83 -5.84 -2.54 11.37
N VAL A 84 -4.95 -2.18 10.46
CA VAL A 84 -3.53 -2.17 10.76
C VAL A 84 -2.97 -0.78 10.52
N LYS A 85 -1.74 -0.58 10.96
CA LYS A 85 -1.08 0.70 10.81
C LYS A 85 0.06 0.57 9.78
N ALA A 86 0.15 1.57 8.92
CA ALA A 86 1.17 1.57 7.89
C ALA A 86 1.69 3.01 7.69
N MET A 87 3.00 3.14 7.72
CA MET A 87 3.64 4.44 7.56
C MET A 87 4.20 4.58 6.14
N VAL A 88 4.03 5.79 5.59
CA VAL A 88 4.51 6.07 4.26
C VAL A 88 5.87 6.79 4.35
N LEU A 89 6.88 6.14 3.80
CA LEU A 89 8.22 6.71 3.82
C LEU A 89 8.68 6.96 2.38
N GLU A 90 9.56 7.94 2.23
CA GLU A 90 10.08 8.29 0.92
C GLU A 90 11.51 7.75 0.76
N LEU A 91 11.72 7.05 -0.34
CA LEU A 91 13.03 6.48 -0.62
C LEU A 91 14.09 7.58 -0.54
N LYS A 92 15.34 7.16 -0.67
CA LYS A 92 16.45 8.10 -0.62
C LYS A 92 17.57 7.60 -1.52
N GLN A 93 17.26 7.50 -2.80
CA GLN A 93 18.22 7.03 -3.78
C GLN A 93 17.93 7.65 -5.15
N SER A 94 18.76 8.61 -5.52
CA SER A 94 18.60 9.29 -6.80
C SER A 94 18.89 8.32 -7.95
N SER A 95 18.20 8.55 -9.06
CA SER A 95 18.38 7.70 -10.23
C SER A 95 18.49 8.57 -11.49
N GLY A 96 19.05 7.98 -12.52
CA GLY A 96 19.22 8.68 -13.79
C GLY A 96 17.96 8.59 -14.65
N PRO A 97 17.83 9.56 -15.58
CA PRO A 97 16.67 9.60 -16.47
C PRO A 97 16.78 8.52 -17.55
N SER A 98 15.66 8.29 -18.21
CA SER A 98 15.61 7.29 -19.26
C SER A 98 14.20 7.23 -19.86
N SER A 99 14.11 7.65 -21.11
CA SER A 99 12.83 7.65 -21.81
C SER A 99 13.01 7.06 -23.22
N GLY A 100 13.86 7.71 -23.98
CA GLY A 100 14.13 7.27 -25.35
C GLY A 100 13.77 8.36 -26.36
N GLY A 1 -9.62 15.40 -16.09
CA GLY A 1 -9.50 14.63 -14.87
C GLY A 1 -10.38 13.38 -14.91
N SER A 2 -9.72 12.23 -14.81
CA SER A 2 -10.42 10.96 -14.84
C SER A 2 -9.48 9.83 -14.39
N SER A 3 -10.07 8.84 -13.73
CA SER A 3 -9.31 7.72 -13.25
C SER A 3 -10.11 6.42 -13.43
N GLY A 4 -11.29 6.40 -12.82
CA GLY A 4 -12.17 5.25 -12.91
C GLY A 4 -13.10 5.17 -11.71
N SER A 5 -13.56 3.97 -11.43
CA SER A 5 -14.46 3.74 -10.30
C SER A 5 -14.65 2.24 -10.08
N SER A 6 -15.13 1.92 -8.88
CA SER A 6 -15.37 0.53 -8.52
C SER A 6 -16.32 0.45 -7.34
N GLY A 7 -16.99 -0.70 -7.22
CA GLY A 7 -17.93 -0.92 -6.14
C GLY A 7 -17.90 -2.36 -5.67
N ASP A 8 -17.78 -2.53 -4.36
CA ASP A 8 -17.73 -3.85 -3.76
C ASP A 8 -18.03 -3.75 -2.27
N ASN A 9 -19.21 -4.23 -1.89
CA ASN A 9 -19.63 -4.19 -0.51
C ASN A 9 -20.31 -5.51 -0.15
N TYR A 10 -21.33 -5.84 -0.93
CA TYR A 10 -22.07 -7.07 -0.71
C TYR A 10 -21.12 -8.27 -0.58
N ARG A 11 -21.64 -9.33 0.02
CA ARG A 11 -20.85 -10.53 0.21
C ARG A 11 -19.64 -10.25 1.10
N THR A 12 -19.23 -11.27 1.84
CA THR A 12 -18.09 -11.14 2.73
C THR A 12 -16.79 -11.43 1.97
N THR A 13 -16.18 -10.37 1.48
CA THR A 13 -14.92 -10.51 0.74
C THR A 13 -13.73 -10.47 1.70
N GLY A 14 -12.57 -10.79 1.16
CA GLY A 14 -11.35 -10.81 1.95
C GLY A 14 -10.72 -9.42 2.01
N ILE A 15 -11.57 -8.41 2.19
CA ILE A 15 -11.11 -7.04 2.25
C ILE A 15 -10.55 -6.77 3.65
N ALA A 16 -9.67 -5.78 3.72
CA ALA A 16 -9.05 -5.42 4.97
C ALA A 16 -8.64 -3.94 4.93
N THR A 17 -9.17 -3.18 5.88
CA THR A 17 -8.87 -1.76 5.95
C THR A 17 -7.47 -1.54 6.54
N ILE A 18 -6.72 -0.67 5.88
CA ILE A 18 -5.37 -0.36 6.32
C ILE A 18 -5.26 1.14 6.59
N GLU A 19 -4.51 1.46 7.64
CA GLU A 19 -4.31 2.85 8.01
C GLU A 19 -2.98 3.37 7.48
N VAL A 20 -3.09 4.28 6.51
CA VAL A 20 -1.89 4.86 5.90
C VAL A 20 -1.61 6.22 6.53
N PHE A 21 -0.40 6.38 7.02
CA PHE A 21 0.01 7.61 7.65
C PHE A 21 0.97 8.40 6.76
N LEU A 22 0.40 9.33 6.00
CA LEU A 22 1.19 10.15 5.10
C LEU A 22 2.11 11.06 5.92
N PRO A 23 3.25 11.44 5.29
CA PRO A 23 4.22 12.30 5.95
C PRO A 23 3.72 13.75 6.00
N PRO A 24 4.50 14.60 6.71
CA PRO A 24 4.15 16.01 6.84
C PRO A 24 4.44 16.77 5.54
N ARG A 25 5.42 16.26 4.80
CA ARG A 25 5.80 16.88 3.55
C ARG A 25 4.57 17.09 2.66
N LEU A 26 3.53 16.32 2.95
CA LEU A 26 2.30 16.42 2.20
C LEU A 26 1.21 17.02 3.09
N LYS A 27 0.58 16.16 3.88
CA LYS A 27 -0.48 16.58 4.76
C LYS A 27 -1.72 16.97 3.94
N LYS A 28 -2.51 15.95 3.61
CA LYS A 28 -3.71 16.17 2.84
C LYS A 28 -4.92 16.13 3.76
N ASP A 29 -5.22 14.94 4.26
CA ASP A 29 -6.34 14.75 5.15
C ASP A 29 -5.83 14.31 6.52
N ARG A 30 -6.74 14.31 7.48
CA ARG A 30 -6.40 13.90 8.84
C ARG A 30 -6.13 12.39 8.90
N LYS A 31 -7.15 11.64 8.49
CA LYS A 31 -7.04 10.18 8.50
C LYS A 31 -7.09 9.68 7.05
N ASN A 32 -6.61 8.45 6.88
CA ASN A 32 -6.59 7.84 5.57
C ASN A 32 -6.59 6.32 5.72
N LEU A 33 -7.67 5.70 5.25
CA LEU A 33 -7.80 4.26 5.33
C LEU A 33 -7.78 3.67 3.92
N LEU A 34 -7.10 2.54 3.79
CA LEU A 34 -7.00 1.87 2.50
C LEU A 34 -7.67 0.50 2.59
N GLU A 35 -8.70 0.32 1.76
CA GLU A 35 -9.43 -0.94 1.74
C GLU A 35 -8.81 -1.89 0.71
N THR A 36 -8.14 -2.91 1.22
CA THR A 36 -7.51 -3.90 0.36
C THR A 36 -7.50 -5.27 1.03
N ARG A 37 -7.27 -6.29 0.23
CA ARG A 37 -7.24 -7.65 0.73
C ARG A 37 -5.88 -7.95 1.37
N LEU A 38 -5.65 -9.22 1.62
CA LEU A 38 -4.40 -9.64 2.23
C LEU A 38 -3.63 -10.54 1.25
N HIS A 39 -4.38 -11.34 0.51
CA HIS A 39 -3.80 -12.24 -0.46
C HIS A 39 -2.92 -11.44 -1.43
N ILE A 40 -3.23 -10.16 -1.54
CA ILE A 40 -2.49 -9.28 -2.43
C ILE A 40 -1.03 -9.21 -1.96
N THR A 41 -0.15 -9.09 -2.93
CA THR A 41 1.28 -9.00 -2.64
C THR A 41 1.64 -7.60 -2.14
N GLY A 42 2.54 -7.58 -1.17
CA GLY A 42 2.98 -6.31 -0.60
C GLY A 42 3.20 -5.27 -1.69
N ARG A 43 3.69 -5.73 -2.82
CA ARG A 43 3.94 -4.85 -3.95
C ARG A 43 2.64 -4.15 -4.38
N GLU A 44 1.58 -4.94 -4.45
CA GLU A 44 0.29 -4.41 -4.84
C GLU A 44 -0.08 -3.20 -3.98
N LEU A 45 0.26 -3.29 -2.71
CA LEU A 45 -0.02 -2.21 -1.79
C LEU A 45 0.76 -0.96 -2.21
N ARG A 46 2.07 -1.11 -2.25
CA ARG A 46 2.93 0.00 -2.64
C ARG A 46 2.33 0.76 -3.82
N SER A 47 1.88 0.01 -4.80
CA SER A 47 1.27 0.60 -5.99
C SER A 47 -0.08 1.21 -5.63
N LYS A 48 -0.79 0.52 -4.74
CA LYS A 48 -2.11 0.97 -4.31
C LYS A 48 -1.97 2.37 -3.71
N ILE A 49 -1.34 2.43 -2.55
CA ILE A 49 -1.14 3.69 -1.86
C ILE A 49 -0.82 4.78 -2.89
N ALA A 50 0.27 4.56 -3.62
CA ALA A 50 0.69 5.51 -4.63
C ALA A 50 -0.53 5.99 -5.41
N GLU A 51 -1.06 5.10 -6.23
CA GLU A 51 -2.23 5.42 -7.04
C GLU A 51 -3.32 6.05 -6.17
N THR A 52 -3.59 5.39 -5.05
CA THR A 52 -4.61 5.87 -4.13
C THR A 52 -4.43 7.37 -3.88
N PHE A 53 -3.30 7.71 -3.28
CA PHE A 53 -2.99 9.10 -2.98
C PHE A 53 -2.30 9.78 -4.17
N GLY A 54 -2.42 9.14 -5.32
CA GLY A 54 -1.80 9.67 -6.53
C GLY A 54 -0.31 9.92 -6.32
N LEU A 55 0.23 9.30 -5.28
CA LEU A 55 1.64 9.46 -4.97
C LEU A 55 2.46 8.53 -5.86
N GLN A 56 3.72 8.34 -5.47
CA GLN A 56 4.62 7.48 -6.23
C GLN A 56 4.74 6.12 -5.55
N GLU A 57 4.91 5.10 -6.37
CA GLU A 57 5.04 3.74 -5.87
C GLU A 57 6.50 3.28 -5.96
N ASN A 58 7.20 3.81 -6.95
CA ASN A 58 8.59 3.47 -7.15
C ASN A 58 9.47 4.47 -6.38
N TYR A 59 8.82 5.27 -5.57
CA TYR A 59 9.52 6.26 -4.77
C TYR A 59 8.95 6.33 -3.35
N ILE A 60 8.49 5.18 -2.88
CA ILE A 60 7.92 5.10 -1.54
C ILE A 60 8.16 3.70 -0.97
N LYS A 61 8.04 3.59 0.34
CA LYS A 61 8.24 2.33 1.02
C LYS A 61 7.36 2.26 2.25
N ILE A 62 6.54 1.22 2.31
CA ILE A 62 5.64 1.04 3.44
C ILE A 62 6.42 0.49 4.63
N VAL A 63 5.93 0.81 5.82
CA VAL A 63 6.57 0.37 7.04
C VAL A 63 5.51 -0.11 8.02
N ILE A 64 5.77 -1.28 8.61
CA ILE A 64 4.85 -1.87 9.56
C ILE A 64 5.64 -2.57 10.66
N ASN A 65 5.25 -2.30 11.90
CA ASN A 65 5.91 -2.90 13.04
C ASN A 65 7.41 -2.65 12.95
N LYS A 66 7.77 -1.38 12.88
CA LYS A 66 9.17 -0.99 12.79
C LYS A 66 9.88 -1.93 11.81
N LYS A 67 9.21 -2.20 10.70
CA LYS A 67 9.77 -3.07 9.69
C LYS A 67 9.39 -2.54 8.30
N GLN A 68 9.87 -3.25 7.28
CA GLN A 68 9.59 -2.86 5.91
C GLN A 68 8.53 -3.77 5.29
N LEU A 69 7.75 -3.20 4.39
CA LEU A 69 6.70 -3.94 3.73
C LEU A 69 7.32 -5.03 2.86
N GLN A 70 7.04 -6.27 3.23
CA GLN A 70 7.57 -7.41 2.49
C GLN A 70 6.82 -7.58 1.17
N LEU A 71 7.30 -6.88 0.15
CA LEU A 71 6.68 -6.95 -1.17
C LEU A 71 6.79 -8.38 -1.70
N GLY A 72 7.89 -9.03 -1.36
CA GLY A 72 8.13 -10.39 -1.80
C GLY A 72 7.12 -11.36 -1.17
N LYS A 73 6.58 -10.93 -0.04
CA LYS A 73 5.61 -11.74 0.66
C LYS A 73 4.24 -11.03 0.64
N THR A 74 3.22 -11.78 1.04
CA THR A 74 1.88 -11.24 1.07
C THR A 74 1.59 -10.58 2.42
N LEU A 75 0.69 -9.60 2.39
CA LEU A 75 0.33 -8.88 3.60
C LEU A 75 0.22 -9.88 4.76
N GLU A 76 -0.36 -11.03 4.45
CA GLU A 76 -0.53 -12.07 5.45
C GLU A 76 0.83 -12.59 5.93
N GLU A 77 1.66 -12.95 4.96
CA GLU A 77 2.98 -13.46 5.26
C GLU A 77 3.71 -12.52 6.21
N GLN A 78 3.83 -11.27 5.79
CA GLN A 78 4.50 -10.26 6.60
C GLN A 78 3.77 -10.08 7.93
N GLY A 79 2.55 -10.59 7.97
CA GLY A 79 1.74 -10.49 9.17
C GLY A 79 0.97 -9.17 9.21
N VAL A 80 0.12 -8.98 8.21
CA VAL A 80 -0.67 -7.77 8.12
C VAL A 80 -2.14 -8.15 7.99
N ALA A 81 -2.89 -7.86 9.05
CA ALA A 81 -4.31 -8.16 9.08
C ALA A 81 -5.10 -6.85 9.04
N HIS A 82 -6.39 -6.97 9.30
CA HIS A 82 -7.27 -5.81 9.31
C HIS A 82 -6.96 -4.93 10.52
N ASN A 83 -7.45 -3.70 10.46
CA ASN A 83 -7.24 -2.76 11.54
C ASN A 83 -5.75 -2.71 11.89
N VAL A 84 -4.96 -2.38 10.88
CA VAL A 84 -3.51 -2.29 11.06
C VAL A 84 -3.04 -0.89 10.68
N LYS A 85 -1.80 -0.60 11.07
CA LYS A 85 -1.22 0.71 10.78
C LYS A 85 -0.01 0.52 9.85
N ALA A 86 0.15 1.48 8.95
CA ALA A 86 1.25 1.44 8.00
C ALA A 86 1.78 2.86 7.78
N MET A 87 3.09 2.96 7.67
CA MET A 87 3.73 4.25 7.46
C MET A 87 4.28 4.35 6.03
N VAL A 88 4.17 5.55 5.48
CA VAL A 88 4.64 5.80 4.12
C VAL A 88 5.97 6.56 4.19
N LEU A 89 7.01 5.93 3.67
CA LEU A 89 8.33 6.53 3.66
C LEU A 89 8.76 6.77 2.22
N GLU A 90 9.60 7.79 2.04
CA GLU A 90 10.10 8.14 0.73
C GLU A 90 11.52 7.60 0.54
N LEU A 91 11.70 6.85 -0.54
CA LEU A 91 12.99 6.27 -0.84
C LEU A 91 14.06 7.37 -0.76
N LYS A 92 15.19 7.00 -0.15
CA LYS A 92 16.29 7.94 0.00
C LYS A 92 17.60 7.24 -0.38
N GLN A 93 18.31 7.85 -1.32
CA GLN A 93 19.57 7.29 -1.77
C GLN A 93 19.41 5.81 -2.11
N SER A 94 18.88 5.57 -3.31
CA SER A 94 18.67 4.20 -3.76
C SER A 94 20.01 3.53 -4.02
N SER A 95 20.77 4.13 -4.93
CA SER A 95 22.08 3.59 -5.28
C SER A 95 21.93 2.25 -6.00
N GLY A 96 23.03 1.78 -6.54
CA GLY A 96 23.03 0.51 -7.26
C GLY A 96 22.35 0.65 -8.61
N PRO A 97 23.18 0.84 -9.67
CA PRO A 97 22.67 1.00 -11.02
C PRO A 97 22.21 -0.35 -11.58
N SER A 98 23.09 -1.35 -11.45
CA SER A 98 22.79 -2.68 -11.93
C SER A 98 21.91 -3.43 -10.92
N SER A 99 21.25 -4.46 -11.41
CA SER A 99 20.38 -5.25 -10.56
C SER A 99 20.42 -6.72 -11.00
N GLY A 100 20.45 -7.61 -10.01
CA GLY A 100 20.50 -9.04 -10.28
C GLY A 100 21.60 -9.71 -9.47
N GLY A 1 -1.44 10.00 -21.44
CA GLY A 1 -2.37 9.30 -20.56
C GLY A 1 -2.41 9.95 -19.17
N SER A 2 -3.20 9.35 -18.30
CA SER A 2 -3.34 9.86 -16.95
C SER A 2 -3.60 8.69 -15.98
N SER A 3 -4.68 7.97 -16.25
CA SER A 3 -5.06 6.85 -15.42
C SER A 3 -6.37 6.23 -15.92
N GLY A 4 -6.70 5.08 -15.36
CA GLY A 4 -7.91 4.38 -15.74
C GLY A 4 -8.14 3.16 -14.86
N SER A 5 -9.41 2.74 -14.79
CA SER A 5 -9.77 1.59 -13.99
C SER A 5 -11.28 1.32 -14.12
N SER A 6 -11.68 0.16 -13.62
CA SER A 6 -13.08 -0.22 -13.67
C SER A 6 -13.28 -1.58 -12.98
N GLY A 7 -14.53 -1.86 -12.68
CA GLY A 7 -14.86 -3.12 -12.02
C GLY A 7 -16.25 -3.05 -11.36
N ASP A 8 -16.78 -4.22 -11.04
CA ASP A 8 -18.09 -4.30 -10.41
C ASP A 8 -18.36 -5.75 -9.99
N ASN A 9 -19.03 -5.88 -8.86
CA ASN A 9 -19.37 -7.20 -8.35
C ASN A 9 -20.03 -7.05 -6.98
N TYR A 10 -21.02 -7.91 -6.74
CA TYR A 10 -21.74 -7.88 -5.48
C TYR A 10 -21.42 -9.12 -4.64
N ARG A 11 -20.58 -8.90 -3.63
CA ARG A 11 -20.19 -9.98 -2.75
C ARG A 11 -19.66 -9.43 -1.42
N THR A 12 -19.69 -10.28 -0.41
CA THR A 12 -19.22 -9.88 0.91
C THR A 12 -17.70 -10.03 1.00
N THR A 13 -17.00 -9.26 0.17
CA THR A 13 -15.55 -9.30 0.15
C THR A 13 -14.99 -8.92 1.52
N GLY A 14 -14.28 -9.87 2.11
CA GLY A 14 -13.68 -9.67 3.42
C GLY A 14 -12.96 -8.32 3.48
N ILE A 15 -12.09 -8.09 2.49
CA ILE A 15 -11.33 -6.86 2.42
C ILE A 15 -10.60 -6.65 3.75
N ALA A 16 -9.67 -5.70 3.72
CA ALA A 16 -8.89 -5.38 4.91
C ALA A 16 -8.52 -3.90 4.89
N THR A 17 -8.98 -3.20 5.91
CA THR A 17 -8.70 -1.76 6.02
C THR A 17 -7.28 -1.55 6.52
N ILE A 18 -6.58 -0.64 5.84
CA ILE A 18 -5.21 -0.33 6.19
C ILE A 18 -5.10 1.16 6.53
N GLU A 19 -4.31 1.45 7.55
CA GLU A 19 -4.12 2.82 7.99
C GLU A 19 -2.82 3.38 7.42
N VAL A 20 -2.97 4.33 6.49
CA VAL A 20 -1.81 4.95 5.87
C VAL A 20 -1.56 6.31 6.50
N PHE A 21 -0.32 6.52 6.93
CA PHE A 21 0.06 7.77 7.57
C PHE A 21 1.02 8.56 6.67
N LEU A 22 0.45 9.48 5.91
CA LEU A 22 1.25 10.31 5.02
C LEU A 22 2.20 11.17 5.84
N PRO A 23 3.34 11.55 5.18
CA PRO A 23 4.33 12.38 5.83
C PRO A 23 3.86 13.83 5.96
N PRO A 24 4.55 14.58 6.86
CA PRO A 24 4.22 15.98 7.08
C PRO A 24 4.70 16.85 5.92
N ARG A 25 4.25 16.49 4.72
CA ARG A 25 4.63 17.22 3.53
C ARG A 25 3.40 17.48 2.65
N LEU A 26 2.61 16.43 2.48
CA LEU A 26 1.41 16.52 1.67
C LEU A 26 0.28 17.11 2.51
N LYS A 27 -0.09 16.37 3.54
CA LYS A 27 -1.16 16.81 4.43
C LYS A 27 -2.39 17.15 3.60
N LYS A 28 -3.02 16.11 3.06
CA LYS A 28 -4.21 16.28 2.25
C LYS A 28 -5.43 16.42 3.17
N ASP A 29 -5.79 15.30 3.78
CA ASP A 29 -6.93 15.28 4.69
C ASP A 29 -6.63 14.33 5.85
N ARG A 30 -7.19 14.67 7.01
CA ARG A 30 -7.00 13.86 8.19
C ARG A 30 -7.70 12.51 8.03
N LYS A 31 -7.05 11.48 8.56
CA LYS A 31 -7.60 10.14 8.49
C LYS A 31 -7.48 9.62 7.06
N ASN A 32 -6.78 8.49 6.92
CA ASN A 32 -6.58 7.88 5.62
C ASN A 32 -6.57 6.36 5.77
N LEU A 33 -7.62 5.74 5.24
CA LEU A 33 -7.73 4.28 5.31
C LEU A 33 -7.72 3.72 3.89
N LEU A 34 -7.15 2.52 3.78
CA LEU A 34 -7.07 1.86 2.49
C LEU A 34 -7.69 0.45 2.60
N GLU A 35 -8.71 0.23 1.81
CA GLU A 35 -9.39 -1.06 1.81
C GLU A 35 -8.83 -1.96 0.72
N THR A 36 -8.16 -3.03 1.16
CA THR A 36 -7.57 -3.97 0.23
C THR A 36 -7.56 -5.38 0.83
N ARG A 37 -7.32 -6.36 -0.03
CA ARG A 37 -7.28 -7.74 0.40
C ARG A 37 -5.93 -8.07 1.04
N LEU A 38 -5.78 -9.33 1.42
CA LEU A 38 -4.55 -9.79 2.04
C LEU A 38 -3.82 -10.74 1.08
N HIS A 39 -4.60 -11.30 0.16
CA HIS A 39 -4.04 -12.23 -0.82
C HIS A 39 -3.15 -11.46 -1.79
N ILE A 40 -3.27 -10.14 -1.76
CA ILE A 40 -2.49 -9.28 -2.63
C ILE A 40 -1.04 -9.26 -2.14
N THR A 41 -0.13 -9.07 -3.09
CA THR A 41 1.28 -9.02 -2.77
C THR A 41 1.66 -7.64 -2.23
N GLY A 42 2.55 -7.65 -1.24
CA GLY A 42 3.00 -6.41 -0.63
C GLY A 42 3.30 -5.36 -1.70
N ARG A 43 3.67 -5.84 -2.87
CA ARG A 43 4.00 -4.95 -3.98
C ARG A 43 2.76 -4.18 -4.41
N GLU A 44 1.64 -4.88 -4.46
CA GLU A 44 0.38 -4.27 -4.85
C GLU A 44 0.06 -3.09 -3.93
N LEU A 45 0.35 -3.27 -2.66
CA LEU A 45 0.08 -2.23 -1.68
C LEU A 45 0.83 -0.96 -2.09
N ARG A 46 2.15 -1.05 -2.10
CA ARG A 46 2.98 0.08 -2.47
C ARG A 46 2.37 0.81 -3.67
N SER A 47 1.88 0.03 -4.60
CA SER A 47 1.26 0.59 -5.80
C SER A 47 -0.12 1.16 -5.46
N LYS A 48 -0.87 0.39 -4.70
CA LYS A 48 -2.21 0.80 -4.30
C LYS A 48 -2.14 2.21 -3.71
N ILE A 49 -1.54 2.29 -2.53
CA ILE A 49 -1.41 3.56 -1.84
C ILE A 49 -1.06 4.66 -2.86
N ALA A 50 0.05 4.45 -3.55
CA ALA A 50 0.49 5.40 -4.55
C ALA A 50 -0.70 5.84 -5.39
N GLU A 51 -1.17 4.92 -6.22
CA GLU A 51 -2.31 5.19 -7.09
C GLU A 51 -3.45 5.83 -6.28
N THR A 52 -3.77 5.19 -5.17
CA THR A 52 -4.84 5.68 -4.31
C THR A 52 -4.71 7.20 -4.12
N PHE A 53 -3.61 7.58 -3.50
CA PHE A 53 -3.35 9.00 -3.24
C PHE A 53 -2.59 9.63 -4.40
N GLY A 54 -2.63 8.96 -5.54
CA GLY A 54 -1.95 9.45 -6.73
C GLY A 54 -0.48 9.76 -6.43
N LEU A 55 0.01 9.17 -5.34
CA LEU A 55 1.38 9.37 -4.93
C LEU A 55 2.30 8.48 -5.77
N GLN A 56 3.54 8.37 -5.32
CA GLN A 56 4.53 7.56 -6.02
C GLN A 56 4.63 6.19 -5.37
N GLU A 57 4.87 5.18 -6.20
CA GLU A 57 5.00 3.82 -5.72
C GLU A 57 6.45 3.36 -5.81
N ASN A 58 7.14 3.89 -6.82
CA ASN A 58 8.54 3.54 -7.02
C ASN A 58 9.42 4.53 -6.26
N TYR A 59 8.77 5.35 -5.44
CA TYR A 59 9.49 6.34 -4.66
C TYR A 59 8.93 6.40 -3.23
N ILE A 60 8.48 5.27 -2.75
CA ILE A 60 7.92 5.18 -1.41
C ILE A 60 8.15 3.77 -0.85
N LYS A 61 8.04 3.67 0.46
CA LYS A 61 8.24 2.40 1.13
C LYS A 61 7.37 2.35 2.39
N ILE A 62 6.58 1.28 2.49
CA ILE A 62 5.70 1.10 3.62
C ILE A 62 6.50 0.59 4.81
N VAL A 63 6.02 0.91 6.00
CA VAL A 63 6.68 0.49 7.22
C VAL A 63 5.64 -0.06 8.20
N ILE A 64 5.98 -1.19 8.79
CA ILE A 64 5.10 -1.83 9.75
C ILE A 64 5.92 -2.54 10.82
N ASN A 65 5.63 -2.20 12.07
CA ASN A 65 6.33 -2.79 13.20
C ASN A 65 7.83 -2.49 13.06
N LYS A 66 8.14 -1.20 13.02
CA LYS A 66 9.52 -0.76 12.90
C LYS A 66 10.24 -1.63 11.87
N LYS A 67 9.48 -2.01 10.84
CA LYS A 67 10.04 -2.84 9.77
C LYS A 67 9.56 -2.29 8.42
N GLN A 68 10.01 -2.96 7.36
CA GLN A 68 9.65 -2.55 6.02
C GLN A 68 8.60 -3.53 5.44
N LEU A 69 7.81 -3.01 4.52
CA LEU A 69 6.78 -3.81 3.88
C LEU A 69 7.44 -4.85 2.97
N GLN A 70 7.24 -6.11 3.32
CA GLN A 70 7.80 -7.21 2.55
C GLN A 70 6.99 -7.42 1.28
N LEU A 71 7.42 -6.74 0.22
CA LEU A 71 6.74 -6.86 -1.05
C LEU A 71 6.87 -8.29 -1.58
N GLY A 72 7.90 -8.98 -1.08
CA GLY A 72 8.13 -10.35 -1.47
C GLY A 72 7.22 -11.31 -0.72
N LYS A 73 6.50 -10.76 0.25
CA LYS A 73 5.59 -11.55 1.06
C LYS A 73 4.20 -10.90 1.03
N THR A 74 3.18 -11.75 1.06
CA THR A 74 1.81 -11.28 1.04
C THR A 74 1.48 -10.57 2.36
N LEU A 75 0.57 -9.60 2.25
CA LEU A 75 0.16 -8.84 3.42
C LEU A 75 -0.04 -9.79 4.60
N GLU A 76 -0.55 -10.97 4.29
CA GLU A 76 -0.78 -11.98 5.32
C GLU A 76 0.54 -12.60 5.77
N GLU A 77 1.39 -12.88 4.79
CA GLU A 77 2.69 -13.47 5.09
C GLU A 77 3.46 -12.60 6.10
N GLN A 78 3.63 -11.34 5.73
CA GLN A 78 4.33 -10.40 6.59
C GLN A 78 3.68 -10.35 7.97
N GLY A 79 2.35 -10.28 7.95
CA GLY A 79 1.58 -10.22 9.19
C GLY A 79 0.60 -9.06 9.16
N VAL A 80 -0.24 -9.05 8.14
CA VAL A 80 -1.24 -8.01 7.99
C VAL A 80 -2.64 -8.63 8.05
N ALA A 81 -3.48 -8.04 8.88
CA ALA A 81 -4.83 -8.52 9.05
C ALA A 81 -5.81 -7.41 8.68
N HIS A 82 -6.33 -6.75 9.69
CA HIS A 82 -7.28 -5.67 9.50
C HIS A 82 -7.04 -4.56 10.54
N ASN A 83 -7.34 -3.34 10.13
CA ASN A 83 -7.16 -2.20 11.02
C ASN A 83 -5.70 -2.14 11.47
N VAL A 84 -4.81 -2.31 10.51
CA VAL A 84 -3.39 -2.27 10.80
C VAL A 84 -2.86 -0.86 10.54
N LYS A 85 -1.62 -0.65 10.97
CA LYS A 85 -0.99 0.65 10.81
C LYS A 85 0.19 0.52 9.83
N ALA A 86 0.26 1.47 8.91
CA ALA A 86 1.33 1.47 7.92
C ALA A 86 1.80 2.90 7.69
N MET A 87 3.12 3.08 7.76
CA MET A 87 3.71 4.39 7.55
C MET A 87 4.27 4.53 6.15
N VAL A 88 4.17 5.74 5.62
CA VAL A 88 4.66 6.01 4.27
C VAL A 88 5.99 6.77 4.37
N LEU A 89 7.04 6.14 3.84
CA LEU A 89 8.36 6.73 3.86
C LEU A 89 8.85 6.95 2.43
N GLU A 90 9.67 7.97 2.26
CA GLU A 90 10.21 8.29 0.95
C GLU A 90 11.59 7.66 0.77
N LEU A 91 11.74 6.94 -0.33
CA LEU A 91 13.00 6.29 -0.63
C LEU A 91 14.14 7.29 -0.51
N LYS A 92 14.23 8.16 -1.51
CA LYS A 92 15.26 9.18 -1.52
C LYS A 92 16.64 8.51 -1.70
N GLN A 93 16.80 7.89 -2.86
CA GLN A 93 18.06 7.21 -3.17
C GLN A 93 18.58 7.66 -4.54
N SER A 94 19.89 7.81 -4.61
CA SER A 94 20.53 8.24 -5.84
C SER A 94 21.32 7.07 -6.45
N SER A 95 21.54 7.16 -7.75
CA SER A 95 22.27 6.13 -8.46
C SER A 95 21.55 4.79 -8.32
N GLY A 96 20.74 4.49 -9.32
CA GLY A 96 19.99 3.24 -9.33
C GLY A 96 19.93 2.64 -10.74
N PRO A 97 21.02 1.91 -11.10
CA PRO A 97 21.10 1.29 -12.41
C PRO A 97 20.21 0.04 -12.48
N SER A 98 19.29 0.08 -13.43
CA SER A 98 18.37 -1.03 -13.61
C SER A 98 18.22 -1.36 -15.10
N SER A 99 18.25 -2.65 -15.40
CA SER A 99 18.14 -3.10 -16.78
C SER A 99 16.69 -3.54 -17.06
N GLY A 100 16.06 -2.81 -17.96
CA GLY A 100 14.68 -3.11 -18.33
C GLY A 100 14.16 -2.10 -19.36
N GLY A 1 -5.52 4.46 -13.77
CA GLY A 1 -5.34 3.69 -14.99
C GLY A 1 -6.69 3.40 -15.67
N SER A 2 -6.67 3.41 -16.99
CA SER A 2 -7.88 3.15 -17.76
C SER A 2 -8.10 1.65 -17.89
N SER A 3 -8.96 1.13 -17.01
CA SER A 3 -9.28 -0.29 -17.02
C SER A 3 -10.49 -0.56 -16.14
N GLY A 4 -11.10 -1.71 -16.36
CA GLY A 4 -12.27 -2.10 -15.58
C GLY A 4 -11.98 -2.05 -14.08
N SER A 5 -12.99 -1.63 -13.33
CA SER A 5 -12.85 -1.53 -11.89
C SER A 5 -13.91 -2.40 -11.21
N SER A 6 -13.43 -3.34 -10.40
CA SER A 6 -14.33 -4.23 -9.68
C SER A 6 -14.72 -3.62 -8.34
N GLY A 7 -16.02 -3.43 -8.16
CA GLY A 7 -16.53 -2.85 -6.93
C GLY A 7 -17.10 -3.93 -6.02
N ASP A 8 -17.92 -3.49 -5.07
CA ASP A 8 -18.54 -4.40 -4.13
C ASP A 8 -19.79 -5.01 -4.77
N ASN A 9 -19.87 -6.33 -4.70
CA ASN A 9 -21.01 -7.04 -5.27
C ASN A 9 -20.87 -8.53 -4.96
N TYR A 10 -22.03 -9.18 -4.83
CA TYR A 10 -22.05 -10.60 -4.53
C TYR A 10 -21.15 -10.93 -3.33
N ARG A 11 -21.76 -10.96 -2.16
CA ARG A 11 -21.04 -11.26 -0.94
C ARG A 11 -19.86 -10.31 -0.78
N THR A 12 -20.03 -9.34 0.10
CA THR A 12 -18.99 -8.35 0.35
C THR A 12 -17.69 -9.05 0.73
N THR A 13 -16.61 -8.63 0.08
CA THR A 13 -15.29 -9.20 0.33
C THR A 13 -14.79 -8.76 1.70
N GLY A 14 -14.28 -9.72 2.46
CA GLY A 14 -13.75 -9.45 3.77
C GLY A 14 -12.99 -8.12 3.80
N ILE A 15 -12.10 -7.97 2.84
CA ILE A 15 -11.29 -6.76 2.74
C ILE A 15 -10.57 -6.52 4.06
N ALA A 16 -9.57 -5.65 4.00
CA ALA A 16 -8.80 -5.32 5.18
C ALA A 16 -8.46 -3.84 5.17
N THR A 17 -8.89 -3.15 6.23
CA THR A 17 -8.64 -1.72 6.35
C THR A 17 -7.18 -1.47 6.78
N ILE A 18 -6.54 -0.55 6.08
CA ILE A 18 -5.17 -0.21 6.37
C ILE A 18 -5.08 1.29 6.69
N GLU A 19 -4.25 1.60 7.69
CA GLU A 19 -4.07 2.99 8.09
C GLU A 19 -2.79 3.55 7.47
N VAL A 20 -2.98 4.48 6.55
CA VAL A 20 -1.87 5.11 5.88
C VAL A 20 -1.60 6.48 6.50
N PHE A 21 -0.38 6.64 7.01
CA PHE A 21 0.00 7.90 7.63
C PHE A 21 0.97 8.68 6.74
N LEU A 22 0.41 9.61 5.97
CA LEU A 22 1.21 10.42 5.07
C LEU A 22 2.11 11.35 5.90
N PRO A 23 3.22 11.81 5.26
CA PRO A 23 4.15 12.70 5.92
C PRO A 23 3.59 14.11 6.01
N PRO A 24 4.35 14.99 6.72
CA PRO A 24 3.93 16.37 6.89
C PRO A 24 4.15 17.17 5.60
N ARG A 25 3.58 18.38 5.59
CA ARG A 25 3.71 19.24 4.42
C ARG A 25 2.57 18.98 3.45
N LEU A 26 2.08 17.75 3.47
CA LEU A 26 0.99 17.36 2.58
C LEU A 26 -0.33 17.48 3.34
N LYS A 27 -0.51 16.60 4.30
CA LYS A 27 -1.73 16.60 5.11
C LYS A 27 -2.93 16.80 4.19
N LYS A 28 -3.44 15.69 3.68
CA LYS A 28 -4.59 15.73 2.79
C LYS A 28 -5.82 16.17 3.58
N ASP A 29 -6.26 15.30 4.47
CA ASP A 29 -7.43 15.60 5.28
C ASP A 29 -7.73 14.40 6.19
N ARG A 30 -7.63 14.65 7.50
CA ARG A 30 -7.88 13.60 8.48
C ARG A 30 -7.11 12.33 8.10
N LYS A 31 -7.36 11.29 8.89
CA LYS A 31 -6.71 10.01 8.65
C LYS A 31 -7.03 9.53 7.24
N ASN A 32 -6.39 8.43 6.86
CA ASN A 32 -6.60 7.85 5.55
C ASN A 32 -6.61 6.33 5.66
N LEU A 33 -7.79 5.76 5.51
CA LEU A 33 -7.94 4.31 5.59
C LEU A 33 -7.95 3.73 4.18
N LEU A 34 -7.11 2.73 3.98
CA LEU A 34 -7.02 2.07 2.69
C LEU A 34 -7.59 0.65 2.80
N GLU A 35 -8.61 0.39 1.99
CA GLU A 35 -9.25 -0.92 1.98
C GLU A 35 -8.69 -1.78 0.85
N THR A 36 -8.04 -2.87 1.25
CA THR A 36 -7.45 -3.77 0.28
C THR A 36 -7.47 -5.21 0.82
N ARG A 37 -7.23 -6.15 -0.08
CA ARG A 37 -7.22 -7.56 0.29
C ARG A 37 -5.88 -7.92 0.93
N LEU A 38 -5.73 -9.20 1.22
CA LEU A 38 -4.50 -9.69 1.83
C LEU A 38 -3.77 -10.59 0.83
N HIS A 39 -4.54 -11.27 0.01
CA HIS A 39 -3.97 -12.16 -1.00
C HIS A 39 -3.01 -11.37 -1.88
N ILE A 40 -3.28 -10.09 -1.99
CA ILE A 40 -2.44 -9.21 -2.81
C ILE A 40 -1.02 -9.22 -2.26
N THR A 41 -0.07 -9.07 -3.17
CA THR A 41 1.34 -9.06 -2.79
C THR A 41 1.73 -7.67 -2.29
N GLY A 42 2.58 -7.66 -1.26
CA GLY A 42 3.05 -6.42 -0.68
C GLY A 42 3.33 -5.38 -1.77
N ARG A 43 3.86 -5.87 -2.88
CA ARG A 43 4.19 -5.00 -3.99
C ARG A 43 2.94 -4.22 -4.45
N GLU A 44 1.84 -4.95 -4.54
CA GLU A 44 0.59 -4.35 -4.96
C GLU A 44 0.23 -3.17 -4.05
N LEU A 45 0.43 -3.38 -2.76
CA LEU A 45 0.13 -2.35 -1.78
C LEU A 45 0.85 -1.05 -2.17
N ARG A 46 2.18 -1.13 -2.20
CA ARG A 46 2.98 0.02 -2.55
C ARG A 46 2.38 0.75 -3.75
N SER A 47 2.06 -0.04 -4.78
CA SER A 47 1.47 0.53 -5.98
C SER A 47 0.05 1.02 -5.69
N LYS A 48 -0.61 0.32 -4.79
CA LYS A 48 -1.97 0.68 -4.41
C LYS A 48 -1.97 2.09 -3.80
N ILE A 49 -1.40 2.18 -2.62
CA ILE A 49 -1.33 3.46 -1.92
C ILE A 49 -1.00 4.57 -2.94
N ALA A 50 0.13 4.40 -3.59
CA ALA A 50 0.57 5.37 -4.58
C ALA A 50 -0.61 5.79 -5.45
N GLU A 51 -1.05 4.85 -6.28
CA GLU A 51 -2.17 5.11 -7.17
C GLU A 51 -3.34 5.70 -6.38
N THR A 52 -3.66 5.04 -5.27
CA THR A 52 -4.76 5.49 -4.42
C THR A 52 -4.66 7.00 -4.18
N PHE A 53 -3.55 7.39 -3.55
CA PHE A 53 -3.32 8.79 -3.25
C PHE A 53 -2.62 9.50 -4.42
N GLY A 54 -2.65 8.84 -5.57
CA GLY A 54 -2.03 9.39 -6.76
C GLY A 54 -0.56 9.73 -6.50
N LEU A 55 -0.03 9.14 -5.44
CA LEU A 55 1.36 9.38 -5.06
C LEU A 55 2.27 8.49 -5.90
N GLN A 56 3.53 8.44 -5.50
CA GLN A 56 4.51 7.63 -6.22
C GLN A 56 4.70 6.29 -5.50
N GLU A 57 4.86 5.24 -6.30
CA GLU A 57 5.06 3.91 -5.75
C GLU A 57 6.55 3.52 -5.82
N ASN A 58 7.23 4.12 -6.79
CA ASN A 58 8.65 3.85 -6.97
C ASN A 58 9.46 4.87 -6.17
N TYR A 59 8.75 5.64 -5.36
CA TYR A 59 9.41 6.65 -4.54
C TYR A 59 8.81 6.68 -3.13
N ILE A 60 8.39 5.51 -2.67
CA ILE A 60 7.80 5.38 -1.36
C ILE A 60 8.04 3.96 -0.83
N LYS A 61 7.90 3.82 0.48
CA LYS A 61 8.10 2.54 1.12
C LYS A 61 7.22 2.45 2.37
N ILE A 62 6.44 1.38 2.44
CA ILE A 62 5.56 1.17 3.56
C ILE A 62 6.37 0.65 4.75
N VAL A 63 5.84 0.91 5.95
CA VAL A 63 6.50 0.48 7.16
C VAL A 63 5.46 -0.08 8.14
N ILE A 64 5.78 -1.23 8.70
CA ILE A 64 4.87 -1.88 9.64
C ILE A 64 5.70 -2.62 10.69
N ASN A 65 5.39 -2.35 11.95
CA ASN A 65 6.09 -2.99 13.05
C ASN A 65 7.57 -2.66 12.97
N LYS A 66 7.86 -1.36 12.93
CA LYS A 66 9.24 -0.91 12.85
C LYS A 66 9.99 -1.75 11.81
N LYS A 67 9.28 -2.08 10.75
CA LYS A 67 9.86 -2.87 9.68
C LYS A 67 9.42 -2.31 8.32
N GLN A 68 9.91 -2.94 7.28
CA GLN A 68 9.58 -2.51 5.93
C GLN A 68 8.60 -3.50 5.28
N LEU A 69 7.65 -2.94 4.53
CA LEU A 69 6.66 -3.76 3.86
C LEU A 69 7.36 -4.79 2.99
N GLN A 70 7.02 -6.06 3.22
CA GLN A 70 7.61 -7.14 2.47
C GLN A 70 6.89 -7.31 1.13
N LEU A 71 7.37 -6.58 0.14
CA LEU A 71 6.78 -6.63 -1.19
C LEU A 71 7.02 -8.02 -1.78
N GLY A 72 7.87 -8.78 -1.12
CA GLY A 72 8.19 -10.12 -1.57
C GLY A 72 7.27 -11.15 -0.92
N LYS A 73 6.57 -10.70 0.12
CA LYS A 73 5.65 -11.57 0.84
C LYS A 73 4.25 -10.97 0.79
N THR A 74 3.26 -11.85 0.83
CA THR A 74 1.87 -11.42 0.80
C THR A 74 1.49 -10.76 2.13
N LEU A 75 0.55 -9.83 2.04
CA LEU A 75 0.08 -9.12 3.21
C LEU A 75 -0.11 -10.12 4.36
N GLU A 76 -0.55 -11.31 4.00
CA GLU A 76 -0.78 -12.35 4.99
C GLU A 76 0.55 -12.91 5.48
N GLU A 77 1.46 -13.13 4.54
CA GLU A 77 2.77 -13.66 4.87
C GLU A 77 3.44 -12.80 5.93
N GLN A 78 3.58 -11.52 5.60
CA GLN A 78 4.21 -10.57 6.51
C GLN A 78 3.47 -10.56 7.84
N GLY A 79 2.15 -10.56 7.76
CA GLY A 79 1.32 -10.54 8.94
C GLY A 79 0.44 -9.29 8.98
N VAL A 80 -0.17 -9.00 7.84
CA VAL A 80 -1.03 -7.83 7.74
C VAL A 80 -2.49 -8.27 7.72
N ALA A 81 -3.20 -7.89 8.77
CA ALA A 81 -4.61 -8.25 8.89
C ALA A 81 -5.46 -6.98 8.84
N HIS A 82 -6.73 -7.14 9.14
CA HIS A 82 -7.66 -6.02 9.14
C HIS A 82 -7.37 -5.10 10.32
N ASN A 83 -7.47 -3.81 10.07
CA ASN A 83 -7.22 -2.82 11.10
C ASN A 83 -5.75 -2.87 11.50
N VAL A 84 -4.92 -2.25 10.66
CA VAL A 84 -3.50 -2.21 10.92
C VAL A 84 -2.97 -0.79 10.67
N LYS A 85 -1.72 -0.58 11.06
CA LYS A 85 -1.09 0.72 10.89
C LYS A 85 0.02 0.61 9.85
N ALA A 86 0.10 1.61 8.99
CA ALA A 86 1.10 1.64 7.95
C ALA A 86 1.64 3.06 7.80
N MET A 87 2.96 3.16 7.70
CA MET A 87 3.61 4.45 7.57
C MET A 87 4.17 4.63 6.15
N VAL A 88 3.99 5.83 5.62
CA VAL A 88 4.48 6.14 4.29
C VAL A 88 5.83 6.84 4.39
N LEU A 89 6.84 6.20 3.82
CA LEU A 89 8.17 6.75 3.84
C LEU A 89 8.64 7.01 2.41
N GLU A 90 9.50 8.02 2.27
CA GLU A 90 10.02 8.39 0.98
C GLU A 90 11.38 7.74 0.74
N LEU A 91 11.50 7.08 -0.41
CA LEU A 91 12.74 6.41 -0.75
C LEU A 91 13.87 7.44 -0.82
N LYS A 92 13.82 8.25 -1.87
CA LYS A 92 14.84 9.27 -2.06
C LYS A 92 16.15 8.62 -2.50
N GLN A 93 16.17 8.21 -3.76
CA GLN A 93 17.35 7.57 -4.32
C GLN A 93 17.73 8.23 -5.65
N SER A 94 18.42 9.36 -5.53
CA SER A 94 18.85 10.09 -6.71
C SER A 94 17.64 10.49 -7.56
N SER A 95 17.87 11.43 -8.46
CA SER A 95 16.80 11.90 -9.34
C SER A 95 17.04 11.40 -10.76
N GLY A 96 15.96 10.93 -11.38
CA GLY A 96 16.03 10.42 -12.72
C GLY A 96 15.10 9.22 -12.91
N PRO A 97 14.69 8.99 -14.19
CA PRO A 97 13.81 7.88 -14.52
C PRO A 97 14.56 6.55 -14.48
N SER A 98 15.71 6.54 -15.15
CA SER A 98 16.53 5.34 -15.21
C SER A 98 15.83 4.27 -16.05
N SER A 99 16.35 4.09 -17.26
CA SER A 99 15.80 3.11 -18.18
C SER A 99 16.81 2.77 -19.26
N GLY A 100 17.24 3.80 -19.98
CA GLY A 100 18.20 3.63 -21.05
C GLY A 100 17.66 2.70 -22.14
N GLY A 1 -9.11 -2.70 -28.20
CA GLY A 1 -10.54 -2.73 -27.93
C GLY A 1 -10.82 -3.03 -26.46
N SER A 2 -12.11 -3.09 -26.14
CA SER A 2 -12.52 -3.37 -24.78
C SER A 2 -13.78 -4.25 -24.78
N SER A 3 -14.12 -4.74 -23.60
CA SER A 3 -15.29 -5.59 -23.46
C SER A 3 -16.32 -4.92 -22.54
N GLY A 4 -17.52 -4.76 -23.06
CA GLY A 4 -18.59 -4.14 -22.31
C GLY A 4 -19.30 -5.17 -21.42
N SER A 5 -18.65 -5.51 -20.32
CA SER A 5 -19.19 -6.47 -19.39
C SER A 5 -18.75 -6.13 -17.96
N SER A 6 -19.56 -6.54 -17.00
CA SER A 6 -19.26 -6.29 -15.61
C SER A 6 -18.81 -7.59 -14.93
N GLY A 7 -19.68 -8.58 -14.97
CA GLY A 7 -19.39 -9.87 -14.36
C GLY A 7 -18.75 -9.69 -12.98
N ASP A 8 -19.61 -9.42 -12.01
CA ASP A 8 -19.15 -9.22 -10.64
C ASP A 8 -19.53 -10.44 -9.81
N ASN A 9 -18.55 -11.30 -9.58
CA ASN A 9 -18.77 -12.50 -8.81
C ASN A 9 -17.44 -12.96 -8.20
N TYR A 10 -17.46 -13.16 -6.89
CA TYR A 10 -16.27 -13.59 -6.18
C TYR A 10 -16.60 -13.96 -4.73
N ARG A 11 -15.75 -14.80 -4.15
CA ARG A 11 -15.93 -15.23 -2.78
C ARG A 11 -15.82 -14.03 -1.83
N THR A 12 -16.16 -14.28 -0.57
CA THR A 12 -16.10 -13.24 0.43
C THR A 12 -14.78 -12.46 0.33
N THR A 13 -14.90 -11.19 -0.02
CA THR A 13 -13.74 -10.35 -0.16
C THR A 13 -13.12 -10.05 1.21
N GLY A 14 -13.97 -9.60 2.12
CA GLY A 14 -13.53 -9.28 3.46
C GLY A 14 -12.67 -8.02 3.47
N ILE A 15 -11.56 -8.10 2.75
CA ILE A 15 -10.64 -6.97 2.67
C ILE A 15 -10.18 -6.59 4.08
N ALA A 16 -9.06 -5.87 4.12
CA ALA A 16 -8.50 -5.45 5.39
C ALA A 16 -8.22 -3.95 5.34
N THR A 17 -8.64 -3.26 6.39
CA THR A 17 -8.43 -1.82 6.47
C THR A 17 -7.00 -1.51 6.90
N ILE A 18 -6.37 -0.61 6.16
CA ILE A 18 -5.01 -0.22 6.46
C ILE A 18 -4.96 1.30 6.69
N GLU A 19 -4.15 1.69 7.66
CA GLU A 19 -4.00 3.09 7.99
C GLU A 19 -2.74 3.66 7.33
N VAL A 20 -2.96 4.57 6.39
CA VAL A 20 -1.86 5.20 5.68
C VAL A 20 -1.55 6.55 6.32
N PHE A 21 -0.32 6.70 6.78
CA PHE A 21 0.11 7.94 7.40
C PHE A 21 1.04 8.72 6.49
N LEU A 22 0.46 9.65 5.76
CA LEU A 22 1.22 10.48 4.84
C LEU A 22 2.18 11.37 5.63
N PRO A 23 3.29 11.77 4.96
CA PRO A 23 4.28 12.62 5.59
C PRO A 23 3.79 14.07 5.69
N PRO A 24 4.46 14.85 6.58
CA PRO A 24 4.10 16.24 6.77
C PRO A 24 4.57 17.11 5.59
N ARG A 25 4.10 16.73 4.41
CA ARG A 25 4.47 17.45 3.20
C ARG A 25 3.23 17.68 2.33
N LEU A 26 2.44 16.63 2.18
CA LEU A 26 1.23 16.70 1.38
C LEU A 26 0.09 17.26 2.24
N LYS A 27 -0.15 16.58 3.35
CA LYS A 27 -1.20 17.00 4.26
C LYS A 27 -2.48 17.28 3.46
N LYS A 28 -3.19 16.21 3.16
CA LYS A 28 -4.43 16.32 2.40
C LYS A 28 -5.62 16.15 3.35
N ASP A 29 -5.63 15.03 4.04
CA ASP A 29 -6.70 14.74 4.98
C ASP A 29 -6.10 14.29 6.31
N ARG A 30 -6.93 14.31 7.33
CA ARG A 30 -6.49 13.90 8.66
C ARG A 30 -6.22 12.41 8.70
N LYS A 31 -7.22 11.64 8.27
CA LYS A 31 -7.11 10.19 8.25
C LYS A 31 -7.24 9.70 6.82
N ASN A 32 -6.82 8.46 6.61
CA ASN A 32 -6.88 7.85 5.28
C ASN A 32 -6.83 6.34 5.42
N LEU A 33 -8.01 5.72 5.41
CA LEU A 33 -8.10 4.28 5.53
C LEU A 33 -8.05 3.65 4.14
N LEU A 34 -7.15 2.69 3.99
CA LEU A 34 -6.99 2.01 2.72
C LEU A 34 -7.58 0.59 2.83
N GLU A 35 -8.60 0.35 2.01
CA GLU A 35 -9.26 -0.94 2.01
C GLU A 35 -8.70 -1.82 0.88
N THR A 36 -8.04 -2.90 1.28
CA THR A 36 -7.46 -3.81 0.33
C THR A 36 -7.46 -5.24 0.88
N ARG A 37 -7.30 -6.20 -0.03
CA ARG A 37 -7.29 -7.60 0.36
C ARG A 37 -5.98 -7.94 1.06
N LEU A 38 -5.82 -9.22 1.39
CA LEU A 38 -4.63 -9.69 2.06
C LEU A 38 -3.83 -10.56 1.10
N HIS A 39 -4.54 -11.15 0.15
CA HIS A 39 -3.90 -12.01 -0.84
C HIS A 39 -2.96 -11.19 -1.71
N ILE A 40 -3.30 -9.91 -1.85
CA ILE A 40 -2.49 -9.01 -2.66
C ILE A 40 -1.06 -8.99 -2.12
N THR A 41 -0.11 -9.01 -3.04
CA THR A 41 1.29 -9.00 -2.68
C THR A 41 1.69 -7.63 -2.15
N GLY A 42 2.55 -7.65 -1.14
CA GLY A 42 3.03 -6.41 -0.54
C GLY A 42 3.40 -5.38 -1.60
N ARG A 43 3.89 -5.89 -2.72
CA ARG A 43 4.29 -5.04 -3.82
C ARG A 43 3.09 -4.24 -4.34
N GLU A 44 1.94 -4.90 -4.33
CA GLU A 44 0.72 -4.27 -4.80
C GLU A 44 0.36 -3.08 -3.91
N LEU A 45 0.52 -3.28 -2.60
CA LEU A 45 0.22 -2.23 -1.65
C LEU A 45 0.96 -0.95 -2.04
N ARG A 46 2.28 -1.04 -2.05
CA ARG A 46 3.10 0.10 -2.42
C ARG A 46 2.49 0.84 -3.61
N SER A 47 2.20 0.07 -4.65
CA SER A 47 1.62 0.65 -5.85
C SER A 47 0.19 1.13 -5.56
N LYS A 48 -0.47 0.42 -4.67
CA LYS A 48 -1.83 0.76 -4.30
C LYS A 48 -1.83 2.15 -3.64
N ILE A 49 -1.29 2.20 -2.45
CA ILE A 49 -1.21 3.45 -1.71
C ILE A 49 -0.89 4.60 -2.67
N ALA A 50 0.04 4.31 -3.58
CA ALA A 50 0.44 5.30 -4.55
C ALA A 50 -0.77 5.70 -5.41
N GLU A 51 -1.20 4.78 -6.24
CA GLU A 51 -2.34 5.02 -7.11
C GLU A 51 -3.52 5.55 -6.29
N THR A 52 -3.71 4.96 -5.12
CA THR A 52 -4.78 5.36 -4.24
C THR A 52 -4.79 6.88 -4.05
N PHE A 53 -3.72 7.38 -3.46
CA PHE A 53 -3.58 8.80 -3.22
C PHE A 53 -2.81 9.48 -4.36
N GLY A 54 -2.81 8.81 -5.50
CA GLY A 54 -2.12 9.33 -6.68
C GLY A 54 -0.70 9.77 -6.32
N LEU A 55 -0.09 9.01 -5.42
CA LEU A 55 1.26 9.30 -5.00
C LEU A 55 2.25 8.45 -5.81
N GLN A 56 3.52 8.54 -5.42
CA GLN A 56 4.56 7.79 -6.10
C GLN A 56 4.78 6.44 -5.40
N GLU A 57 4.94 5.41 -6.22
CA GLU A 57 5.16 4.07 -5.70
C GLU A 57 6.65 3.71 -5.80
N ASN A 58 7.33 4.34 -6.74
CA ASN A 58 8.74 4.09 -6.95
C ASN A 58 9.55 5.11 -6.14
N TYR A 59 8.85 5.87 -5.32
CA TYR A 59 9.49 6.88 -4.50
C TYR A 59 8.91 6.88 -3.08
N ILE A 60 8.49 5.71 -2.64
CA ILE A 60 7.92 5.56 -1.31
C ILE A 60 8.18 4.15 -0.79
N LYS A 61 8.07 4.00 0.52
CA LYS A 61 8.30 2.72 1.15
C LYS A 61 7.41 2.59 2.40
N ILE A 62 6.65 1.51 2.44
CA ILE A 62 5.76 1.26 3.56
C ILE A 62 6.57 0.75 4.75
N VAL A 63 6.03 0.98 5.94
CA VAL A 63 6.68 0.55 7.16
C VAL A 63 5.63 0.03 8.14
N ILE A 64 5.97 -1.10 8.76
CA ILE A 64 5.07 -1.71 9.72
C ILE A 64 5.88 -2.45 10.79
N ASN A 65 5.63 -2.09 12.04
CA ASN A 65 6.33 -2.69 13.15
C ASN A 65 7.83 -2.40 13.03
N LYS A 66 8.14 -1.11 12.99
CA LYS A 66 9.53 -0.68 12.88
C LYS A 66 10.25 -1.57 11.87
N LYS A 67 9.50 -1.97 10.84
CA LYS A 67 10.07 -2.82 9.80
C LYS A 67 9.58 -2.33 8.43
N GLN A 68 10.04 -3.02 7.40
CA GLN A 68 9.66 -2.67 6.04
C GLN A 68 8.64 -3.65 5.50
N LEU A 69 7.75 -3.14 4.65
CA LEU A 69 6.72 -3.98 4.05
C LEU A 69 7.38 -5.06 3.20
N GLN A 70 7.06 -6.30 3.52
CA GLN A 70 7.61 -7.43 2.81
C GLN A 70 6.87 -7.62 1.47
N LEU A 71 7.37 -6.90 0.47
CA LEU A 71 6.78 -6.97 -0.86
C LEU A 71 6.92 -8.40 -1.41
N GLY A 72 7.86 -9.12 -0.83
CA GLY A 72 8.11 -10.50 -1.25
C GLY A 72 7.12 -11.45 -0.58
N LYS A 73 6.39 -10.92 0.39
CA LYS A 73 5.41 -11.71 1.10
C LYS A 73 4.05 -11.00 1.06
N THR A 74 3.00 -11.80 0.92
CA THR A 74 1.66 -11.26 0.86
C THR A 74 1.28 -10.62 2.20
N LEU A 75 0.42 -9.62 2.11
CA LEU A 75 -0.02 -8.91 3.30
C LEU A 75 -0.31 -9.92 4.41
N GLU A 76 -0.88 -11.05 4.01
CA GLU A 76 -1.21 -12.10 4.96
C GLU A 76 0.07 -12.82 5.41
N GLU A 77 0.94 -13.08 4.45
CA GLU A 77 2.18 -13.76 4.73
C GLU A 77 2.94 -13.04 5.84
N GLN A 78 3.21 -11.76 5.59
CA GLN A 78 3.93 -10.94 6.55
C GLN A 78 3.19 -10.92 7.89
N GLY A 79 1.88 -10.78 7.80
CA GLY A 79 1.06 -10.75 9.00
C GLY A 79 0.21 -9.48 9.04
N VAL A 80 -0.55 -9.26 7.98
CA VAL A 80 -1.40 -8.10 7.88
C VAL A 80 -2.86 -8.52 8.07
N ALA A 81 -3.43 -8.11 9.20
CA ALA A 81 -4.80 -8.43 9.51
C ALA A 81 -5.71 -7.27 9.10
N HIS A 82 -6.88 -7.22 9.71
CA HIS A 82 -7.84 -6.16 9.41
C HIS A 82 -7.36 -4.85 10.04
N ASN A 83 -7.29 -4.86 11.36
CA ASN A 83 -6.85 -3.68 12.09
C ASN A 83 -5.32 -3.58 12.04
N VAL A 84 -4.83 -2.86 11.03
CA VAL A 84 -3.40 -2.69 10.86
C VAL A 84 -3.11 -1.24 10.49
N LYS A 85 -1.83 -0.90 10.51
CA LYS A 85 -1.41 0.45 10.17
C LYS A 85 -0.15 0.39 9.29
N ALA A 86 0.07 1.46 8.54
CA ALA A 86 1.21 1.54 7.66
C ALA A 86 1.70 2.98 7.58
N MET A 87 3.01 3.13 7.44
CA MET A 87 3.60 4.45 7.36
C MET A 87 4.18 4.70 5.96
N VAL A 88 3.91 5.89 5.45
CA VAL A 88 4.39 6.27 4.14
C VAL A 88 5.68 7.07 4.27
N LEU A 89 6.75 6.52 3.71
CA LEU A 89 8.05 7.17 3.78
C LEU A 89 8.49 7.56 2.37
N GLU A 90 9.54 8.37 2.31
CA GLU A 90 10.06 8.81 1.03
C GLU A 90 11.43 8.18 0.76
N LEU A 91 11.56 7.62 -0.43
CA LEU A 91 12.82 6.98 -0.82
C LEU A 91 13.93 8.03 -0.88
N LYS A 92 13.82 8.91 -1.86
CA LYS A 92 14.81 9.96 -2.04
C LYS A 92 16.12 9.35 -2.54
N GLN A 93 16.68 8.47 -1.71
CA GLN A 93 17.93 7.81 -2.05
C GLN A 93 17.84 7.19 -3.45
N SER A 94 18.84 7.47 -4.26
CA SER A 94 18.88 6.94 -5.61
C SER A 94 20.32 6.94 -6.13
N SER A 95 20.62 5.95 -6.96
CA SER A 95 21.95 5.83 -7.53
C SER A 95 21.88 5.94 -9.06
N GLY A 96 21.12 5.04 -9.65
CA GLY A 96 20.95 5.03 -11.10
C GLY A 96 19.61 5.64 -11.50
N PRO A 97 19.55 6.12 -12.78
CA PRO A 97 18.34 6.72 -13.29
C PRO A 97 17.29 5.65 -13.62
N SER A 98 16.18 6.10 -14.17
CA SER A 98 15.10 5.20 -14.52
C SER A 98 14.35 5.73 -15.75
N SER A 99 13.57 4.85 -16.35
CA SER A 99 12.81 5.21 -17.53
C SER A 99 13.75 5.51 -18.70
N GLY A 100 13.40 4.98 -19.86
CA GLY A 100 14.21 5.19 -21.06
C GLY A 100 14.65 3.85 -21.65
N GLY A 1 -1.75 -4.28 -22.32
CA GLY A 1 -0.57 -4.08 -21.50
C GLY A 1 -0.74 -2.88 -20.56
N SER A 2 0.18 -2.77 -19.62
CA SER A 2 0.14 -1.69 -18.65
C SER A 2 -1.19 -1.71 -17.89
N SER A 3 -1.16 -2.31 -16.72
CA SER A 3 -2.35 -2.40 -15.89
C SER A 3 -3.41 -3.24 -16.60
N GLY A 4 -4.37 -3.72 -15.82
CA GLY A 4 -5.45 -4.52 -16.36
C GLY A 4 -6.54 -4.73 -15.32
N SER A 5 -7.79 -4.59 -15.77
CA SER A 5 -8.93 -4.77 -14.90
C SER A 5 -10.16 -5.20 -15.71
N SER A 6 -11.13 -5.75 -15.01
CA SER A 6 -12.36 -6.19 -15.65
C SER A 6 -13.36 -6.67 -14.59
N GLY A 7 -14.48 -5.96 -14.54
CA GLY A 7 -15.53 -6.28 -13.58
C GLY A 7 -15.25 -5.62 -12.22
N ASP A 8 -15.78 -6.25 -11.18
CA ASP A 8 -15.60 -5.74 -9.83
C ASP A 8 -16.00 -6.81 -8.83
N ASN A 9 -17.25 -7.25 -8.94
CA ASN A 9 -17.77 -8.27 -8.05
C ASN A 9 -17.65 -7.79 -6.60
N TYR A 10 -18.80 -7.45 -6.03
CA TYR A 10 -18.85 -6.96 -4.67
C TYR A 10 -19.87 -7.76 -3.85
N ARG A 11 -19.36 -8.74 -3.12
CA ARG A 11 -20.20 -9.58 -2.29
C ARG A 11 -19.36 -10.55 -1.47
N THR A 12 -19.54 -10.48 -0.15
CA THR A 12 -18.80 -11.35 0.75
C THR A 12 -17.30 -11.15 0.55
N THR A 13 -16.81 -10.01 1.00
CA THR A 13 -15.39 -9.70 0.89
C THR A 13 -14.83 -9.26 2.24
N GLY A 14 -14.11 -10.16 2.87
CA GLY A 14 -13.51 -9.87 4.17
C GLY A 14 -12.83 -8.50 4.17
N ILE A 15 -11.97 -8.30 3.17
CA ILE A 15 -11.26 -7.05 3.05
C ILE A 15 -10.51 -6.76 4.35
N ALA A 16 -9.58 -5.82 4.26
CA ALA A 16 -8.78 -5.45 5.43
C ALA A 16 -8.45 -3.95 5.35
N THR A 17 -8.88 -3.23 6.36
CA THR A 17 -8.64 -1.80 6.43
C THR A 17 -7.18 -1.52 6.85
N ILE A 18 -6.55 -0.65 6.09
CA ILE A 18 -5.16 -0.30 6.37
C ILE A 18 -5.07 1.21 6.64
N GLU A 19 -4.27 1.55 7.64
CA GLU A 19 -4.09 2.94 8.01
C GLU A 19 -2.81 3.50 7.40
N VAL A 20 -2.98 4.39 6.44
CA VAL A 20 -1.84 5.00 5.77
C VAL A 20 -1.55 6.36 6.41
N PHE A 21 -0.35 6.47 6.96
CA PHE A 21 0.07 7.71 7.60
C PHE A 21 0.98 8.52 6.67
N LEU A 22 0.37 9.47 5.98
CA LEU A 22 1.10 10.32 5.07
C LEU A 22 2.08 11.19 5.86
N PRO A 23 3.13 11.68 5.14
CA PRO A 23 4.14 12.52 5.77
C PRO A 23 3.60 13.93 6.00
N PRO A 24 4.42 14.74 6.74
CA PRO A 24 4.04 16.10 7.05
C PRO A 24 4.20 17.00 5.81
N ARG A 25 3.51 16.62 4.75
CA ARG A 25 3.57 17.39 3.51
C ARG A 25 2.24 17.26 2.75
N LEU A 26 1.74 16.04 2.69
CA LEU A 26 0.50 15.77 2.00
C LEU A 26 -0.65 15.86 2.99
N LYS A 27 -0.43 16.63 4.05
CA LYS A 27 -1.44 16.80 5.07
C LYS A 27 -2.81 16.96 4.41
N LYS A 28 -3.62 15.92 4.56
CA LYS A 28 -4.96 15.92 3.98
C LYS A 28 -6.00 15.79 5.10
N ASP A 29 -7.09 16.51 4.93
CA ASP A 29 -8.16 16.48 5.92
C ASP A 29 -8.76 15.06 5.98
N ARG A 30 -9.30 14.74 7.15
CA ARG A 30 -9.90 13.43 7.36
C ARG A 30 -8.83 12.34 7.26
N LYS A 31 -8.99 11.33 8.11
CA LYS A 31 -8.04 10.22 8.12
C LYS A 31 -7.97 9.59 6.74
N ASN A 32 -7.06 8.64 6.60
CA ASN A 32 -6.88 7.95 5.34
C ASN A 32 -6.82 6.45 5.58
N LEU A 33 -7.86 5.76 5.09
CA LEU A 33 -7.94 4.32 5.26
C LEU A 33 -7.93 3.66 3.87
N LEU A 34 -7.17 2.58 3.77
CA LEU A 34 -7.07 1.85 2.52
C LEU A 34 -7.68 0.45 2.69
N GLU A 35 -8.70 0.19 1.90
CA GLU A 35 -9.38 -1.10 1.97
C GLU A 35 -8.84 -2.03 0.89
N THR A 36 -8.16 -3.09 1.34
CA THR A 36 -7.59 -4.06 0.42
C THR A 36 -7.59 -5.45 1.06
N ARG A 37 -7.40 -6.45 0.21
CA ARG A 37 -7.36 -7.83 0.68
C ARG A 37 -5.99 -8.16 1.28
N LEU A 38 -5.85 -9.40 1.70
CA LEU A 38 -4.60 -9.86 2.29
C LEU A 38 -3.88 -10.76 1.30
N HIS A 39 -4.61 -11.20 0.30
CA HIS A 39 -4.05 -12.08 -0.72
C HIS A 39 -3.16 -11.26 -1.67
N ILE A 40 -3.38 -9.96 -1.66
CA ILE A 40 -2.61 -9.06 -2.50
C ILE A 40 -1.16 -9.03 -2.01
N THR A 41 -0.25 -9.05 -2.98
CA THR A 41 1.17 -9.03 -2.66
C THR A 41 1.58 -7.65 -2.13
N GLY A 42 2.47 -7.66 -1.14
CA GLY A 42 2.94 -6.43 -0.55
C GLY A 42 3.28 -5.39 -1.63
N ARG A 43 3.71 -5.90 -2.78
CA ARG A 43 4.07 -5.04 -3.89
C ARG A 43 2.85 -4.26 -4.37
N GLU A 44 1.71 -4.93 -4.33
CA GLU A 44 0.46 -4.31 -4.75
C GLU A 44 0.13 -3.12 -3.87
N LEU A 45 0.45 -3.25 -2.59
CA LEU A 45 0.18 -2.19 -1.63
C LEU A 45 1.02 -0.97 -2.00
N ARG A 46 2.33 -1.13 -1.93
CA ARG A 46 3.24 -0.05 -2.26
C ARG A 46 2.76 0.71 -3.49
N SER A 47 2.05 -0.02 -4.35
CA SER A 47 1.52 0.58 -5.57
C SER A 47 0.15 1.20 -5.30
N LYS A 48 -0.71 0.41 -4.68
CA LYS A 48 -2.05 0.88 -4.35
C LYS A 48 -1.97 2.28 -3.76
N ILE A 49 -1.33 2.36 -2.60
CA ILE A 49 -1.18 3.63 -1.91
C ILE A 49 -0.87 4.72 -2.94
N ALA A 50 0.27 4.57 -3.59
CA ALA A 50 0.69 5.53 -4.60
C ALA A 50 -0.52 5.97 -5.42
N GLU A 51 -0.99 5.05 -6.24
CA GLU A 51 -2.15 5.33 -7.08
C GLU A 51 -3.28 5.95 -6.25
N THR A 52 -3.60 5.29 -5.16
CA THR A 52 -4.65 5.76 -4.27
C THR A 52 -4.50 7.26 -4.02
N PHE A 53 -3.38 7.61 -3.40
CA PHE A 53 -3.10 9.02 -3.10
C PHE A 53 -2.44 9.71 -4.29
N GLY A 54 -2.52 9.05 -5.44
CA GLY A 54 -1.93 9.59 -6.65
C GLY A 54 -0.44 9.90 -6.45
N LEU A 55 0.11 9.32 -5.41
CA LEU A 55 1.52 9.52 -5.11
C LEU A 55 2.37 8.59 -5.97
N GLN A 56 3.64 8.50 -5.61
CA GLN A 56 4.56 7.65 -6.35
C GLN A 56 4.75 6.32 -5.63
N GLU A 57 4.84 5.27 -6.43
CA GLU A 57 5.02 3.93 -5.88
C GLU A 57 6.49 3.51 -5.96
N ASN A 58 7.20 4.14 -6.88
CA ASN A 58 8.61 3.85 -7.07
C ASN A 58 9.44 4.85 -6.26
N TYR A 59 8.75 5.63 -5.44
CA TYR A 59 9.41 6.62 -4.62
C TYR A 59 8.81 6.65 -3.21
N ILE A 60 8.36 5.47 -2.77
CA ILE A 60 7.78 5.35 -1.44
C ILE A 60 8.04 3.94 -0.90
N LYS A 61 8.01 3.83 0.42
CA LYS A 61 8.24 2.55 1.07
C LYS A 61 7.37 2.47 2.33
N ILE A 62 6.61 1.39 2.41
CA ILE A 62 5.74 1.18 3.56
C ILE A 62 6.58 0.68 4.74
N VAL A 63 6.12 1.03 5.94
CA VAL A 63 6.82 0.62 7.15
C VAL A 63 5.79 0.13 8.18
N ILE A 64 6.13 -0.97 8.82
CA ILE A 64 5.26 -1.55 9.83
C ILE A 64 6.11 -2.25 10.89
N ASN A 65 5.87 -1.86 12.14
CA ASN A 65 6.60 -2.45 13.26
C ASN A 65 8.10 -2.16 13.08
N LYS A 66 8.41 -0.88 13.00
CA LYS A 66 9.80 -0.47 12.83
C LYS A 66 10.49 -1.40 11.84
N LYS A 67 9.70 -1.92 10.92
CA LYS A 67 10.23 -2.82 9.91
C LYS A 67 9.80 -2.34 8.51
N GLN A 68 10.23 -3.08 7.51
CA GLN A 68 9.91 -2.74 6.13
C GLN A 68 8.87 -3.71 5.57
N LEU A 69 8.02 -3.18 4.70
CA LEU A 69 6.99 -3.99 4.09
C LEU A 69 7.62 -5.05 3.18
N GLN A 70 7.26 -6.29 3.43
CA GLN A 70 7.80 -7.40 2.66
C GLN A 70 7.00 -7.57 1.36
N LEU A 71 7.37 -6.79 0.36
CA LEU A 71 6.71 -6.84 -0.92
C LEU A 71 6.80 -8.26 -1.48
N GLY A 72 7.76 -9.00 -0.97
CA GLY A 72 7.96 -10.38 -1.41
C GLY A 72 7.04 -11.33 -0.65
N LYS A 73 6.39 -10.80 0.36
CA LYS A 73 5.47 -11.58 1.17
C LYS A 73 4.10 -10.91 1.16
N THR A 74 3.08 -11.75 1.00
CA THR A 74 1.70 -11.25 0.99
C THR A 74 1.35 -10.62 2.33
N LEU A 75 0.43 -9.66 2.27
CA LEU A 75 -0.01 -8.98 3.48
C LEU A 75 -0.24 -10.01 4.59
N GLU A 76 -0.77 -11.15 4.19
CA GLU A 76 -1.04 -12.22 5.15
C GLU A 76 0.26 -12.90 5.55
N GLU A 77 1.15 -13.06 4.59
CA GLU A 77 2.43 -13.70 4.83
C GLU A 77 3.20 -12.93 5.91
N GLN A 78 3.39 -11.64 5.66
CA GLN A 78 4.10 -10.79 6.59
C GLN A 78 3.39 -10.78 7.95
N GLY A 79 2.07 -10.69 7.89
CA GLY A 79 1.27 -10.66 9.10
C GLY A 79 0.43 -9.39 9.17
N VAL A 80 -0.38 -9.19 8.13
CA VAL A 80 -1.24 -8.02 8.07
C VAL A 80 -2.70 -8.46 8.21
N ALA A 81 -3.29 -8.09 9.34
CA ALA A 81 -4.67 -8.43 9.62
C ALA A 81 -5.57 -7.27 9.18
N HIS A 82 -6.76 -7.25 9.77
CA HIS A 82 -7.73 -6.21 9.46
C HIS A 82 -7.27 -4.88 10.06
N ASN A 83 -7.15 -4.88 11.38
CA ASN A 83 -6.71 -3.69 12.09
C ASN A 83 -5.18 -3.59 12.01
N VAL A 84 -4.73 -2.87 10.99
CA VAL A 84 -3.30 -2.68 10.80
C VAL A 84 -3.03 -1.23 10.38
N LYS A 85 -1.76 -0.87 10.43
CA LYS A 85 -1.36 0.49 10.06
C LYS A 85 -0.07 0.42 9.23
N ALA A 86 0.18 1.50 8.50
CA ALA A 86 1.38 1.58 7.68
C ALA A 86 1.86 3.03 7.62
N MET A 87 3.16 3.17 7.42
CA MET A 87 3.76 4.50 7.35
C MET A 87 4.32 4.77 5.95
N VAL A 88 3.92 5.91 5.39
CA VAL A 88 4.38 6.30 4.07
C VAL A 88 5.66 7.12 4.20
N LEU A 89 6.73 6.59 3.62
CA LEU A 89 8.01 7.26 3.66
C LEU A 89 8.44 7.63 2.24
N GLU A 90 9.56 8.32 2.14
CA GLU A 90 10.08 8.74 0.86
C GLU A 90 11.51 8.22 0.67
N LEU A 91 11.70 7.52 -0.44
CA LEU A 91 13.01 6.97 -0.75
C LEU A 91 14.06 8.08 -0.76
N LYS A 92 14.64 8.32 0.41
CA LYS A 92 15.65 9.36 0.54
C LYS A 92 15.11 10.67 -0.03
N GLN A 93 14.17 11.25 0.68
CA GLN A 93 13.57 12.50 0.25
C GLN A 93 12.69 12.27 -0.98
N SER A 94 13.34 11.85 -2.06
CA SER A 94 12.65 11.59 -3.30
C SER A 94 12.00 12.88 -3.82
N SER A 95 12.37 13.25 -5.03
CA SER A 95 11.84 14.45 -5.65
C SER A 95 11.21 14.11 -7.00
N GLY A 96 10.33 15.00 -7.44
CA GLY A 96 9.65 14.80 -8.72
C GLY A 96 8.14 15.00 -8.57
N PRO A 97 7.69 16.23 -8.92
CA PRO A 97 6.27 16.56 -8.83
C PRO A 97 5.49 15.91 -9.97
N SER A 98 4.30 15.43 -9.64
CA SER A 98 3.44 14.79 -10.62
C SER A 98 2.23 15.67 -10.91
N SER A 99 1.84 15.68 -12.18
CA SER A 99 0.71 16.48 -12.60
C SER A 99 0.95 17.96 -12.29
N GLY A 100 0.18 18.80 -12.94
CA GLY A 100 0.29 20.24 -12.74
C GLY A 100 -1.06 20.86 -12.38
N GLY A 1 3.60 -25.58 -13.56
CA GLY A 1 2.77 -25.76 -12.39
C GLY A 1 3.37 -26.81 -11.44
N SER A 2 2.88 -28.02 -11.57
CA SER A 2 3.36 -29.11 -10.73
C SER A 2 3.11 -28.80 -9.26
N SER A 3 2.96 -29.86 -8.47
CA SER A 3 2.71 -29.70 -7.05
C SER A 3 1.25 -29.30 -6.81
N GLY A 4 0.91 -28.11 -7.27
CA GLY A 4 -0.44 -27.61 -7.11
C GLY A 4 -0.71 -26.44 -8.07
N SER A 5 -1.87 -25.83 -7.90
CA SER A 5 -2.26 -24.70 -8.73
C SER A 5 -3.28 -23.84 -8.01
N SER A 6 -4.37 -24.47 -7.60
CA SER A 6 -5.43 -23.78 -6.90
C SER A 6 -6.00 -22.66 -7.78
N GLY A 7 -7.15 -22.14 -7.36
CA GLY A 7 -7.80 -21.07 -8.09
C GLY A 7 -9.21 -20.82 -7.56
N ASP A 8 -9.55 -19.55 -7.45
CA ASP A 8 -10.86 -19.17 -6.96
C ASP A 8 -11.15 -17.71 -7.35
N ASN A 9 -12.29 -17.53 -8.00
CA ASN A 9 -12.69 -16.20 -8.45
C ASN A 9 -13.35 -15.46 -7.28
N TYR A 10 -14.35 -16.12 -6.70
CA TYR A 10 -15.07 -15.53 -5.58
C TYR A 10 -15.37 -16.59 -4.52
N ARG A 11 -14.98 -16.27 -3.28
CA ARG A 11 -15.21 -17.17 -2.17
C ARG A 11 -15.61 -16.38 -0.92
N THR A 12 -14.81 -15.36 -0.62
CA THR A 12 -15.07 -14.53 0.54
C THR A 12 -14.44 -13.15 0.36
N THR A 13 -15.09 -12.15 0.91
CA THR A 13 -14.59 -10.78 0.83
C THR A 13 -13.10 -10.74 1.15
N GLY A 14 -12.79 -11.07 2.39
CA GLY A 14 -11.40 -11.07 2.83
C GLY A 14 -10.81 -9.66 2.81
N ILE A 15 -11.70 -8.68 3.00
CA ILE A 15 -11.29 -7.30 2.99
C ILE A 15 -10.51 -6.99 4.29
N ALA A 16 -9.70 -5.94 4.23
CA ALA A 16 -8.91 -5.54 5.37
C ALA A 16 -8.51 -4.07 5.22
N THR A 17 -9.02 -3.26 6.14
CA THR A 17 -8.72 -1.84 6.13
C THR A 17 -7.31 -1.58 6.66
N ILE A 18 -6.56 -0.77 5.92
CA ILE A 18 -5.21 -0.45 6.31
C ILE A 18 -5.11 1.07 6.53
N GLU A 19 -4.39 1.43 7.58
CA GLU A 19 -4.20 2.84 7.91
C GLU A 19 -2.85 3.34 7.38
N VAL A 20 -2.92 4.20 6.38
CA VAL A 20 -1.73 4.75 5.78
C VAL A 20 -1.37 6.07 6.49
N PHE A 21 -0.16 6.09 7.03
CA PHE A 21 0.31 7.27 7.74
C PHE A 21 1.26 8.10 6.86
N LEU A 22 0.69 9.10 6.20
CA LEU A 22 1.46 9.96 5.33
C LEU A 22 2.49 10.73 6.16
N PRO A 23 3.60 11.13 5.48
CA PRO A 23 4.66 11.87 6.15
C PRO A 23 4.24 13.32 6.38
N PRO A 24 5.07 14.04 7.19
CA PRO A 24 4.80 15.43 7.49
C PRO A 24 5.13 16.33 6.30
N ARG A 25 4.16 16.48 5.42
CA ARG A 25 4.33 17.30 4.24
C ARG A 25 3.07 17.26 3.38
N LEU A 26 2.45 16.09 3.35
CA LEU A 26 1.24 15.91 2.56
C LEU A 26 0.03 15.95 3.49
N LYS A 27 0.20 16.62 4.62
CA LYS A 27 -0.87 16.73 5.59
C LYS A 27 -2.19 16.94 4.87
N LYS A 28 -3.12 16.02 5.11
CA LYS A 28 -4.43 16.10 4.48
C LYS A 28 -5.52 15.90 5.55
N ASP A 29 -5.34 14.84 6.33
CA ASP A 29 -6.29 14.54 7.39
C ASP A 29 -7.68 14.34 6.79
N ARG A 30 -8.12 13.09 6.78
CA ARG A 30 -9.43 12.76 6.24
C ARG A 30 -9.65 11.25 6.27
N LYS A 31 -9.20 10.64 7.36
CA LYS A 31 -9.34 9.20 7.53
C LYS A 31 -8.77 8.49 6.30
N ASN A 32 -7.45 8.38 6.28
CA ASN A 32 -6.77 7.73 5.17
C ASN A 32 -6.75 6.21 5.42
N LEU A 33 -7.79 5.55 4.94
CA LEU A 33 -7.90 4.11 5.09
C LEU A 33 -7.90 3.45 3.72
N LEU A 34 -7.15 2.37 3.62
CA LEU A 34 -7.05 1.64 2.36
C LEU A 34 -7.74 0.28 2.51
N GLU A 35 -8.76 0.07 1.71
CA GLU A 35 -9.51 -1.18 1.75
C GLU A 35 -8.94 -2.17 0.72
N THR A 36 -8.29 -3.20 1.24
CA THR A 36 -7.71 -4.22 0.40
C THR A 36 -7.74 -5.58 1.09
N ARG A 37 -7.63 -6.62 0.28
CA ARG A 37 -7.64 -7.98 0.80
C ARG A 37 -6.29 -8.32 1.41
N LEU A 38 -6.17 -9.58 1.84
CA LEU A 38 -4.93 -10.05 2.45
C LEU A 38 -4.19 -10.95 1.46
N HIS A 39 -4.74 -11.01 0.25
CA HIS A 39 -4.15 -11.83 -0.79
C HIS A 39 -3.24 -10.97 -1.67
N ILE A 40 -3.41 -9.66 -1.53
CA ILE A 40 -2.62 -8.72 -2.31
C ILE A 40 -1.16 -8.78 -1.84
N THR A 41 -0.26 -8.57 -2.78
CA THR A 41 1.16 -8.60 -2.49
C THR A 41 1.63 -7.22 -2.02
N GLY A 42 2.52 -7.22 -1.04
CA GLY A 42 3.06 -5.99 -0.50
C GLY A 42 3.36 -4.99 -1.62
N ARG A 43 3.75 -5.53 -2.76
CA ARG A 43 4.08 -4.70 -3.91
C ARG A 43 2.83 -3.94 -4.37
N GLU A 44 1.73 -4.66 -4.46
CA GLU A 44 0.47 -4.06 -4.87
C GLU A 44 0.13 -2.86 -3.99
N LEU A 45 0.38 -3.02 -2.70
CA LEU A 45 0.11 -1.96 -1.74
C LEU A 45 0.96 -0.74 -2.08
N ARG A 46 2.28 -0.95 -2.07
CA ARG A 46 3.21 0.12 -2.37
C ARG A 46 2.72 0.92 -3.58
N SER A 47 2.10 0.21 -4.51
CA SER A 47 1.59 0.85 -5.72
C SER A 47 0.21 1.43 -5.45
N LYS A 48 -0.61 0.63 -4.78
CA LYS A 48 -1.97 1.05 -4.46
C LYS A 48 -1.92 2.44 -3.80
N ILE A 49 -1.35 2.48 -2.61
CA ILE A 49 -1.23 3.72 -1.87
C ILE A 49 -0.91 4.86 -2.84
N ALA A 50 0.05 4.60 -3.72
CA ALA A 50 0.46 5.59 -4.70
C ALA A 50 -0.78 6.06 -5.48
N GLU A 51 -1.29 5.17 -6.31
CA GLU A 51 -2.46 5.48 -7.12
C GLU A 51 -3.60 5.98 -6.22
N THR A 52 -3.72 5.36 -5.07
CA THR A 52 -4.75 5.74 -4.11
C THR A 52 -4.69 7.24 -3.83
N PHE A 53 -3.58 7.65 -3.23
CA PHE A 53 -3.38 9.05 -2.90
C PHE A 53 -2.62 9.78 -4.01
N GLY A 54 -2.68 9.20 -5.20
CA GLY A 54 -2.01 9.78 -6.35
C GLY A 54 -0.54 10.07 -6.03
N LEU A 55 -0.01 9.32 -5.07
CA LEU A 55 1.37 9.50 -4.67
C LEU A 55 2.28 8.67 -5.58
N GLN A 56 3.54 8.59 -5.20
CA GLN A 56 4.51 7.83 -5.98
C GLN A 56 4.61 6.40 -5.45
N GLU A 57 4.81 5.48 -6.39
CA GLU A 57 4.92 4.07 -6.04
C GLU A 57 6.38 3.62 -6.16
N ASN A 58 7.13 4.34 -6.97
CA ASN A 58 8.54 4.02 -7.18
C ASN A 58 9.40 4.94 -6.30
N TYR A 59 8.72 5.72 -5.47
CA TYR A 59 9.41 6.64 -4.59
C TYR A 59 8.79 6.63 -3.19
N ILE A 60 8.27 5.48 -2.81
CA ILE A 60 7.64 5.33 -1.50
C ILE A 60 7.97 3.95 -0.94
N LYS A 61 7.94 3.86 0.38
CA LYS A 61 8.23 2.61 1.05
C LYS A 61 7.41 2.52 2.34
N ILE A 62 6.59 1.48 2.42
CA ILE A 62 5.75 1.27 3.58
C ILE A 62 6.60 0.71 4.73
N VAL A 63 6.12 0.93 5.94
CA VAL A 63 6.83 0.45 7.12
C VAL A 63 5.80 -0.06 8.13
N ILE A 64 6.09 -1.24 8.68
CA ILE A 64 5.21 -1.86 9.65
C ILE A 64 6.05 -2.65 10.66
N ASN A 65 5.81 -2.38 11.93
CA ASN A 65 6.53 -3.07 12.99
C ASN A 65 8.02 -2.77 12.85
N LYS A 66 8.34 -1.48 12.83
CA LYS A 66 9.73 -1.05 12.71
C LYS A 66 10.43 -1.91 11.66
N LYS A 67 9.68 -2.28 10.64
CA LYS A 67 10.21 -3.10 9.56
C LYS A 67 9.80 -2.51 8.22
N GLN A 68 10.24 -3.17 7.16
CA GLN A 68 9.93 -2.71 5.81
C GLN A 68 8.84 -3.59 5.20
N LEU A 69 7.94 -2.94 4.47
CA LEU A 69 6.84 -3.64 3.82
C LEU A 69 7.40 -4.81 3.01
N GLN A 70 6.70 -5.93 3.08
CA GLN A 70 7.10 -7.12 2.36
C GLN A 70 6.41 -7.18 1.00
N LEU A 71 7.06 -6.60 0.00
CA LEU A 71 6.51 -6.59 -1.34
C LEU A 71 6.64 -7.98 -1.96
N GLY A 72 7.36 -8.84 -1.26
CA GLY A 72 7.57 -10.20 -1.72
C GLY A 72 6.78 -11.19 -0.86
N LYS A 73 6.05 -10.64 0.10
CA LYS A 73 5.25 -11.47 0.99
C LYS A 73 3.84 -10.90 1.08
N THR A 74 2.87 -11.80 1.07
CA THR A 74 1.47 -11.40 1.15
C THR A 74 1.17 -10.79 2.52
N LEU A 75 0.18 -9.91 2.54
CA LEU A 75 -0.22 -9.26 3.77
C LEU A 75 -0.19 -10.27 4.92
N GLU A 76 -0.83 -11.41 4.67
CA GLU A 76 -0.89 -12.47 5.67
C GLU A 76 0.52 -12.94 6.00
N GLU A 77 1.34 -13.06 4.98
CA GLU A 77 2.71 -13.51 5.16
C GLU A 77 3.47 -12.55 6.08
N GLN A 78 3.03 -11.31 6.07
CA GLN A 78 3.65 -10.27 6.90
C GLN A 78 2.76 -9.95 8.09
N GLY A 79 2.01 -10.95 8.53
CA GLY A 79 1.11 -10.78 9.66
C GLY A 79 0.38 -9.44 9.58
N VAL A 80 -0.48 -9.34 8.57
CA VAL A 80 -1.26 -8.12 8.38
C VAL A 80 -2.75 -8.46 8.46
N ALA A 81 -3.34 -8.05 9.58
CA ALA A 81 -4.76 -8.30 9.80
C ALA A 81 -5.56 -7.09 9.32
N HIS A 82 -6.73 -6.93 9.91
CA HIS A 82 -7.61 -5.82 9.56
C HIS A 82 -7.10 -4.54 10.22
N ASN A 83 -7.16 -4.54 11.54
CA ASN A 83 -6.71 -3.38 12.31
C ASN A 83 -5.18 -3.30 12.24
N VAL A 84 -4.70 -2.57 11.24
CA VAL A 84 -3.27 -2.41 11.06
C VAL A 84 -2.98 -1.01 10.51
N LYS A 85 -1.71 -0.66 10.48
CA LYS A 85 -1.31 0.64 9.98
C LYS A 85 -0.02 0.48 9.15
N ALA A 86 0.25 1.50 8.35
CA ALA A 86 1.44 1.48 7.50
C ALA A 86 1.97 2.91 7.36
N MET A 87 3.28 3.03 7.48
CA MET A 87 3.93 4.32 7.36
C MET A 87 4.58 4.50 5.99
N VAL A 88 4.18 5.55 5.30
CA VAL A 88 4.71 5.84 3.98
C VAL A 88 5.95 6.72 4.11
N LEU A 89 7.07 6.19 3.66
CA LEU A 89 8.33 6.91 3.72
C LEU A 89 8.83 7.15 2.30
N GLU A 90 9.56 8.26 2.15
CA GLU A 90 10.10 8.62 0.85
C GLU A 90 11.47 7.97 0.66
N LEU A 91 11.64 7.37 -0.51
CA LEU A 91 12.90 6.70 -0.83
C LEU A 91 14.03 7.74 -0.83
N LYS A 92 14.05 8.55 -1.89
CA LYS A 92 15.05 9.58 -2.02
C LYS A 92 16.42 8.92 -2.21
N GLN A 93 16.83 8.81 -3.46
CA GLN A 93 18.12 8.21 -3.77
C GLN A 93 18.90 9.10 -4.73
N SER A 94 18.32 9.32 -5.90
CA SER A 94 18.96 10.15 -6.91
C SER A 94 17.99 10.41 -8.07
N SER A 95 17.58 9.33 -8.71
CA SER A 95 16.67 9.43 -9.83
C SER A 95 16.02 8.07 -10.10
N GLY A 96 15.03 8.08 -10.98
CA GLY A 96 14.33 6.86 -11.34
C GLY A 96 14.49 6.55 -12.82
N PRO A 97 15.46 5.64 -13.12
CA PRO A 97 15.72 5.25 -14.50
C PRO A 97 14.65 4.29 -15.01
N SER A 98 13.94 4.75 -16.03
CA SER A 98 12.88 3.95 -16.62
C SER A 98 13.31 3.45 -18.01
N SER A 99 12.45 2.63 -18.59
CA SER A 99 12.72 2.08 -19.91
C SER A 99 14.01 1.24 -19.86
N GLY A 100 14.04 0.22 -20.71
CA GLY A 100 15.19 -0.66 -20.78
C GLY A 100 14.76 -2.13 -20.87
N GLY A 1 -5.20 -13.24 -18.05
CA GLY A 1 -5.70 -14.05 -16.95
C GLY A 1 -5.11 -15.47 -17.02
N SER A 2 -5.74 -16.38 -16.31
CA SER A 2 -5.30 -17.76 -16.28
C SER A 2 -6.52 -18.70 -16.23
N SER A 3 -6.44 -19.76 -17.02
CA SER A 3 -7.51 -20.74 -17.07
C SER A 3 -8.86 -20.02 -17.09
N GLY A 4 -9.32 -19.71 -18.29
CA GLY A 4 -10.59 -19.02 -18.46
C GLY A 4 -10.40 -17.67 -19.13
N SER A 5 -11.23 -16.72 -18.73
CA SER A 5 -11.17 -15.38 -19.29
C SER A 5 -11.76 -14.38 -18.31
N SER A 6 -13.02 -14.61 -17.97
CA SER A 6 -13.72 -13.73 -17.03
C SER A 6 -14.16 -14.52 -15.80
N GLY A 7 -14.95 -15.55 -16.04
CA GLY A 7 -15.44 -16.39 -14.97
C GLY A 7 -16.13 -15.55 -13.88
N ASP A 8 -16.59 -16.24 -12.85
CA ASP A 8 -17.27 -15.56 -11.75
C ASP A 8 -16.88 -16.24 -10.43
N ASN A 9 -16.33 -15.44 -9.53
CA ASN A 9 -15.91 -15.94 -8.24
C ASN A 9 -16.26 -14.91 -7.16
N TYR A 10 -17.25 -15.25 -6.35
CA TYR A 10 -17.69 -14.38 -5.28
C TYR A 10 -17.90 -15.16 -3.98
N ARG A 11 -17.20 -14.72 -2.94
CA ARG A 11 -17.31 -15.37 -1.65
C ARG A 11 -16.71 -14.47 -0.56
N THR A 12 -17.59 -13.67 0.04
CA THR A 12 -17.17 -12.76 1.09
C THR A 12 -16.09 -11.81 0.57
N THR A 13 -15.98 -10.67 1.25
CA THR A 13 -15.00 -9.66 0.86
C THR A 13 -13.76 -9.76 1.76
N GLY A 14 -12.83 -10.62 1.34
CA GLY A 14 -11.60 -10.82 2.10
C GLY A 14 -10.71 -9.57 2.03
N ILE A 15 -11.26 -8.47 2.55
CA ILE A 15 -10.53 -7.21 2.56
C ILE A 15 -10.11 -6.88 3.99
N ALA A 16 -9.19 -5.94 4.11
CA ALA A 16 -8.70 -5.53 5.41
C ALA A 16 -8.42 -4.02 5.39
N THR A 17 -8.85 -3.36 6.45
CA THR A 17 -8.65 -1.92 6.56
C THR A 17 -7.21 -1.61 6.96
N ILE A 18 -6.58 -0.75 6.16
CA ILE A 18 -5.21 -0.36 6.41
C ILE A 18 -5.14 1.14 6.67
N GLU A 19 -4.36 1.51 7.68
CA GLU A 19 -4.21 2.90 8.03
C GLU A 19 -2.93 3.47 7.42
N VAL A 20 -3.11 4.35 6.45
CA VAL A 20 -1.98 4.97 5.78
C VAL A 20 -1.62 6.28 6.50
N PHE A 21 -0.42 6.31 7.04
CA PHE A 21 0.05 7.48 7.76
C PHE A 21 1.00 8.31 6.88
N LEU A 22 0.42 9.31 6.22
CA LEU A 22 1.20 10.17 5.35
C LEU A 22 1.96 11.19 6.20
N PRO A 23 3.06 11.74 5.60
CA PRO A 23 3.87 12.72 6.29
C PRO A 23 3.17 14.09 6.34
N PRO A 24 3.77 15.00 7.14
CA PRO A 24 3.21 16.34 7.28
C PRO A 24 3.50 17.18 6.04
N ARG A 25 2.58 17.12 5.09
CA ARG A 25 2.72 17.87 3.85
C ARG A 25 1.63 17.47 2.86
N LEU A 26 1.27 16.19 2.93
CA LEU A 26 0.24 15.66 2.03
C LEU A 26 -1.02 15.36 2.85
N LYS A 27 -1.18 16.10 3.93
CA LYS A 27 -2.33 15.91 4.80
C LYS A 27 -3.58 15.70 3.94
N LYS A 28 -4.09 14.49 3.98
CA LYS A 28 -5.27 14.14 3.21
C LYS A 28 -6.52 14.36 4.08
N ASP A 29 -6.46 15.40 4.90
CA ASP A 29 -7.56 15.72 5.78
C ASP A 29 -7.86 14.52 6.68
N ARG A 30 -7.34 14.59 7.90
CA ARG A 30 -7.53 13.52 8.86
C ARG A 30 -6.77 12.26 8.43
N LYS A 31 -6.98 11.19 9.18
CA LYS A 31 -6.32 9.93 8.88
C LYS A 31 -6.78 9.43 7.51
N ASN A 32 -6.16 8.34 7.08
CA ASN A 32 -6.50 7.76 5.78
C ASN A 32 -6.56 6.23 5.93
N LEU A 33 -7.64 5.67 5.40
CA LEU A 33 -7.84 4.23 5.46
C LEU A 33 -7.78 3.65 4.05
N LEU A 34 -7.18 2.48 3.94
CA LEU A 34 -7.06 1.82 2.66
C LEU A 34 -7.62 0.40 2.77
N GLU A 35 -8.63 0.13 1.95
CA GLU A 35 -9.27 -1.18 1.96
C GLU A 35 -8.72 -2.03 0.80
N THR A 36 -8.08 -3.12 1.17
CA THR A 36 -7.51 -4.02 0.19
C THR A 36 -7.52 -5.46 0.71
N ARG A 37 -7.30 -6.39 -0.22
CA ARG A 37 -7.29 -7.81 0.14
C ARG A 37 -6.03 -8.13 0.95
N LEU A 38 -5.94 -9.39 1.35
CA LEU A 38 -4.80 -9.84 2.13
C LEU A 38 -3.92 -10.76 1.26
N HIS A 39 -4.52 -11.26 0.20
CA HIS A 39 -3.82 -12.15 -0.71
C HIS A 39 -2.87 -11.32 -1.59
N ILE A 40 -3.18 -10.04 -1.69
CA ILE A 40 -2.36 -9.14 -2.49
C ILE A 40 -0.95 -9.09 -1.91
N THR A 41 0.02 -9.01 -2.82
CA THR A 41 1.42 -8.95 -2.41
C THR A 41 1.78 -7.53 -1.96
N GLY A 42 2.61 -7.48 -0.92
CA GLY A 42 3.05 -6.20 -0.38
C GLY A 42 3.35 -5.21 -1.51
N ARG A 43 3.97 -5.73 -2.56
CA ARG A 43 4.33 -4.90 -3.70
C ARG A 43 3.12 -4.13 -4.20
N GLU A 44 2.00 -4.83 -4.29
CA GLU A 44 0.76 -4.22 -4.74
C GLU A 44 0.40 -3.03 -3.87
N LEU A 45 0.41 -3.27 -2.57
CA LEU A 45 0.09 -2.22 -1.61
C LEU A 45 0.79 -0.92 -2.03
N ARG A 46 2.11 -1.01 -2.14
CA ARG A 46 2.91 0.14 -2.52
C ARG A 46 2.29 0.83 -3.74
N SER A 47 2.09 0.06 -4.78
CA SER A 47 1.50 0.58 -6.01
C SER A 47 0.08 1.06 -5.74
N LYS A 48 -0.53 0.47 -4.72
CA LYS A 48 -1.89 0.83 -4.35
C LYS A 48 -1.89 2.22 -3.72
N ILE A 49 -1.35 2.30 -2.52
CA ILE A 49 -1.28 3.56 -1.81
C ILE A 49 -0.94 4.69 -2.79
N ALA A 50 0.20 4.53 -3.46
CA ALA A 50 0.64 5.51 -4.42
C ALA A 50 -0.54 5.95 -5.30
N GLU A 51 -0.97 5.02 -6.15
CA GLU A 51 -2.09 5.28 -7.04
C GLU A 51 -3.28 5.86 -6.25
N THR A 52 -3.53 5.24 -5.10
CA THR A 52 -4.63 5.67 -4.26
C THR A 52 -4.51 7.17 -3.96
N PHE A 53 -3.40 7.53 -3.32
CA PHE A 53 -3.16 8.92 -2.97
C PHE A 53 -2.49 9.66 -4.13
N GLY A 54 -2.54 9.04 -5.29
CA GLY A 54 -1.94 9.62 -6.48
C GLY A 54 -0.46 9.91 -6.27
N LEU A 55 0.09 9.28 -5.23
CA LEU A 55 1.50 9.46 -4.90
C LEU A 55 2.33 8.51 -5.74
N GLN A 56 3.64 8.56 -5.53
CA GLN A 56 4.55 7.71 -6.27
C GLN A 56 4.75 6.37 -5.54
N GLU A 57 4.87 5.33 -6.32
CA GLU A 57 5.05 3.99 -5.77
C GLU A 57 6.52 3.57 -5.89
N ASN A 58 7.20 4.16 -6.87
CA ASN A 58 8.60 3.85 -7.10
C ASN A 58 9.47 4.85 -6.34
N TYR A 59 8.81 5.66 -5.52
CA TYR A 59 9.51 6.68 -4.74
C TYR A 59 8.96 6.74 -3.32
N ILE A 60 8.52 5.58 -2.83
CA ILE A 60 7.98 5.49 -1.48
C ILE A 60 8.25 4.09 -0.93
N LYS A 61 8.14 3.98 0.39
CA LYS A 61 8.36 2.72 1.06
C LYS A 61 7.49 2.64 2.32
N ILE A 62 6.74 1.56 2.41
CA ILE A 62 5.86 1.35 3.55
C ILE A 62 6.69 0.84 4.74
N VAL A 63 6.17 1.10 5.93
CA VAL A 63 6.85 0.68 7.15
C VAL A 63 5.80 0.19 8.16
N ILE A 64 6.13 -0.92 8.80
CA ILE A 64 5.23 -1.50 9.79
C ILE A 64 6.05 -2.24 10.85
N ASN A 65 5.85 -1.84 12.09
CA ASN A 65 6.56 -2.45 13.20
C ASN A 65 8.06 -2.22 13.03
N LYS A 66 8.43 -0.94 12.97
CA LYS A 66 9.82 -0.57 12.81
C LYS A 66 10.48 -1.51 11.79
N LYS A 67 9.70 -1.88 10.79
CA LYS A 67 10.19 -2.77 9.75
C LYS A 67 9.71 -2.26 8.38
N GLN A 68 10.12 -2.98 7.35
CA GLN A 68 9.74 -2.61 5.99
C GLN A 68 8.59 -3.51 5.50
N LEU A 69 7.83 -2.97 4.56
CA LEU A 69 6.71 -3.70 4.00
C LEU A 69 7.23 -4.90 3.22
N GLN A 70 6.59 -6.05 3.44
CA GLN A 70 6.97 -7.27 2.75
C GLN A 70 6.36 -7.31 1.35
N LEU A 71 7.08 -6.73 0.40
CA LEU A 71 6.63 -6.70 -0.97
C LEU A 71 6.78 -8.09 -1.60
N GLY A 72 7.48 -8.96 -0.86
CA GLY A 72 7.71 -10.31 -1.33
C GLY A 72 6.72 -11.29 -0.68
N LYS A 73 6.13 -10.85 0.42
CA LYS A 73 5.17 -11.67 1.13
C LYS A 73 3.80 -10.98 1.10
N THR A 74 2.76 -11.80 1.06
CA THR A 74 1.40 -11.29 1.04
C THR A 74 1.04 -10.67 2.39
N LEU A 75 0.17 -9.66 2.33
CA LEU A 75 -0.25 -8.98 3.53
C LEU A 75 -0.44 -10.00 4.66
N GLU A 76 -1.04 -11.12 4.30
CA GLU A 76 -1.28 -12.18 5.26
C GLU A 76 0.03 -12.85 5.66
N GLU A 77 0.83 -13.16 4.65
CA GLU A 77 2.12 -13.79 4.88
C GLU A 77 2.91 -13.04 5.95
N GLN A 78 3.16 -11.77 5.66
CA GLN A 78 3.91 -10.93 6.59
C GLN A 78 3.24 -10.94 7.96
N GLY A 79 1.93 -10.81 7.95
CA GLY A 79 1.16 -10.81 9.19
C GLY A 79 0.21 -9.62 9.24
N VAL A 80 -0.62 -9.52 8.21
CA VAL A 80 -1.59 -8.44 8.12
C VAL A 80 -3.00 -9.01 8.21
N ALA A 81 -3.73 -8.55 9.21
CA ALA A 81 -5.10 -9.01 9.41
C ALA A 81 -6.07 -7.92 8.97
N HIS A 82 -6.61 -7.22 9.95
CA HIS A 82 -7.55 -6.14 9.67
C HIS A 82 -7.04 -4.84 10.27
N ASN A 83 -7.02 -4.80 11.60
CA ASN A 83 -6.56 -3.62 12.31
C ASN A 83 -5.03 -3.51 12.16
N VAL A 84 -4.64 -2.79 11.12
CA VAL A 84 -3.22 -2.59 10.85
C VAL A 84 -2.99 -1.16 10.33
N LYS A 85 -1.73 -0.76 10.35
CA LYS A 85 -1.37 0.58 9.89
C LYS A 85 -0.08 0.50 9.07
N ALA A 86 0.17 1.57 8.33
CA ALA A 86 1.36 1.63 7.50
C ALA A 86 1.85 3.08 7.43
N MET A 87 3.16 3.22 7.29
CA MET A 87 3.77 4.54 7.21
C MET A 87 4.37 4.79 5.82
N VAL A 88 3.95 5.90 5.23
CA VAL A 88 4.45 6.26 3.90
C VAL A 88 5.71 7.10 4.04
N LEU A 89 6.80 6.56 3.51
CA LEU A 89 8.08 7.25 3.56
C LEU A 89 8.52 7.62 2.15
N GLU A 90 9.51 8.50 2.08
CA GLU A 90 10.02 8.95 0.79
C GLU A 90 11.49 8.57 0.66
N LEU A 91 11.79 7.83 -0.41
CA LEU A 91 13.15 7.40 -0.67
C LEU A 91 14.07 8.61 -0.66
N LYS A 92 15.36 8.34 -0.78
CA LYS A 92 16.36 9.39 -0.80
C LYS A 92 16.91 9.54 -2.21
N GLN A 93 17.13 10.79 -2.60
CA GLN A 93 17.66 11.08 -3.93
C GLN A 93 18.75 10.08 -4.31
N SER A 94 18.62 9.52 -5.50
CA SER A 94 19.59 8.56 -5.98
C SER A 94 19.71 8.65 -7.50
N SER A 95 20.82 8.13 -8.01
CA SER A 95 21.07 8.15 -9.44
C SER A 95 21.97 6.98 -9.83
N GLY A 96 21.65 6.38 -10.97
CA GLY A 96 22.42 5.25 -11.46
C GLY A 96 22.47 5.24 -12.99
N PRO A 97 23.21 4.25 -13.54
CA PRO A 97 23.34 4.12 -14.98
C PRO A 97 22.07 3.55 -15.60
N SER A 98 22.04 3.55 -16.93
CA SER A 98 20.89 3.04 -17.65
C SER A 98 19.63 3.77 -17.20
N SER A 99 18.56 3.54 -17.95
CA SER A 99 17.28 4.17 -17.64
C SER A 99 16.24 3.09 -17.32
N GLY A 100 15.60 3.26 -16.16
CA GLY A 100 14.58 2.32 -15.73
C GLY A 100 15.19 0.94 -15.48
N GLY A 1 -3.27 0.33 -23.01
CA GLY A 1 -4.51 -0.03 -22.33
C GLY A 1 -4.95 -1.46 -22.69
N SER A 2 -5.58 -1.57 -23.85
CA SER A 2 -6.05 -2.86 -24.32
C SER A 2 -6.74 -3.61 -23.18
N SER A 3 -7.99 -3.24 -22.95
CA SER A 3 -8.77 -3.87 -21.89
C SER A 3 -10.25 -3.53 -22.06
N GLY A 4 -11.09 -4.36 -21.46
CA GLY A 4 -12.53 -4.17 -21.54
C GLY A 4 -12.97 -2.98 -20.68
N SER A 5 -14.15 -2.48 -20.99
CA SER A 5 -14.70 -1.34 -20.26
C SER A 5 -14.88 -1.71 -18.78
N SER A 6 -13.88 -1.32 -18.00
CA SER A 6 -13.92 -1.59 -16.57
C SER A 6 -14.08 -3.10 -16.33
N GLY A 7 -13.89 -3.49 -15.08
CA GLY A 7 -14.02 -4.89 -14.71
C GLY A 7 -13.61 -5.11 -13.25
N ASP A 8 -14.57 -4.87 -12.36
CA ASP A 8 -14.33 -5.03 -10.94
C ASP A 8 -15.62 -5.48 -10.25
N ASN A 9 -15.56 -6.67 -9.66
CA ASN A 9 -16.71 -7.21 -8.98
C ASN A 9 -16.58 -6.94 -7.47
N TYR A 10 -17.70 -6.55 -6.88
CA TYR A 10 -17.73 -6.25 -5.45
C TYR A 10 -19.12 -6.50 -4.87
N ARG A 11 -19.15 -7.24 -3.78
CA ARG A 11 -20.40 -7.56 -3.12
C ARG A 11 -20.14 -8.02 -1.68
N THR A 12 -19.23 -8.98 -1.55
CA THR A 12 -18.89 -9.51 -0.25
C THR A 12 -17.40 -9.86 -0.20
N THR A 13 -16.62 -8.92 0.30
CA THR A 13 -15.18 -9.13 0.41
C THR A 13 -14.68 -8.63 1.77
N GLY A 14 -14.34 -9.58 2.63
CA GLY A 14 -13.84 -9.26 3.96
C GLY A 14 -12.93 -8.03 3.92
N ILE A 15 -11.88 -8.14 3.13
CA ILE A 15 -10.92 -7.06 2.99
C ILE A 15 -10.38 -6.68 4.38
N ALA A 16 -9.28 -5.94 4.37
CA ALA A 16 -8.66 -5.51 5.61
C ALA A 16 -8.36 -4.01 5.52
N THR A 17 -8.78 -3.31 6.57
CA THR A 17 -8.56 -1.87 6.63
C THR A 17 -7.11 -1.56 7.00
N ILE A 18 -6.50 -0.69 6.21
CA ILE A 18 -5.12 -0.31 6.43
C ILE A 18 -5.04 1.20 6.68
N GLU A 19 -4.25 1.57 7.67
CA GLU A 19 -4.08 2.96 8.01
C GLU A 19 -2.80 3.53 7.39
N VAL A 20 -2.99 4.40 6.41
CA VAL A 20 -1.85 5.01 5.73
C VAL A 20 -1.54 6.35 6.38
N PHE A 21 -0.33 6.43 6.92
CA PHE A 21 0.11 7.66 7.58
C PHE A 21 1.04 8.46 6.67
N LEU A 22 0.43 9.43 5.97
CA LEU A 22 1.19 10.27 5.07
C LEU A 22 2.06 11.23 5.88
N PRO A 23 3.13 11.75 5.21
CA PRO A 23 4.05 12.66 5.85
C PRO A 23 3.42 14.06 5.98
N PRO A 24 4.16 14.95 6.69
CA PRO A 24 3.69 16.32 6.89
C PRO A 24 3.83 17.14 5.62
N ARG A 25 3.03 16.79 4.62
CA ARG A 25 3.05 17.49 3.35
C ARG A 25 1.80 17.16 2.54
N LEU A 26 1.44 15.89 2.56
CA LEU A 26 0.26 15.43 1.83
C LEU A 26 -0.83 15.05 2.83
N LYS A 27 -0.94 15.85 3.88
CA LYS A 27 -1.93 15.62 4.91
C LYS A 27 -3.23 15.16 4.26
N LYS A 28 -3.89 16.11 3.60
CA LYS A 28 -5.14 15.82 2.92
C LYS A 28 -6.25 15.62 3.97
N ASP A 29 -6.06 14.62 4.80
CA ASP A 29 -7.03 14.31 5.85
C ASP A 29 -6.43 13.28 6.81
N ARG A 30 -6.57 13.57 8.10
CA ARG A 30 -6.06 12.68 9.13
C ARG A 30 -6.97 11.47 9.29
N LYS A 31 -7.21 10.79 8.18
CA LYS A 31 -8.07 9.61 8.20
C LYS A 31 -8.11 9.00 6.79
N ASN A 32 -6.94 8.57 6.34
CA ASN A 32 -6.83 7.96 5.02
C ASN A 32 -6.67 6.44 5.18
N LEU A 33 -7.80 5.76 5.19
CA LEU A 33 -7.81 4.31 5.33
C LEU A 33 -7.78 3.67 3.93
N LEU A 34 -7.06 2.57 3.84
CA LEU A 34 -6.94 1.86 2.58
C LEU A 34 -7.54 0.45 2.74
N GLU A 35 -8.57 0.18 1.95
CA GLU A 35 -9.23 -1.10 1.99
C GLU A 35 -8.71 -2.01 0.87
N THR A 36 -8.07 -3.10 1.28
CA THR A 36 -7.52 -4.04 0.32
C THR A 36 -7.55 -5.46 0.90
N ARG A 37 -7.36 -6.43 0.01
CA ARG A 37 -7.36 -7.82 0.42
C ARG A 37 -6.05 -8.17 1.12
N LEU A 38 -5.91 -9.43 1.46
CA LEU A 38 -4.71 -9.91 2.14
C LEU A 38 -3.92 -10.83 1.20
N HIS A 39 -4.61 -11.30 0.17
CA HIS A 39 -3.98 -12.18 -0.79
C HIS A 39 -3.03 -11.38 -1.68
N ILE A 40 -3.40 -10.13 -1.91
CA ILE A 40 -2.59 -9.25 -2.74
C ILE A 40 -1.16 -9.23 -2.20
N THR A 41 -0.22 -9.11 -3.12
CA THR A 41 1.19 -9.09 -2.76
C THR A 41 1.58 -7.70 -2.26
N GLY A 42 2.43 -7.70 -1.24
CA GLY A 42 2.89 -6.44 -0.66
C GLY A 42 3.25 -5.43 -1.74
N ARG A 43 3.72 -5.95 -2.87
CA ARG A 43 4.10 -5.10 -3.99
C ARG A 43 2.90 -4.31 -4.48
N GLU A 44 1.76 -4.98 -4.52
CA GLU A 44 0.53 -4.35 -4.96
C GLU A 44 0.16 -3.17 -4.04
N LEU A 45 0.38 -3.39 -2.76
CA LEU A 45 0.08 -2.38 -1.76
C LEU A 45 0.85 -1.10 -2.09
N ARG A 46 2.17 -1.21 -2.05
CA ARG A 46 3.03 -0.08 -2.34
C ARG A 46 2.53 0.66 -3.58
N SER A 47 2.13 -0.12 -4.57
CA SER A 47 1.62 0.45 -5.81
C SER A 47 0.24 1.05 -5.59
N LYS A 48 -0.57 0.33 -4.81
CA LYS A 48 -1.91 0.77 -4.51
C LYS A 48 -1.86 2.15 -3.85
N ILE A 49 -1.37 2.17 -2.62
CA ILE A 49 -1.26 3.41 -1.87
C ILE A 49 -0.83 4.53 -2.82
N ALA A 50 0.31 4.31 -3.48
CA ALA A 50 0.83 5.29 -4.40
C ALA A 50 -0.31 5.83 -5.27
N GLU A 51 -0.79 4.97 -6.16
CA GLU A 51 -1.86 5.35 -7.05
C GLU A 51 -3.04 5.94 -6.25
N THR A 52 -3.38 5.26 -5.16
CA THR A 52 -4.47 5.69 -4.31
C THR A 52 -4.30 7.18 -3.96
N PHE A 53 -3.14 7.50 -3.41
CA PHE A 53 -2.85 8.88 -3.04
C PHE A 53 -2.16 9.63 -4.18
N GLY A 54 -2.27 9.05 -5.37
CA GLY A 54 -1.66 9.65 -6.55
C GLY A 54 -0.19 9.99 -6.29
N LEU A 55 0.49 9.11 -5.59
CA LEU A 55 1.89 9.30 -5.27
C LEU A 55 2.75 8.43 -6.20
N GLN A 56 4.04 8.42 -5.92
CA GLN A 56 4.97 7.64 -6.71
C GLN A 56 5.44 6.41 -5.91
N GLU A 57 4.91 5.26 -6.31
CA GLU A 57 5.27 4.01 -5.65
C GLU A 57 6.79 3.79 -5.72
N ASN A 58 7.40 4.41 -6.71
CA ASN A 58 8.83 4.29 -6.89
C ASN A 58 9.55 5.30 -6.00
N TYR A 59 8.75 6.12 -5.33
CA TYR A 59 9.29 7.13 -4.44
C TYR A 59 8.63 7.08 -3.07
N ILE A 60 8.15 5.88 -2.73
CA ILE A 60 7.49 5.68 -1.45
C ILE A 60 7.67 4.22 -1.01
N LYS A 61 7.57 4.01 0.29
CA LYS A 61 7.72 2.67 0.85
C LYS A 61 6.86 2.57 2.12
N ILE A 62 6.24 1.40 2.27
CA ILE A 62 5.40 1.16 3.43
C ILE A 62 6.28 0.67 4.58
N VAL A 63 5.80 0.91 5.79
CA VAL A 63 6.51 0.50 6.99
C VAL A 63 5.51 -0.04 8.02
N ILE A 64 5.84 -1.18 8.59
CA ILE A 64 4.99 -1.80 9.58
C ILE A 64 5.86 -2.51 10.62
N ASN A 65 5.59 -2.20 11.89
CA ASN A 65 6.34 -2.80 12.98
C ASN A 65 7.82 -2.43 12.84
N LYS A 66 8.07 -1.13 12.75
CA LYS A 66 9.43 -0.64 12.62
C LYS A 66 10.18 -1.49 11.60
N LYS A 67 9.44 -1.95 10.60
CA LYS A 67 10.03 -2.78 9.56
C LYS A 67 9.53 -2.30 8.20
N GLN A 68 10.01 -2.97 7.16
CA GLN A 68 9.62 -2.63 5.80
C GLN A 68 8.59 -3.63 5.27
N LEU A 69 7.69 -3.13 4.45
CA LEU A 69 6.66 -3.96 3.86
C LEU A 69 7.30 -4.97 2.91
N GLN A 70 7.11 -6.24 3.23
CA GLN A 70 7.66 -7.31 2.41
C GLN A 70 6.86 -7.46 1.12
N LEU A 71 7.22 -6.65 0.14
CA LEU A 71 6.55 -6.68 -1.15
C LEU A 71 6.58 -8.11 -1.70
N GLY A 72 7.65 -8.81 -1.37
CA GLY A 72 7.83 -10.18 -1.82
C GLY A 72 6.90 -11.13 -1.05
N LYS A 73 6.27 -10.59 -0.03
CA LYS A 73 5.35 -11.37 0.80
C LYS A 73 3.98 -10.71 0.81
N THR A 74 2.95 -11.54 0.80
CA THR A 74 1.59 -11.04 0.81
C THR A 74 1.27 -10.40 2.17
N LEU A 75 0.28 -9.53 2.15
CA LEU A 75 -0.13 -8.83 3.36
C LEU A 75 -0.22 -9.83 4.50
N GLU A 76 -0.78 -11.00 4.20
CA GLU A 76 -0.93 -12.04 5.19
C GLU A 76 0.44 -12.65 5.52
N GLU A 77 1.19 -12.94 4.47
CA GLU A 77 2.51 -13.54 4.63
C GLU A 77 3.32 -12.73 5.65
N GLN A 78 3.50 -11.45 5.36
CA GLN A 78 4.25 -10.58 6.23
C GLN A 78 3.62 -10.56 7.63
N GLY A 79 2.30 -10.49 7.64
CA GLY A 79 1.56 -10.46 8.90
C GLY A 79 0.70 -9.19 9.01
N VAL A 80 -0.15 -9.01 8.01
CA VAL A 80 -1.02 -7.85 7.97
C VAL A 80 -2.47 -8.30 8.17
N ALA A 81 -3.05 -7.87 9.28
CA ALA A 81 -4.43 -8.23 9.60
C ALA A 81 -5.32 -7.01 9.37
N HIS A 82 -6.53 -7.11 9.90
CA HIS A 82 -7.49 -6.02 9.78
C HIS A 82 -7.22 -4.96 10.85
N ASN A 83 -7.55 -3.72 10.51
CA ASN A 83 -7.35 -2.62 11.41
C ASN A 83 -5.86 -2.53 11.78
N VAL A 84 -5.04 -2.35 10.75
CA VAL A 84 -3.61 -2.25 10.94
C VAL A 84 -3.15 -0.83 10.61
N LYS A 85 -1.90 -0.54 10.93
CA LYS A 85 -1.33 0.77 10.66
C LYS A 85 -0.14 0.62 9.72
N ALA A 86 0.06 1.64 8.90
CA ALA A 86 1.16 1.64 7.95
C ALA A 86 1.68 3.06 7.79
N MET A 87 3.00 3.16 7.69
CA MET A 87 3.64 4.46 7.53
C MET A 87 4.15 4.64 6.09
N VAL A 88 4.06 5.87 5.63
CA VAL A 88 4.50 6.20 4.28
C VAL A 88 5.79 7.02 4.36
N LEU A 89 6.84 6.46 3.80
CA LEU A 89 8.13 7.13 3.80
C LEU A 89 8.50 7.52 2.37
N GLU A 90 9.19 8.65 2.26
CA GLU A 90 9.60 9.14 0.95
C GLU A 90 11.09 8.87 0.73
N LEU A 91 11.36 8.05 -0.28
CA LEU A 91 12.73 7.71 -0.61
C LEU A 91 13.59 8.98 -0.66
N LYS A 92 14.86 8.82 -0.34
CA LYS A 92 15.78 9.94 -0.34
C LYS A 92 16.97 9.61 -1.25
N GLN A 93 17.02 10.31 -2.38
CA GLN A 93 18.08 10.11 -3.34
C GLN A 93 18.11 8.66 -3.82
N SER A 94 17.62 8.46 -5.03
CA SER A 94 17.57 7.13 -5.61
C SER A 94 18.98 6.53 -5.65
N SER A 95 19.03 5.21 -5.58
CA SER A 95 20.29 4.50 -5.60
C SER A 95 20.94 4.64 -6.98
N GLY A 96 20.23 4.14 -7.98
CA GLY A 96 20.72 4.21 -9.35
C GLY A 96 19.67 4.82 -10.28
N PRO A 97 20.17 5.38 -11.42
CA PRO A 97 19.29 5.99 -12.40
C PRO A 97 18.53 4.93 -13.20
N SER A 98 17.49 5.38 -13.88
CA SER A 98 16.68 4.48 -14.70
C SER A 98 17.27 4.37 -16.10
N SER A 99 16.70 3.45 -16.87
CA SER A 99 17.16 3.24 -18.23
C SER A 99 16.12 3.74 -19.22
N GLY A 100 14.87 3.73 -18.78
CA GLY A 100 13.77 4.18 -19.62
C GLY A 100 13.36 5.62 -19.26
N GLY A 1 -2.65 -13.10 -28.53
CA GLY A 1 -3.77 -13.16 -27.60
C GLY A 1 -4.32 -14.58 -27.51
N SER A 2 -5.60 -14.65 -27.16
CA SER A 2 -6.26 -15.94 -27.03
C SER A 2 -5.61 -16.76 -25.91
N SER A 3 -6.05 -16.50 -24.69
CA SER A 3 -5.51 -17.20 -23.54
C SER A 3 -6.66 -17.79 -22.71
N GLY A 4 -7.53 -16.90 -22.25
CA GLY A 4 -8.67 -17.30 -21.45
C GLY A 4 -8.30 -17.33 -19.96
N SER A 5 -9.28 -16.98 -19.14
CA SER A 5 -9.08 -16.96 -17.70
C SER A 5 -10.43 -16.86 -16.99
N SER A 6 -10.53 -17.60 -15.89
CA SER A 6 -11.75 -17.62 -15.11
C SER A 6 -11.44 -17.30 -13.65
N GLY A 7 -12.49 -17.07 -12.89
CA GLY A 7 -12.35 -16.76 -11.47
C GLY A 7 -13.71 -16.43 -10.84
N ASP A 8 -13.75 -16.50 -9.52
CA ASP A 8 -14.97 -16.22 -8.79
C ASP A 8 -14.63 -16.08 -7.30
N ASN A 9 -15.05 -14.96 -6.73
CA ASN A 9 -14.82 -14.69 -5.33
C ASN A 9 -15.72 -13.55 -4.86
N TYR A 10 -16.84 -13.94 -4.26
CA TYR A 10 -17.80 -12.97 -3.77
C TYR A 10 -18.15 -13.23 -2.30
N ARG A 11 -18.55 -14.46 -2.04
CA ARG A 11 -18.91 -14.85 -0.68
C ARG A 11 -17.80 -14.49 0.29
N THR A 12 -18.19 -13.89 1.41
CA THR A 12 -17.24 -13.49 2.42
C THR A 12 -16.13 -12.64 1.80
N THR A 13 -16.25 -11.33 1.99
CA THR A 13 -15.26 -10.41 1.46
C THR A 13 -14.03 -10.38 2.35
N GLY A 14 -12.91 -10.83 1.78
CA GLY A 14 -11.66 -10.86 2.51
C GLY A 14 -10.96 -9.50 2.45
N ILE A 15 -11.71 -8.47 2.81
CA ILE A 15 -11.17 -7.12 2.80
C ILE A 15 -10.43 -6.86 4.11
N ALA A 16 -9.62 -5.81 4.10
CA ALA A 16 -8.85 -5.45 5.28
C ALA A 16 -8.46 -3.98 5.20
N THR A 17 -8.93 -3.21 6.17
CA THR A 17 -8.65 -1.79 6.23
C THR A 17 -7.22 -1.55 6.73
N ILE A 18 -6.53 -0.66 6.03
CA ILE A 18 -5.15 -0.34 6.39
C ILE A 18 -5.05 1.16 6.67
N GLU A 19 -4.22 1.50 7.64
CA GLU A 19 -4.03 2.89 8.01
C GLU A 19 -2.75 3.44 7.36
N VAL A 20 -2.94 4.34 6.41
CA VAL A 20 -1.82 4.93 5.71
C VAL A 20 -1.46 6.26 6.38
N PHE A 21 -0.25 6.31 6.90
CA PHE A 21 0.24 7.51 7.57
C PHE A 21 1.20 8.29 6.67
N LEU A 22 0.64 9.28 5.99
CA LEU A 22 1.43 10.10 5.09
C LEU A 22 2.39 10.97 5.91
N PRO A 23 3.47 11.45 5.24
CA PRO A 23 4.45 12.28 5.89
C PRO A 23 3.92 13.70 6.11
N PRO A 24 4.60 14.44 7.03
CA PRO A 24 4.20 15.80 7.33
C PRO A 24 4.62 16.76 6.22
N ARG A 25 4.17 16.43 5.01
CA ARG A 25 4.49 17.25 3.85
C ARG A 25 3.27 17.40 2.95
N LEU A 26 2.61 16.27 2.72
CA LEU A 26 1.42 16.26 1.89
C LEU A 26 0.19 16.62 2.73
N LYS A 27 0.10 15.97 3.89
CA LYS A 27 -1.00 16.22 4.79
C LYS A 27 -2.30 16.36 3.99
N LYS A 28 -2.95 15.22 3.79
CA LYS A 28 -4.20 15.21 3.04
C LYS A 28 -5.30 14.57 3.89
N ASP A 29 -6.30 15.39 4.21
CA ASP A 29 -7.41 14.92 5.02
C ASP A 29 -6.90 14.55 6.41
N ARG A 30 -7.84 14.31 7.31
CA ARG A 30 -7.51 13.94 8.67
C ARG A 30 -6.94 12.53 8.72
N LYS A 31 -7.67 11.61 8.11
CA LYS A 31 -7.25 10.22 8.07
C LYS A 31 -7.33 9.70 6.63
N ASN A 32 -6.74 8.54 6.43
CA ASN A 32 -6.75 7.91 5.10
C ASN A 32 -6.60 6.40 5.25
N LEU A 33 -7.74 5.73 5.17
CA LEU A 33 -7.77 4.28 5.29
C LEU A 33 -7.74 3.65 3.90
N LEU A 34 -7.09 2.51 3.81
CA LEU A 34 -6.98 1.80 2.53
C LEU A 34 -7.63 0.42 2.68
N GLU A 35 -8.66 0.20 1.88
CA GLU A 35 -9.37 -1.07 1.90
C GLU A 35 -8.85 -1.98 0.79
N THR A 36 -8.21 -3.06 1.20
CA THR A 36 -7.67 -4.02 0.26
C THR A 36 -7.69 -5.43 0.85
N ARG A 37 -7.49 -6.41 -0.01
CA ARG A 37 -7.49 -7.80 0.41
C ARG A 37 -6.15 -8.14 1.09
N LEU A 38 -6.00 -9.41 1.42
CA LEU A 38 -4.79 -9.88 2.06
C LEU A 38 -3.99 -10.74 1.08
N HIS A 39 -4.71 -11.34 0.14
CA HIS A 39 -4.08 -12.18 -0.86
C HIS A 39 -3.16 -11.34 -1.74
N ILE A 40 -3.39 -10.03 -1.69
CA ILE A 40 -2.58 -9.10 -2.47
C ILE A 40 -1.15 -9.10 -1.94
N THR A 41 -0.21 -8.96 -2.87
CA THR A 41 1.20 -8.94 -2.51
C THR A 41 1.61 -7.55 -2.02
N GLY A 42 2.43 -7.53 -0.98
CA GLY A 42 2.90 -6.28 -0.41
C GLY A 42 3.20 -5.27 -1.52
N ARG A 43 3.63 -5.78 -2.65
CA ARG A 43 3.95 -4.93 -3.79
C ARG A 43 2.72 -4.14 -4.23
N GLU A 44 1.62 -4.85 -4.39
CA GLU A 44 0.38 -4.22 -4.80
C GLU A 44 0.05 -3.04 -3.90
N LEU A 45 0.36 -3.21 -2.62
CA LEU A 45 0.11 -2.16 -1.64
C LEU A 45 0.91 -0.92 -2.02
N ARG A 46 2.22 -1.11 -2.10
CA ARG A 46 3.11 -0.01 -2.44
C ARG A 46 2.58 0.74 -3.67
N SER A 47 1.99 -0.02 -4.57
CA SER A 47 1.44 0.55 -5.79
C SER A 47 0.07 1.17 -5.51
N LYS A 48 -0.72 0.45 -4.73
CA LYS A 48 -2.05 0.91 -4.37
C LYS A 48 -1.95 2.31 -3.75
N ILE A 49 -1.33 2.36 -2.58
CA ILE A 49 -1.16 3.62 -1.88
C ILE A 49 -0.81 4.72 -2.88
N ALA A 50 0.27 4.47 -3.62
CA ALA A 50 0.72 5.43 -4.62
C ALA A 50 -0.48 5.94 -5.41
N GLU A 51 -1.02 5.06 -6.23
CA GLU A 51 -2.16 5.41 -7.06
C GLU A 51 -3.27 6.02 -6.20
N THR A 52 -3.51 5.39 -5.06
CA THR A 52 -4.53 5.86 -4.14
C THR A 52 -4.35 7.36 -3.86
N PHE A 53 -3.22 7.68 -3.25
CA PHE A 53 -2.91 9.06 -2.93
C PHE A 53 -2.20 9.76 -4.09
N GLY A 54 -2.31 9.14 -5.26
CA GLY A 54 -1.69 9.69 -6.46
C GLY A 54 -0.23 10.07 -6.20
N LEU A 55 0.51 9.10 -5.69
CA LEU A 55 1.91 9.32 -5.38
C LEU A 55 2.77 8.42 -6.27
N GLN A 56 4.08 8.52 -6.07
CA GLN A 56 5.02 7.72 -6.86
C GLN A 56 5.42 6.47 -6.07
N GLU A 57 4.87 5.34 -6.50
CA GLU A 57 5.17 4.07 -5.87
C GLU A 57 6.68 3.80 -5.88
N ASN A 58 7.35 4.48 -6.79
CA ASN A 58 8.79 4.32 -6.92
C ASN A 58 9.50 5.34 -6.00
N TYR A 59 8.68 6.10 -5.30
CA TYR A 59 9.21 7.11 -4.39
C TYR A 59 8.51 7.02 -3.02
N ILE A 60 8.15 5.81 -2.66
CA ILE A 60 7.47 5.58 -1.39
C ILE A 60 7.79 4.17 -0.90
N LYS A 61 7.81 4.02 0.42
CA LYS A 61 8.10 2.74 1.03
C LYS A 61 7.27 2.59 2.31
N ILE A 62 6.49 1.51 2.35
CA ILE A 62 5.66 1.24 3.50
C ILE A 62 6.52 0.68 4.63
N VAL A 63 6.08 0.94 5.85
CA VAL A 63 6.79 0.46 7.03
C VAL A 63 5.79 -0.06 8.06
N ILE A 64 6.12 -1.20 8.65
CA ILE A 64 5.26 -1.81 9.64
C ILE A 64 6.12 -2.58 10.65
N ASN A 65 5.90 -2.29 11.92
CA ASN A 65 6.64 -2.94 12.98
C ASN A 65 8.13 -2.64 12.82
N LYS A 66 8.43 -1.34 12.79
CA LYS A 66 9.81 -0.91 12.63
C LYS A 66 10.52 -1.81 11.63
N LYS A 67 9.76 -2.23 10.62
CA LYS A 67 10.30 -3.09 9.58
C LYS A 67 9.87 -2.57 8.21
N GLN A 68 10.31 -3.27 7.18
CA GLN A 68 9.98 -2.88 5.82
C GLN A 68 8.86 -3.77 5.29
N LEU A 69 8.03 -3.18 4.43
CA LEU A 69 6.91 -3.91 3.85
C LEU A 69 7.45 -4.99 2.90
N GLN A 70 7.14 -6.23 3.21
CA GLN A 70 7.58 -7.35 2.41
C GLN A 70 6.75 -7.45 1.13
N LEU A 71 7.18 -6.70 0.12
CA LEU A 71 6.49 -6.69 -1.16
C LEU A 71 6.56 -8.09 -1.79
N GLY A 72 7.56 -8.84 -1.34
CA GLY A 72 7.76 -10.19 -1.85
C GLY A 72 6.92 -11.20 -1.07
N LYS A 73 6.25 -10.70 -0.04
CA LYS A 73 5.41 -11.54 0.80
C LYS A 73 4.01 -10.95 0.87
N THR A 74 3.02 -11.84 0.87
CA THR A 74 1.63 -11.41 0.94
C THR A 74 1.32 -10.81 2.31
N LEU A 75 0.35 -9.91 2.32
CA LEU A 75 -0.05 -9.25 3.56
C LEU A 75 -0.07 -10.27 4.68
N GLU A 76 -0.70 -11.41 4.40
CA GLU A 76 -0.79 -12.47 5.39
C GLU A 76 0.61 -12.95 5.79
N GLU A 77 1.47 -13.09 4.79
CA GLU A 77 2.83 -13.54 5.01
C GLU A 77 3.56 -12.55 5.93
N GLN A 78 3.10 -11.32 5.90
CA GLN A 78 3.70 -10.28 6.72
C GLN A 78 2.79 -9.95 7.92
N GLY A 79 2.05 -10.95 8.35
CA GLY A 79 1.14 -10.78 9.47
C GLY A 79 0.39 -9.45 9.38
N VAL A 80 -0.47 -9.36 8.37
CA VAL A 80 -1.24 -8.16 8.15
C VAL A 80 -2.73 -8.50 8.19
N ALA A 81 -3.36 -8.16 9.31
CA ALA A 81 -4.78 -8.43 9.49
C ALA A 81 -5.58 -7.19 9.11
N HIS A 82 -6.80 -7.13 9.63
CA HIS A 82 -7.67 -6.00 9.34
C HIS A 82 -7.16 -4.76 10.08
N ASN A 83 -7.18 -4.85 11.40
CA ASN A 83 -6.72 -3.74 12.23
C ASN A 83 -5.20 -3.64 12.14
N VAL A 84 -4.74 -2.85 11.18
CA VAL A 84 -3.32 -2.66 10.97
C VAL A 84 -3.06 -1.23 10.49
N LYS A 85 -1.78 -0.87 10.48
CA LYS A 85 -1.39 0.47 10.05
C LYS A 85 -0.13 0.37 9.20
N ALA A 86 0.15 1.44 8.48
CA ALA A 86 1.32 1.49 7.63
C ALA A 86 1.86 2.92 7.58
N MET A 87 3.18 3.03 7.43
CA MET A 87 3.82 4.32 7.37
C MET A 87 4.40 4.58 5.98
N VAL A 88 4.00 5.72 5.41
CA VAL A 88 4.47 6.09 4.09
C VAL A 88 5.70 7.00 4.22
N LEU A 89 6.82 6.52 3.70
CA LEU A 89 8.06 7.28 3.76
C LEU A 89 8.48 7.66 2.34
N GLU A 90 9.08 8.84 2.23
CA GLU A 90 9.54 9.32 0.94
C GLU A 90 11.00 8.94 0.72
N LEU A 91 11.24 8.21 -0.35
CA LEU A 91 12.58 7.77 -0.69
C LEU A 91 13.52 8.99 -0.71
N LYS A 92 13.46 9.71 -1.82
CA LYS A 92 14.29 10.90 -1.98
C LYS A 92 15.75 10.46 -2.22
N GLN A 93 15.97 9.91 -3.40
CA GLN A 93 17.30 9.45 -3.78
C GLN A 93 17.80 10.20 -5.01
N SER A 94 19.01 10.72 -4.91
CA SER A 94 19.62 11.46 -6.00
C SER A 94 21.12 11.22 -6.04
N SER A 95 21.63 11.01 -7.25
CA SER A 95 23.05 10.77 -7.44
C SER A 95 23.43 11.02 -8.89
N GLY A 96 22.76 10.32 -9.78
CA GLY A 96 23.02 10.46 -11.21
C GLY A 96 23.00 9.09 -11.91
N PRO A 97 23.88 8.97 -12.94
CA PRO A 97 23.98 7.74 -13.69
C PRO A 97 24.71 6.66 -12.89
N SER A 98 23.93 5.72 -12.36
CA SER A 98 24.48 4.63 -11.58
C SER A 98 24.50 3.35 -12.40
N SER A 99 25.60 2.62 -12.27
CA SER A 99 25.76 1.36 -12.99
C SER A 99 26.79 0.49 -12.30
N GLY A 100 26.33 -0.66 -11.83
CA GLY A 100 27.20 -1.60 -11.13
C GLY A 100 26.81 -3.05 -11.46
N GLY A 1 -12.03 8.45 -22.17
CA GLY A 1 -13.35 8.47 -21.55
C GLY A 1 -14.10 7.17 -21.82
N SER A 2 -13.58 6.10 -21.24
CA SER A 2 -14.18 4.78 -21.40
C SER A 2 -13.45 3.75 -20.55
N SER A 3 -13.83 3.71 -19.27
CA SER A 3 -13.21 2.78 -18.34
C SER A 3 -13.95 2.83 -17.00
N GLY A 4 -13.82 1.74 -16.26
CA GLY A 4 -14.47 1.64 -14.96
C GLY A 4 -14.78 0.19 -14.61
N SER A 5 -14.01 -0.35 -13.68
CA SER A 5 -14.19 -1.72 -13.25
C SER A 5 -13.61 -1.91 -11.85
N SER A 6 -14.44 -1.66 -10.85
CA SER A 6 -14.03 -1.80 -9.46
C SER A 6 -15.24 -2.14 -8.59
N GLY A 7 -15.05 -3.14 -7.74
CA GLY A 7 -16.10 -3.57 -6.84
C GLY A 7 -16.03 -5.08 -6.60
N ASP A 8 -16.42 -5.48 -5.40
CA ASP A 8 -16.40 -6.89 -5.03
C ASP A 8 -17.42 -7.65 -5.88
N ASN A 9 -18.66 -7.17 -5.86
CA ASN A 9 -19.72 -7.79 -6.61
C ASN A 9 -19.92 -9.22 -6.13
N TYR A 10 -20.90 -9.38 -5.25
CA TYR A 10 -21.20 -10.70 -4.70
C TYR A 10 -19.94 -11.35 -4.11
N ARG A 11 -20.15 -12.48 -3.48
CA ARG A 11 -19.06 -13.22 -2.85
C ARG A 11 -18.50 -12.43 -1.67
N THR A 12 -17.99 -13.17 -0.69
CA THR A 12 -17.42 -12.56 0.50
C THR A 12 -15.90 -12.52 0.41
N THR A 13 -15.33 -11.42 0.88
CA THR A 13 -13.89 -11.25 0.85
C THR A 13 -13.38 -10.87 2.24
N GLY A 14 -14.03 -9.87 2.83
CA GLY A 14 -13.66 -9.41 4.16
C GLY A 14 -12.76 -8.17 4.06
N ILE A 15 -11.71 -8.30 3.26
CA ILE A 15 -10.77 -7.21 3.08
C ILE A 15 -10.21 -6.78 4.45
N ALA A 16 -9.13 -6.03 4.39
CA ALA A 16 -8.49 -5.55 5.62
C ALA A 16 -8.23 -4.04 5.49
N THR A 17 -8.68 -3.31 6.50
CA THR A 17 -8.50 -1.87 6.52
C THR A 17 -7.07 -1.52 6.92
N ILE A 18 -6.45 -0.68 6.11
CA ILE A 18 -5.08 -0.25 6.37
C ILE A 18 -5.06 1.26 6.59
N GLU A 19 -4.32 1.66 7.61
CA GLU A 19 -4.20 3.07 7.95
C GLU A 19 -2.90 3.65 7.37
N VAL A 20 -3.06 4.50 6.37
CA VAL A 20 -1.92 5.13 5.73
C VAL A 20 -1.57 6.43 6.46
N PHE A 21 -0.40 6.44 7.05
CA PHE A 21 0.06 7.62 7.78
C PHE A 21 1.06 8.42 6.96
N LEU A 22 0.55 9.43 6.28
CA LEU A 22 1.39 10.28 5.45
C LEU A 22 2.22 11.20 6.35
N PRO A 23 3.40 11.61 5.81
CA PRO A 23 4.29 12.50 6.55
C PRO A 23 3.76 13.93 6.57
N PRO A 24 4.31 14.75 7.51
CA PRO A 24 3.90 16.13 7.64
C PRO A 24 4.47 16.98 6.50
N ARG A 25 4.15 16.58 5.28
CA ARG A 25 4.63 17.30 4.10
C ARG A 25 3.48 17.48 3.10
N LEU A 26 2.76 16.40 2.89
CA LEU A 26 1.64 16.43 1.96
C LEU A 26 0.38 16.90 2.68
N LYS A 27 0.11 16.26 3.82
CA LYS A 27 -1.05 16.61 4.62
C LYS A 27 -2.25 16.84 3.70
N LYS A 28 -2.78 15.74 3.19
CA LYS A 28 -3.93 15.81 2.29
C LYS A 28 -5.19 15.41 3.06
N ASP A 29 -5.61 16.29 3.95
CA ASP A 29 -6.80 16.04 4.74
C ASP A 29 -6.50 14.93 5.76
N ARG A 30 -7.39 14.83 6.74
CA ARG A 30 -7.23 13.81 7.78
C ARG A 30 -8.14 12.62 7.49
N LYS A 31 -7.82 11.50 8.11
CA LYS A 31 -8.59 10.28 7.93
C LYS A 31 -8.30 9.70 6.55
N ASN A 32 -7.52 8.62 6.56
CA ASN A 32 -7.15 7.95 5.32
C ASN A 32 -7.05 6.45 5.57
N LEU A 33 -7.99 5.72 5.00
CA LEU A 33 -8.03 4.27 5.16
C LEU A 33 -7.94 3.62 3.78
N LEU A 34 -7.21 2.51 3.73
CA LEU A 34 -7.03 1.78 2.49
C LEU A 34 -7.58 0.36 2.66
N GLU A 35 -8.57 0.05 1.83
CA GLU A 35 -9.19 -1.27 1.87
C GLU A 35 -8.60 -2.17 0.78
N THR A 36 -7.96 -3.25 1.23
CA THR A 36 -7.35 -4.18 0.31
C THR A 36 -7.38 -5.60 0.90
N ARG A 37 -7.33 -6.57 0.01
CA ARG A 37 -7.35 -7.97 0.43
C ARG A 37 -6.07 -8.31 1.19
N LEU A 38 -5.93 -9.60 1.50
CA LEU A 38 -4.76 -10.07 2.22
C LEU A 38 -3.91 -10.93 1.28
N HIS A 39 -4.54 -11.36 0.19
CA HIS A 39 -3.85 -12.18 -0.78
C HIS A 39 -2.95 -11.31 -1.65
N ILE A 40 -3.26 -10.03 -1.68
CA ILE A 40 -2.49 -9.08 -2.46
C ILE A 40 -1.06 -9.04 -1.93
N THR A 41 -0.11 -8.96 -2.86
CA THR A 41 1.30 -8.91 -2.50
C THR A 41 1.68 -7.48 -2.10
N GLY A 42 2.52 -7.41 -1.06
CA GLY A 42 2.97 -6.11 -0.57
C GLY A 42 3.23 -5.15 -1.73
N ARG A 43 3.67 -5.71 -2.84
CA ARG A 43 3.96 -4.92 -4.02
C ARG A 43 2.72 -4.12 -4.44
N GLU A 44 1.60 -4.83 -4.53
CA GLU A 44 0.35 -4.20 -4.91
C GLU A 44 0.05 -3.01 -4.00
N LEU A 45 0.34 -3.20 -2.73
CA LEU A 45 0.11 -2.15 -1.75
C LEU A 45 0.92 -0.91 -2.12
N ARG A 46 2.23 -1.07 -2.12
CA ARG A 46 3.12 0.03 -2.46
C ARG A 46 2.60 0.76 -3.70
N SER A 47 1.92 0.01 -4.55
CA SER A 47 1.38 0.58 -5.78
C SER A 47 0.01 1.21 -5.48
N LYS A 48 -0.79 0.48 -4.71
CA LYS A 48 -2.11 0.96 -4.35
C LYS A 48 -2.00 2.34 -3.69
N ILE A 49 -1.38 2.35 -2.52
CA ILE A 49 -1.20 3.59 -1.79
C ILE A 49 -0.85 4.71 -2.76
N ALA A 50 0.24 4.51 -3.49
CA ALA A 50 0.69 5.49 -4.45
C ALA A 50 -0.51 6.00 -5.26
N GLU A 51 -1.03 5.12 -6.11
CA GLU A 51 -2.16 5.47 -6.95
C GLU A 51 -3.27 6.10 -6.09
N THR A 52 -3.58 5.42 -4.99
CA THR A 52 -4.61 5.90 -4.09
C THR A 52 -4.43 7.40 -3.82
N PHE A 53 -3.30 7.73 -3.19
CA PHE A 53 -3.00 9.11 -2.87
C PHE A 53 -2.27 9.79 -4.04
N GLY A 54 -2.37 9.17 -5.20
CA GLY A 54 -1.73 9.70 -6.39
C GLY A 54 -0.24 9.94 -6.14
N LEU A 55 0.27 9.30 -5.11
CA LEU A 55 1.68 9.43 -4.76
C LEU A 55 2.50 8.50 -5.64
N GLN A 56 3.79 8.42 -5.32
CA GLN A 56 4.69 7.56 -6.09
C GLN A 56 4.79 6.19 -5.44
N GLU A 57 4.93 5.18 -6.29
CA GLU A 57 5.04 3.81 -5.81
C GLU A 57 6.48 3.32 -5.93
N ASN A 58 7.22 3.95 -6.84
CA ASN A 58 8.61 3.59 -7.05
C ASN A 58 9.51 4.54 -6.26
N TYR A 59 8.87 5.35 -5.44
CA TYR A 59 9.59 6.31 -4.61
C TYR A 59 9.01 6.37 -3.20
N ILE A 60 8.52 5.22 -2.75
CA ILE A 60 7.94 5.13 -1.42
C ILE A 60 8.17 3.73 -0.86
N LYS A 61 8.01 3.61 0.44
CA LYS A 61 8.20 2.33 1.11
C LYS A 61 7.31 2.28 2.36
N ILE A 62 6.48 1.23 2.40
CA ILE A 62 5.58 1.05 3.52
C ILE A 62 6.36 0.48 4.71
N VAL A 63 5.86 0.77 5.90
CA VAL A 63 6.49 0.29 7.12
C VAL A 63 5.42 -0.19 8.09
N ILE A 64 5.68 -1.35 8.69
CA ILE A 64 4.74 -1.92 9.63
C ILE A 64 5.51 -2.73 10.69
N ASN A 65 5.25 -2.40 11.94
CA ASN A 65 5.92 -3.09 13.04
C ASN A 65 7.43 -2.86 12.94
N LYS A 66 7.81 -1.59 12.92
CA LYS A 66 9.21 -1.23 12.82
C LYS A 66 9.91 -2.16 11.82
N LYS A 67 9.18 -2.46 10.74
CA LYS A 67 9.71 -3.33 9.70
C LYS A 67 9.38 -2.73 8.33
N GLN A 68 9.83 -3.43 7.30
CA GLN A 68 9.58 -2.98 5.94
C GLN A 68 8.49 -3.84 5.30
N LEU A 69 7.74 -3.20 4.40
CA LEU A 69 6.67 -3.88 3.70
C LEU A 69 7.26 -4.96 2.80
N GLN A 70 6.84 -6.19 3.06
CA GLN A 70 7.32 -7.33 2.29
C GLN A 70 6.56 -7.42 0.96
N LEU A 71 7.10 -6.75 -0.05
CA LEU A 71 6.49 -6.74 -1.36
C LEU A 71 6.63 -8.13 -1.98
N GLY A 72 7.54 -8.91 -1.42
CA GLY A 72 7.78 -10.25 -1.92
C GLY A 72 6.90 -11.27 -1.18
N LYS A 73 6.22 -10.80 -0.16
CA LYS A 73 5.35 -11.64 0.63
C LYS A 73 3.96 -11.00 0.73
N THR A 74 2.95 -11.84 0.85
CA THR A 74 1.58 -11.37 0.96
C THR A 74 1.33 -10.77 2.33
N LEU A 75 0.38 -9.85 2.39
CA LEU A 75 0.04 -9.19 3.63
C LEU A 75 0.02 -10.23 4.76
N GLU A 76 -0.68 -11.31 4.51
CA GLU A 76 -0.79 -12.38 5.50
C GLU A 76 0.60 -12.96 5.80
N GLU A 77 1.42 -13.03 4.76
CA GLU A 77 2.76 -13.56 4.90
C GLU A 77 3.61 -12.62 5.75
N GLN A 78 3.20 -11.36 5.78
CA GLN A 78 3.91 -10.36 6.55
C GLN A 78 3.10 -9.97 7.78
N GLY A 79 2.31 -10.92 8.25
CA GLY A 79 1.48 -10.68 9.42
C GLY A 79 0.74 -9.34 9.32
N VAL A 80 -0.11 -9.25 8.30
CA VAL A 80 -0.88 -8.03 8.08
C VAL A 80 -2.37 -8.39 8.00
N ALA A 81 -3.07 -8.05 9.07
CA ALA A 81 -4.50 -8.32 9.14
C ALA A 81 -5.27 -7.00 9.02
N HIS A 82 -6.50 -7.02 9.53
CA HIS A 82 -7.35 -5.85 9.48
C HIS A 82 -7.05 -4.95 10.68
N ASN A 83 -7.48 -3.70 10.57
CA ASN A 83 -7.26 -2.75 11.64
C ASN A 83 -5.76 -2.56 11.85
N VAL A 84 -5.04 -2.45 10.75
CA VAL A 84 -3.59 -2.26 10.80
C VAL A 84 -3.24 -0.88 10.26
N LYS A 85 -2.00 -0.49 10.51
CA LYS A 85 -1.52 0.81 10.04
C LYS A 85 -0.29 0.61 9.16
N ALA A 86 -0.01 1.62 8.35
CA ALA A 86 1.14 1.57 7.47
C ALA A 86 1.72 2.98 7.31
N MET A 87 3.04 3.05 7.46
CA MET A 87 3.74 4.32 7.34
C MET A 87 4.31 4.50 5.93
N VAL A 88 4.17 5.72 5.42
CA VAL A 88 4.67 6.04 4.10
C VAL A 88 5.98 6.81 4.22
N LEU A 89 7.03 6.20 3.68
CA LEU A 89 8.35 6.82 3.72
C LEU A 89 8.83 7.07 2.30
N GLU A 90 9.63 8.12 2.15
CA GLU A 90 10.17 8.49 0.86
C GLU A 90 11.62 8.01 0.73
N LEU A 91 11.86 7.22 -0.30
CA LEU A 91 13.19 6.69 -0.55
C LEU A 91 14.21 7.83 -0.47
N LYS A 92 15.38 7.51 0.04
CA LYS A 92 16.44 8.49 0.19
C LYS A 92 17.77 7.77 0.44
N GLN A 93 18.39 7.35 -0.66
CA GLN A 93 19.66 6.64 -0.56
C GLN A 93 20.32 6.56 -1.95
N SER A 94 21.21 7.51 -2.20
CA SER A 94 21.92 7.56 -3.47
C SER A 94 23.41 7.80 -3.24
N SER A 95 24.19 6.77 -3.49
CA SER A 95 25.64 6.87 -3.31
C SER A 95 26.34 5.80 -4.16
N GLY A 96 27.63 5.99 -4.34
CA GLY A 96 28.43 5.06 -5.12
C GLY A 96 29.46 4.35 -4.25
N PRO A 97 30.17 3.38 -4.87
CA PRO A 97 31.18 2.61 -4.15
C PRO A 97 32.44 3.45 -3.92
N SER A 98 32.25 4.60 -3.27
CA SER A 98 33.36 5.49 -2.99
C SER A 98 34.19 5.71 -4.26
N SER A 99 33.66 6.54 -5.14
CA SER A 99 34.34 6.85 -6.40
C SER A 99 35.46 7.85 -6.15
N GLY A 100 36.58 7.34 -5.66
CA GLY A 100 37.73 8.19 -5.38
C GLY A 100 39.03 7.39 -5.48
#